data_4MIY
#
_entry.id   4MIY
#
_cell.length_a   106.711
_cell.length_b   110.624
_cell.length_c   127.015
_cell.angle_alpha   90.000
_cell.angle_beta   90.000
_cell.angle_gamma   90.000
#
_symmetry.space_group_name_H-M   'P 21 21 21'
#
loop_
_entity.id
_entity.type
_entity.pdbx_description
1 polymer 'Inositol 2-dehydrogenase/D-chiro-inositol 3-dehydrogenase'
2 non-polymer NICOTINAMIDE-ADENINE-DINUCLEOTIDE
3 non-polymer GLYCEROL
4 non-polymer 'SULFATE ION'
5 non-polymer 1,2,3,4,5,6-HEXAHYDROXY-CYCLOHEXANE
6 water water
#
_entity_poly.entity_id   1
_entity_poly.type   'polypeptide(L)'
_entity_poly.pdbx_seq_one_letter_code
;MVVKVGVIGTGAMGRAHIDRLTNVLTGAEVVAVTDIDHEAAEAAVRDFHLNAKVYPDDTSLLQDPDIDAVFVVSFGGAHE
ATVLKALDTDKFIFTEKPLATTLEGAKRIVDKELTKSKKVIQVGFMRRYDQGIRALKEKLDTGIIGAPLVVRASHINPNV
ASNYSNEMAITDTLIHEIDEMHWLLDDEYTSIQITYPRQSAEVRNEGLHDPQLATLTTKKGTVIQVLVHVTAQYGYEVKL
EVIGETGELQLPNYGLGPILRSNANQQTAVEMSWINRFIQAYNTEVQEFIDEVAKSEPPVGPSAWDGYIAAITAAAANRS
QKDQETVLINVAGTPTFYQ
;
_entity_poly.pdbx_strand_id   A,B,C,D
#
loop_
_chem_comp.id
_chem_comp.type
_chem_comp.name
_chem_comp.formula
GOL non-polymer GLYCEROL 'C3 H8 O3'
INS non-polymer 1,2,3,4,5,6-HEXAHYDROXY-CYCLOHEXANE 'C6 H12 O6'
NAD non-polymer NICOTINAMIDE-ADENINE-DINUCLEOTIDE 'C21 H27 N7 O14 P2'
SO4 non-polymer 'SULFATE ION' 'O4 S -2'
#
# COMPACT_ATOMS: atom_id res chain seq x y z
N MET A 1 17.29 27.16 -33.06
CA MET A 1 17.03 26.56 -34.37
C MET A 1 16.66 25.06 -34.31
N VAL A 2 15.79 24.69 -35.22
CA VAL A 2 15.07 23.43 -35.17
C VAL A 2 15.87 22.28 -35.72
N VAL A 3 15.84 21.16 -35.02
CA VAL A 3 16.51 19.94 -35.45
C VAL A 3 15.72 19.29 -36.57
N LYS A 4 16.31 19.19 -37.75
CA LYS A 4 15.64 18.63 -38.91
C LYS A 4 15.90 17.14 -39.00
N VAL A 5 14.80 16.40 -39.02
CA VAL A 5 14.84 14.97 -38.84
C VAL A 5 14.32 14.23 -40.07
N GLY A 6 15.03 13.16 -40.43
CA GLY A 6 14.51 12.17 -41.31
C GLY A 6 14.17 10.85 -40.59
N VAL A 7 13.08 10.23 -41.01
CA VAL A 7 12.63 8.96 -40.46
C VAL A 7 12.60 7.86 -41.51
N ILE A 8 13.29 6.79 -41.21
CA ILE A 8 13.41 5.65 -42.05
C ILE A 8 12.63 4.50 -41.42
N GLY A 9 11.48 4.25 -42.00
CA GLY A 9 10.56 3.26 -41.52
C GLY A 9 9.42 3.97 -40.89
N THR A 10 8.30 4.00 -41.57
CA THR A 10 7.15 4.67 -41.06
C THR A 10 6.00 3.71 -40.74
N GLY A 11 6.26 2.75 -39.89
CA GLY A 11 5.24 1.84 -39.44
C GLY A 11 4.70 2.33 -38.12
N ALA A 12 4.34 1.40 -37.27
CA ALA A 12 3.75 1.72 -35.98
C ALA A 12 4.63 2.63 -35.10
N MET A 13 5.84 2.20 -34.84
CA MET A 13 6.71 2.92 -33.94
C MET A 13 7.29 4.12 -34.67
N GLY A 14 7.49 3.98 -35.97
CA GLY A 14 7.90 5.11 -36.77
C GLY A 14 6.92 6.25 -36.73
N ARG A 15 5.65 5.93 -36.86
CA ARG A 15 4.65 6.95 -36.81
C ARG A 15 4.51 7.55 -35.42
N ALA A 16 4.73 6.72 -34.42
CA ALA A 16 4.66 7.20 -33.06
C ALA A 16 5.81 8.15 -32.72
N HIS A 17 6.98 7.88 -33.26
CA HIS A 17 8.10 8.83 -33.14
C HIS A 17 7.85 10.12 -33.92
N ILE A 18 7.25 10.00 -35.10
CA ILE A 18 6.84 11.19 -35.83
C ILE A 18 5.87 12.03 -35.06
N ASP A 19 4.88 11.37 -34.47
CA ASP A 19 3.94 12.05 -33.62
C ASP A 19 4.65 12.77 -32.46
N ARG A 20 5.61 12.10 -31.87
CA ARG A 20 6.42 12.68 -30.81
C ARG A 20 7.12 13.95 -31.29
N LEU A 21 7.78 13.85 -32.42
CA LEU A 21 8.56 14.94 -32.95
C LEU A 21 7.70 16.09 -33.43
N THR A 22 6.48 15.78 -33.82
CA THR A 22 5.61 16.76 -34.44
C THR A 22 4.65 17.41 -33.49
N ASN A 23 4.13 16.61 -32.60
CA ASN A 23 3.04 17.04 -31.82
C ASN A 23 3.40 17.19 -30.35
N VAL A 24 4.24 16.32 -29.85
CA VAL A 24 4.42 16.20 -28.40
C VAL A 24 5.61 17.00 -27.87
N LEU A 25 6.75 16.87 -28.54
CA LEU A 25 8.00 17.37 -28.02
C LEU A 25 8.42 18.66 -28.71
N THR A 26 9.43 19.30 -28.17
CA THR A 26 9.86 20.59 -28.67
C THR A 26 11.21 20.54 -29.37
N GLY A 27 11.34 21.30 -30.44
CA GLY A 27 12.63 21.55 -31.03
C GLY A 27 12.99 20.76 -32.26
N ALA A 28 12.04 20.05 -32.84
CA ALA A 28 12.35 19.25 -34.00
C ALA A 28 11.29 19.38 -35.09
N GLU A 29 11.65 18.99 -36.30
CA GLU A 29 10.69 18.89 -37.40
C GLU A 29 11.07 17.75 -38.31
N VAL A 30 10.07 16.94 -38.68
CA VAL A 30 10.27 15.86 -39.61
C VAL A 30 10.15 16.43 -41.02
N VAL A 31 11.26 16.39 -41.74
CA VAL A 31 11.35 16.95 -43.07
C VAL A 31 11.60 15.93 -44.16
N ALA A 32 11.78 14.67 -43.81
CA ALA A 32 11.95 13.60 -44.78
C ALA A 32 11.53 12.29 -44.18
N VAL A 33 11.07 11.39 -45.03
CA VAL A 33 10.71 10.04 -44.64
C VAL A 33 10.99 9.08 -45.76
N THR A 34 11.21 7.82 -45.42
CA THR A 34 11.23 6.75 -46.39
C THR A 34 10.73 5.46 -45.77
N ASP A 35 10.13 4.61 -46.59
CA ASP A 35 9.66 3.31 -46.17
C ASP A 35 9.75 2.41 -47.42
N ILE A 36 10.01 1.14 -47.29
CA ILE A 36 9.94 0.28 -48.48
C ILE A 36 8.56 0.12 -48.96
N ASP A 37 7.60 0.50 -48.14
CA ASP A 37 6.23 0.62 -48.54
C ASP A 37 5.93 2.06 -48.77
N HIS A 38 6.15 2.50 -50.00
CA HIS A 38 6.02 3.89 -50.35
C HIS A 38 4.76 4.53 -49.92
N GLU A 39 3.74 3.72 -49.87
CA GLU A 39 2.44 4.13 -49.49
C GLU A 39 2.36 4.45 -48.00
N ALA A 40 3.11 3.71 -47.22
CA ALA A 40 3.18 3.99 -45.82
C ALA A 40 3.84 5.34 -45.61
N ALA A 41 4.89 5.60 -46.34
CA ALA A 41 5.59 6.85 -46.23
C ALA A 41 4.73 8.01 -46.58
N GLU A 42 3.94 7.86 -47.62
CA GLU A 42 3.06 8.90 -48.04
C GLU A 42 1.97 9.19 -47.06
N ALA A 43 1.47 8.16 -46.41
CA ALA A 43 0.45 8.34 -45.39
C ALA A 43 0.98 9.12 -44.17
N ALA A 44 2.24 8.92 -43.86
CA ALA A 44 2.82 9.59 -42.71
C ALA A 44 2.87 11.06 -42.96
N VAL A 45 3.28 11.45 -44.14
CA VAL A 45 3.38 12.84 -44.44
C VAL A 45 2.03 13.43 -44.38
N ARG A 46 1.09 12.69 -44.91
CA ARG A 46 -0.27 13.15 -44.99
C ARG A 46 -0.97 13.26 -43.64
N ASP A 47 -0.91 12.19 -42.86
CA ASP A 47 -1.62 12.07 -41.62
C ASP A 47 -1.15 13.06 -40.57
N PHE A 48 0.13 13.35 -40.60
CA PHE A 48 0.73 14.23 -39.62
C PHE A 48 0.98 15.62 -40.17
N HIS A 49 0.53 15.86 -41.39
CA HIS A 49 0.63 17.18 -42.01
C HIS A 49 2.00 17.75 -42.06
N LEU A 50 2.93 16.95 -42.51
CA LEU A 50 4.31 17.28 -42.54
C LEU A 50 4.64 18.04 -43.80
N ASN A 51 5.56 18.98 -43.67
CA ASN A 51 6.21 19.57 -44.81
C ASN A 51 7.46 18.77 -45.05
N ALA A 52 7.34 17.68 -45.77
CA ALA A 52 8.44 16.74 -45.89
C ALA A 52 8.52 16.04 -47.22
N LYS A 53 9.73 15.68 -47.60
CA LYS A 53 10.00 14.85 -48.77
C LYS A 53 9.89 13.37 -48.52
N VAL A 54 9.29 12.68 -49.48
CA VAL A 54 9.32 11.24 -49.46
C VAL A 54 10.43 10.72 -50.32
N TYR A 55 11.45 10.15 -49.73
CA TYR A 55 12.54 9.55 -50.47
C TYR A 55 12.30 8.07 -50.76
N PRO A 56 12.74 7.63 -51.93
CA PRO A 56 12.50 6.24 -52.35
C PRO A 56 13.28 5.24 -51.51
N ASP A 57 14.39 5.64 -50.93
CA ASP A 57 15.13 4.76 -50.08
C ASP A 57 15.95 5.45 -49.00
N ASP A 58 16.65 4.66 -48.21
CA ASP A 58 17.44 5.21 -47.14
C ASP A 58 18.67 5.91 -47.69
N THR A 59 19.24 5.40 -48.77
CA THR A 59 20.46 5.97 -49.30
C THR A 59 20.23 7.40 -49.77
N SER A 60 19.13 7.62 -50.45
CA SER A 60 18.85 8.93 -50.94
C SER A 60 18.45 9.92 -49.84
N LEU A 61 17.92 9.41 -48.75
CA LEU A 61 17.47 10.28 -47.69
C LEU A 61 18.70 10.81 -47.02
N LEU A 62 19.64 9.91 -46.85
CA LEU A 62 20.85 10.19 -46.14
C LEU A 62 21.79 11.13 -46.86
N GLN A 63 21.52 11.41 -48.12
CA GLN A 63 22.32 12.35 -48.86
C GLN A 63 21.74 13.75 -48.78
N ASP A 64 20.62 13.90 -48.09
CA ASP A 64 20.02 15.20 -47.98
C ASP A 64 20.84 15.94 -46.94
N PRO A 65 21.47 17.05 -47.36
CA PRO A 65 22.41 17.71 -46.47
C PRO A 65 21.71 18.57 -45.45
N ASP A 66 20.42 18.77 -45.59
CA ASP A 66 19.71 19.56 -44.63
C ASP A 66 19.14 18.77 -43.44
N ILE A 67 19.32 17.47 -43.44
CA ILE A 67 18.82 16.65 -42.35
C ILE A 67 19.88 16.54 -41.30
N ASP A 68 19.53 16.87 -40.07
CA ASP A 68 20.45 16.88 -38.97
C ASP A 68 20.58 15.49 -38.34
N ALA A 69 19.47 14.80 -38.29
CA ALA A 69 19.37 13.52 -37.62
C ALA A 69 18.40 12.59 -38.31
N VAL A 70 18.71 11.31 -38.19
CA VAL A 70 17.83 10.27 -38.68
C VAL A 70 17.32 9.35 -37.58
N PHE A 71 16.07 8.98 -37.68
CA PHE A 71 15.49 7.95 -36.84
C PHE A 71 15.32 6.68 -37.65
N VAL A 72 15.90 5.60 -37.18
CA VAL A 72 15.79 4.33 -37.89
C VAL A 72 14.80 3.45 -37.17
N VAL A 73 13.67 3.26 -37.81
CA VAL A 73 12.53 2.59 -37.20
C VAL A 73 11.92 1.52 -38.10
N SER A 74 12.78 0.87 -38.86
CA SER A 74 12.40 -0.16 -39.82
C SER A 74 12.39 -1.51 -39.10
N PHE A 75 12.22 -2.60 -39.83
CA PHE A 75 12.33 -3.91 -39.21
C PHE A 75 13.66 -4.03 -38.54
N GLY A 76 13.74 -4.76 -37.45
CA GLY A 76 14.99 -4.92 -36.77
C GLY A 76 16.16 -5.39 -37.62
N GLY A 77 15.91 -6.39 -38.47
CA GLY A 77 16.93 -6.96 -39.32
C GLY A 77 17.51 -5.97 -40.33
N ALA A 78 16.84 -4.86 -40.47
CA ALA A 78 17.21 -3.86 -41.43
C ALA A 78 17.99 -2.69 -40.82
N HIS A 79 18.22 -2.73 -39.52
CA HIS A 79 18.84 -1.60 -38.89
C HIS A 79 20.29 -1.49 -39.22
N GLU A 80 20.97 -2.63 -39.19
CA GLU A 80 22.39 -2.68 -39.28
C GLU A 80 22.95 -1.98 -40.49
N ALA A 81 22.35 -2.25 -41.63
CA ALA A 81 22.88 -1.76 -42.88
C ALA A 81 22.60 -0.30 -43.00
N THR A 82 21.43 0.08 -42.54
CA THR A 82 21.03 1.45 -42.58
C THR A 82 21.90 2.30 -41.67
N VAL A 83 22.19 1.80 -40.49
CA VAL A 83 23.04 2.48 -39.57
C VAL A 83 24.43 2.63 -40.13
N LEU A 84 24.91 1.60 -40.82
CA LEU A 84 26.20 1.68 -41.44
C LEU A 84 26.19 2.67 -42.59
N LYS A 85 25.11 2.81 -43.30
CA LYS A 85 25.06 3.85 -44.29
C LYS A 85 25.03 5.25 -43.73
N ALA A 86 24.39 5.42 -42.59
CA ALA A 86 24.28 6.74 -42.00
C ALA A 86 25.59 7.15 -41.39
N LEU A 87 26.40 6.17 -41.02
CA LEU A 87 27.72 6.45 -40.49
C LEU A 87 28.73 6.94 -41.54
N ASP A 88 28.38 6.84 -42.79
CA ASP A 88 29.14 7.48 -43.86
C ASP A 88 28.78 8.95 -43.99
N THR A 89 27.73 9.41 -43.34
CA THR A 89 27.41 10.82 -43.21
C THR A 89 27.83 11.33 -41.86
N ASP A 90 27.53 12.59 -41.60
CA ASP A 90 27.87 13.23 -40.36
C ASP A 90 26.63 13.32 -39.44
N LYS A 91 25.55 12.73 -39.87
CA LYS A 91 24.31 12.85 -39.15
C LYS A 91 24.28 12.13 -37.82
N PHE A 92 23.49 12.69 -36.91
CA PHE A 92 23.16 12.00 -35.69
C PHE A 92 22.15 10.89 -36.01
N ILE A 93 22.20 9.82 -35.23
CA ILE A 93 21.43 8.62 -35.49
C ILE A 93 20.75 8.11 -34.21
N PHE A 94 19.42 8.07 -34.27
CA PHE A 94 18.60 7.40 -33.29
C PHE A 94 18.04 6.14 -33.94
N THR A 95 18.50 5.01 -33.47
CA THR A 95 17.96 3.76 -33.93
C THR A 95 17.14 3.12 -32.84
N GLU A 96 15.95 2.68 -33.20
CA GLU A 96 15.25 1.79 -32.31
C GLU A 96 16.06 0.53 -32.05
N LYS A 97 15.75 -0.14 -30.96
CA LYS A 97 16.24 -1.46 -30.70
C LYS A 97 15.75 -2.39 -31.79
N PRO A 98 16.56 -3.39 -32.13
CA PRO A 98 17.93 -3.61 -31.70
C PRO A 98 18.92 -2.77 -32.53
N LEU A 99 20.14 -2.67 -32.09
CA LEU A 99 21.17 -2.07 -32.92
C LEU A 99 21.33 -2.89 -34.22
N ALA A 100 21.09 -4.18 -34.08
CA ALA A 100 21.28 -5.15 -35.11
C ALA A 100 20.73 -6.45 -34.59
N THR A 101 20.42 -7.36 -35.48
CA THR A 101 19.80 -8.62 -35.11
C THR A 101 20.82 -9.69 -34.89
N THR A 102 22.05 -9.40 -35.23
CA THR A 102 23.12 -10.32 -34.94
C THR A 102 24.16 -9.61 -34.18
N LEU A 103 24.95 -10.35 -33.45
CA LEU A 103 26.00 -9.74 -32.70
C LEU A 103 27.10 -9.31 -33.61
N GLU A 104 27.18 -9.95 -34.76
CA GLU A 104 28.17 -9.60 -35.74
C GLU A 104 27.90 -8.26 -36.35
N GLY A 105 26.67 -8.02 -36.73
CA GLY A 105 26.28 -6.71 -37.15
C GLY A 105 26.59 -5.64 -36.12
N ALA A 106 26.26 -5.90 -34.87
CA ALA A 106 26.49 -4.93 -33.83
C ALA A 106 27.95 -4.53 -33.71
N LYS A 107 28.83 -5.49 -33.89
CA LYS A 107 30.25 -5.25 -33.72
C LYS A 107 30.79 -4.42 -34.88
N ARG A 108 30.14 -4.51 -36.00
CA ARG A 108 30.58 -3.77 -37.13
C ARG A 108 30.26 -2.31 -36.90
N ILE A 109 29.05 -2.06 -36.40
CA ILE A 109 28.58 -0.71 -36.13
C ILE A 109 29.49 -0.09 -35.11
N VAL A 110 29.79 -0.79 -34.06
CA VAL A 110 30.71 -0.32 -33.08
C VAL A 110 32.12 0.06 -33.65
N ASP A 111 32.62 -0.78 -34.52
CA ASP A 111 33.96 -0.61 -35.03
C ASP A 111 34.00 0.59 -35.93
N LYS A 112 32.97 0.76 -36.71
CA LYS A 112 32.88 1.88 -37.58
C LYS A 112 32.64 3.21 -36.90
N GLU A 113 31.72 3.23 -35.94
CA GLU A 113 31.51 4.44 -35.21
C GLU A 113 32.78 4.87 -34.48
N LEU A 114 33.57 3.89 -34.04
CA LEU A 114 34.81 4.13 -33.33
C LEU A 114 35.89 4.80 -34.21
N THR A 115 35.69 4.76 -35.51
CA THR A 115 36.50 5.49 -36.46
C THR A 115 36.12 6.96 -36.61
N LYS A 116 35.01 7.35 -36.00
CA LYS A 116 34.52 8.71 -36.17
C LYS A 116 35.09 9.60 -35.11
N SER A 117 34.95 10.92 -35.30
CA SER A 117 35.58 11.82 -34.37
C SER A 117 34.76 12.00 -33.11
N LYS A 118 33.49 11.64 -33.23
CA LYS A 118 32.59 11.72 -32.13
C LYS A 118 31.39 10.78 -32.31
N LYS A 119 30.79 10.43 -31.18
CA LYS A 119 29.68 9.53 -31.13
C LYS A 119 28.42 10.17 -31.69
N VAL A 120 27.65 9.42 -32.47
CA VAL A 120 26.43 9.91 -33.05
C VAL A 120 25.23 9.02 -32.83
N ILE A 121 25.45 7.82 -32.35
CA ILE A 121 24.35 6.87 -32.23
C ILE A 121 23.76 6.79 -30.82
N GLN A 122 22.44 6.91 -30.78
CA GLN A 122 21.65 6.55 -29.62
C GLN A 122 20.69 5.40 -29.96
N VAL A 123 20.61 4.43 -29.08
CA VAL A 123 19.75 3.27 -29.28
C VAL A 123 18.52 3.36 -28.39
N GLY A 124 17.36 3.00 -28.91
CA GLY A 124 16.11 3.22 -28.23
C GLY A 124 15.72 2.37 -27.02
N PHE A 125 16.63 2.16 -26.09
CA PHE A 125 16.29 1.50 -24.86
C PHE A 125 15.67 2.49 -23.85
N MET A 126 14.36 2.62 -23.88
CA MET A 126 13.68 3.66 -23.12
C MET A 126 13.55 3.44 -21.62
N ARG A 127 13.75 2.22 -21.15
CA ARG A 127 13.55 1.95 -19.74
C ARG A 127 14.37 2.85 -18.86
N ARG A 128 15.53 3.24 -19.36
CA ARG A 128 16.46 4.01 -18.58
C ARG A 128 15.87 5.40 -18.30
N TYR A 129 14.87 5.76 -19.05
CA TYR A 129 14.27 7.08 -18.96
C TYR A 129 12.97 7.10 -18.15
N ASP A 130 12.49 5.94 -17.79
CA ASP A 130 11.30 5.85 -17.00
C ASP A 130 11.57 6.41 -15.61
N GLN A 131 10.69 7.29 -15.18
CA GLN A 131 10.90 8.00 -13.93
C GLN A 131 11.09 7.10 -12.73
N GLY A 132 10.30 6.05 -12.63
CA GLY A 132 10.40 5.14 -11.51
C GLY A 132 11.66 4.30 -11.48
N ILE A 133 12.03 3.79 -12.63
CA ILE A 133 13.21 2.98 -12.72
C ILE A 133 14.43 3.84 -12.47
N ARG A 134 14.42 5.05 -12.99
CA ARG A 134 15.50 5.98 -12.76
C ARG A 134 15.63 6.35 -11.30
N ALA A 135 14.51 6.55 -10.64
CA ALA A 135 14.53 6.92 -9.24
C ALA A 135 15.03 5.80 -8.35
N LEU A 136 14.71 4.59 -8.71
CA LEU A 136 15.25 3.47 -7.98
C LEU A 136 16.77 3.35 -8.14
N LYS A 137 17.25 3.44 -9.36
CA LYS A 137 18.69 3.43 -9.62
C LYS A 137 19.41 4.49 -8.82
N GLU A 138 18.89 5.70 -8.83
CA GLU A 138 19.48 6.77 -8.06
C GLU A 138 19.52 6.50 -6.58
N LYS A 139 18.45 5.99 -6.02
CA LYS A 139 18.45 5.61 -4.63
C LYS A 139 19.47 4.51 -4.33
N LEU A 140 19.55 3.52 -5.18
CA LEU A 140 20.50 2.45 -5.02
C LEU A 140 21.94 3.00 -4.97
N ASP A 141 22.21 3.97 -5.82
CA ASP A 141 23.53 4.53 -5.93
C ASP A 141 23.95 5.39 -4.74
N THR A 142 23.01 5.78 -3.89
CA THR A 142 23.37 6.45 -2.65
C THR A 142 24.07 5.56 -1.62
N GLY A 143 23.96 4.26 -1.83
CA GLY A 143 24.50 3.31 -0.89
C GLY A 143 23.62 2.90 0.28
N ILE A 144 22.40 3.38 0.29
CA ILE A 144 21.51 3.20 1.42
C ILE A 144 21.18 1.74 1.76
N ILE A 145 21.22 0.86 0.76
CA ILE A 145 21.02 -0.55 1.02
C ILE A 145 22.29 -1.40 0.87
N GLY A 146 23.42 -0.73 0.80
CA GLY A 146 24.64 -1.44 0.59
C GLY A 146 24.76 -2.00 -0.81
N ALA A 147 25.56 -3.02 -0.97
CA ALA A 147 25.78 -3.62 -2.27
C ALA A 147 24.60 -4.47 -2.71
N PRO A 148 24.29 -4.41 -3.99
CA PRO A 148 23.25 -5.24 -4.58
C PRO A 148 23.65 -6.69 -4.74
N LEU A 149 22.88 -7.57 -4.15
CA LEU A 149 23.24 -8.96 -4.07
C LEU A 149 22.44 -9.76 -5.05
N VAL A 150 21.15 -9.47 -5.10
CA VAL A 150 20.20 -10.12 -5.95
C VAL A 150 19.23 -9.07 -6.52
N VAL A 151 18.80 -9.27 -7.75
CA VAL A 151 17.76 -8.48 -8.36
C VAL A 151 16.65 -9.41 -8.82
N ARG A 152 15.42 -9.11 -8.44
CA ARG A 152 14.29 -9.86 -8.91
C ARG A 152 13.37 -8.98 -9.72
N ALA A 153 13.03 -9.43 -10.91
CA ALA A 153 12.25 -8.63 -11.81
C ALA A 153 11.20 -9.45 -12.53
N SER A 154 10.18 -8.76 -12.99
CA SER A 154 9.10 -9.36 -13.79
C SER A 154 8.78 -8.50 -14.98
N HIS A 155 8.57 -9.15 -16.10
CA HIS A 155 8.09 -8.53 -17.30
C HIS A 155 6.84 -9.29 -17.72
N ILE A 156 5.71 -8.67 -17.39
CA ILE A 156 4.40 -9.25 -17.49
C ILE A 156 3.60 -8.56 -18.60
N ASN A 157 3.07 -9.35 -19.50
CA ASN A 157 2.29 -8.86 -20.62
C ASN A 157 1.05 -9.73 -20.73
N PRO A 158 -0.07 -9.15 -21.11
CA PRO A 158 -1.33 -9.91 -21.04
C PRO A 158 -1.52 -11.01 -22.11
N ASN A 159 -1.14 -10.71 -23.33
CA ASN A 159 -1.32 -11.61 -24.46
CA ASN A 159 -1.29 -11.63 -24.45
C ASN A 159 -0.45 -11.19 -25.63
N VAL A 160 -0.17 -12.11 -26.54
CA VAL A 160 0.66 -11.83 -27.69
C VAL A 160 -0.01 -12.10 -29.01
N ALA A 161 0.50 -11.48 -30.06
CA ALA A 161 -0.03 -11.67 -31.38
C ALA A 161 0.40 -13.01 -31.93
N SER A 162 -0.28 -13.41 -32.99
CA SER A 162 0.00 -14.65 -33.71
C SER A 162 1.43 -14.84 -34.14
N ASN A 163 2.07 -13.73 -34.43
CA ASN A 163 3.39 -13.76 -34.95
C ASN A 163 4.52 -13.81 -33.90
N TYR A 164 4.17 -13.91 -32.63
CA TYR A 164 5.16 -13.84 -31.56
C TYR A 164 5.81 -15.17 -31.32
N SER A 165 7.12 -15.20 -31.42
CA SER A 165 7.85 -16.45 -31.39
C SER A 165 8.61 -16.64 -30.10
N ASN A 166 9.09 -17.84 -29.87
CA ASN A 166 9.89 -18.13 -28.71
C ASN A 166 11.09 -17.20 -28.61
N GLU A 167 11.68 -16.88 -29.74
CA GLU A 167 12.85 -16.06 -29.77
C GLU A 167 12.54 -14.61 -29.41
N MET A 168 11.35 -14.17 -29.73
CA MET A 168 10.91 -12.85 -29.40
C MET A 168 10.72 -12.61 -27.90
N ALA A 169 10.59 -13.67 -27.15
CA ALA A 169 10.60 -13.54 -25.72
C ALA A 169 11.89 -12.91 -25.27
N ILE A 170 12.95 -13.18 -26.00
CA ILE A 170 14.22 -12.52 -25.76
C ILE A 170 14.32 -11.19 -26.51
N THR A 171 14.16 -11.22 -27.81
CA THR A 171 14.52 -10.09 -28.60
C THR A 171 13.55 -8.90 -28.49
N ASP A 172 12.30 -9.15 -28.14
CA ASP A 172 11.32 -8.09 -28.05
C ASP A 172 10.95 -7.73 -26.60
N THR A 173 11.09 -8.70 -25.73
CA THR A 173 10.61 -8.59 -24.37
C THR A 173 11.74 -8.50 -23.35
N LEU A 174 12.49 -9.58 -23.15
CA LEU A 174 13.58 -9.55 -22.19
C LEU A 174 14.68 -8.55 -22.52
N ILE A 175 14.74 -8.15 -23.76
CA ILE A 175 15.78 -7.25 -24.22
C ILE A 175 15.82 -5.97 -23.38
N HIS A 176 14.67 -5.56 -22.89
CA HIS A 176 14.57 -4.40 -22.05
C HIS A 176 15.26 -4.58 -20.71
N GLU A 177 15.07 -5.74 -20.11
CA GLU A 177 15.79 -6.06 -18.91
C GLU A 177 17.26 -6.27 -19.19
N ILE A 178 17.58 -6.84 -20.35
CA ILE A 178 18.95 -7.04 -20.73
C ILE A 178 19.73 -5.74 -20.79
N ASP A 179 19.15 -4.71 -21.37
CA ASP A 179 19.80 -3.43 -21.34
C ASP A 179 19.80 -2.78 -19.95
N GLU A 180 18.72 -2.97 -19.22
CA GLU A 180 18.49 -2.27 -17.96
C GLU A 180 19.40 -2.68 -16.83
N MET A 181 19.64 -3.97 -16.68
CA MET A 181 20.32 -4.43 -15.49
C MET A 181 21.78 -4.05 -15.34
N HIS A 182 22.53 -4.13 -16.42
CA HIS A 182 23.91 -3.76 -16.36
C HIS A 182 24.09 -2.26 -16.10
N TRP A 183 23.20 -1.45 -16.63
CA TRP A 183 23.15 -0.03 -16.32
C TRP A 183 22.76 0.24 -14.88
N LEU A 184 21.71 -0.44 -14.42
CA LEU A 184 21.26 -0.31 -13.06
C LEU A 184 22.34 -0.54 -12.04
N LEU A 185 23.07 -1.62 -12.27
CA LEU A 185 24.06 -2.13 -11.37
C LEU A 185 25.47 -1.64 -11.64
N ASP A 186 25.67 -0.94 -12.73
CA ASP A 186 27.01 -0.55 -13.19
C ASP A 186 27.98 -1.72 -13.17
N ASP A 187 27.57 -2.81 -13.80
CA ASP A 187 28.29 -4.04 -13.77
C ASP A 187 28.20 -4.72 -15.14
N GLU A 188 28.93 -5.80 -15.32
CA GLU A 188 28.94 -6.53 -16.58
C GLU A 188 28.41 -7.94 -16.38
N TYR A 189 27.74 -8.45 -17.39
CA TYR A 189 27.26 -9.81 -17.37
C TYR A 189 28.35 -10.84 -17.58
N THR A 190 28.23 -11.95 -16.88
CA THR A 190 29.12 -13.09 -17.03
C THR A 190 28.42 -14.34 -17.53
N SER A 191 27.10 -14.38 -17.45
CA SER A 191 26.31 -15.54 -17.90
C SER A 191 24.81 -15.27 -17.95
N ILE A 192 24.12 -16.05 -18.76
CA ILE A 192 22.68 -16.07 -18.84
C ILE A 192 22.15 -17.49 -18.99
N GLN A 193 21.06 -17.79 -18.30
CA GLN A 193 20.38 -19.09 -18.38
C GLN A 193 18.89 -18.89 -18.44
N ILE A 194 18.26 -19.47 -19.45
CA ILE A 194 16.84 -19.48 -19.63
C ILE A 194 16.28 -20.84 -19.27
N THR A 195 15.34 -20.88 -18.34
CA THR A 195 14.67 -22.11 -18.00
C THR A 195 13.16 -21.98 -18.21
N TYR A 196 12.52 -23.11 -18.43
CA TYR A 196 11.13 -23.20 -18.74
C TYR A 196 10.35 -23.91 -17.66
N PRO A 197 9.53 -23.16 -16.91
CA PRO A 197 8.55 -23.77 -16.01
C PRO A 197 7.50 -24.45 -16.83
N ARG A 198 6.51 -25.03 -16.19
CA ARG A 198 5.46 -25.62 -16.93
C ARG A 198 4.81 -24.63 -17.87
N GLN A 199 4.38 -25.15 -19.00
CA GLN A 199 3.81 -24.36 -20.05
C GLN A 199 2.41 -23.91 -19.71
N SER A 200 2.15 -22.66 -19.93
CA SER A 200 0.84 -22.12 -19.69
C SER A 200 -0.15 -22.59 -20.71
N ALA A 201 -1.34 -22.89 -20.25
CA ALA A 201 -2.42 -23.24 -21.15
C ALA A 201 -2.89 -22.10 -22.00
N GLU A 202 -2.44 -20.90 -21.72
CA GLU A 202 -2.87 -19.73 -22.47
C GLU A 202 -2.09 -19.51 -23.77
N VAL A 203 -1.02 -20.24 -23.98
CA VAL A 203 -0.20 -20.10 -25.15
C VAL A 203 -0.90 -20.68 -26.38
N ARG A 204 -0.92 -19.90 -27.44
CA ARG A 204 -1.62 -20.23 -28.67
C ARG A 204 -0.66 -20.26 -29.83
N ASN A 205 0.61 -20.06 -29.55
CA ASN A 205 1.60 -19.86 -30.58
C ASN A 205 2.59 -20.98 -30.69
N GLU A 206 2.78 -21.48 -31.90
CA GLU A 206 3.72 -22.57 -32.08
C GLU A 206 5.10 -22.20 -31.63
N GLY A 207 5.65 -23.07 -30.78
CA GLY A 207 7.02 -22.98 -30.36
C GLY A 207 7.29 -22.06 -29.19
N LEU A 208 6.32 -21.28 -28.82
CA LEU A 208 6.48 -20.33 -27.72
C LEU A 208 6.36 -20.99 -26.38
N HIS A 209 7.41 -20.87 -25.60
CA HIS A 209 7.40 -21.24 -24.22
C HIS A 209 7.04 -20.03 -23.40
N ASP A 210 6.08 -20.20 -22.52
CA ASP A 210 5.66 -19.17 -21.60
C ASP A 210 5.09 -19.81 -20.35
N PRO A 211 5.58 -19.40 -19.19
CA PRO A 211 6.57 -18.35 -18.96
C PRO A 211 7.99 -18.78 -19.18
N GLN A 212 8.93 -17.85 -19.06
CA GLN A 212 10.35 -18.14 -19.11
C GLN A 212 11.03 -17.50 -17.92
N LEU A 213 12.02 -18.17 -17.37
CA LEU A 213 12.80 -17.63 -16.30
C LEU A 213 14.19 -17.37 -16.80
N ALA A 214 14.67 -16.14 -16.64
CA ALA A 214 16.00 -15.76 -17.05
C ALA A 214 16.85 -15.44 -15.85
N THR A 215 17.97 -16.12 -15.73
CA THR A 215 18.92 -15.86 -14.68
C THR A 215 20.22 -15.33 -15.26
N LEU A 216 20.63 -14.18 -14.81
CA LEU A 216 21.87 -13.59 -15.26
C LEU A 216 22.81 -13.43 -14.09
N THR A 217 24.10 -13.52 -14.33
CA THR A 217 25.09 -13.26 -13.32
C THR A 217 25.96 -12.11 -13.78
N THR A 218 26.51 -11.39 -12.84
CA THR A 218 27.39 -10.30 -13.13
C THR A 218 28.76 -10.56 -12.55
N LYS A 219 29.70 -9.72 -12.96
CA LYS A 219 31.07 -9.85 -12.58
C LYS A 219 31.26 -9.68 -11.08
N LYS A 220 30.51 -8.81 -10.45
CA LYS A 220 30.59 -8.69 -9.02
C LYS A 220 29.79 -9.75 -8.27
N GLY A 221 29.02 -10.55 -8.98
CA GLY A 221 28.37 -11.69 -8.39
C GLY A 221 26.88 -11.55 -8.16
N THR A 222 26.35 -10.41 -8.49
CA THR A 222 24.95 -10.18 -8.39
C THR A 222 24.21 -11.13 -9.29
N VAL A 223 23.15 -11.73 -8.76
CA VAL A 223 22.31 -12.58 -9.54
C VAL A 223 20.97 -11.91 -9.82
N ILE A 224 20.59 -11.95 -11.08
CA ILE A 224 19.37 -11.38 -11.55
C ILE A 224 18.40 -12.48 -11.99
N GLN A 225 17.23 -12.48 -11.38
CA GLN A 225 16.17 -13.39 -11.72
C GLN A 225 15.00 -12.66 -12.36
N VAL A 226 14.78 -12.88 -13.64
CA VAL A 226 13.70 -12.26 -14.36
C VAL A 226 12.62 -13.28 -14.74
N LEU A 227 11.38 -12.96 -14.40
CA LEU A 227 10.21 -13.67 -14.87
C LEU A 227 9.67 -12.99 -16.10
N VAL A 228 9.63 -13.73 -17.20
CA VAL A 228 9.02 -13.27 -18.42
C VAL A 228 7.72 -14.05 -18.61
N HIS A 229 6.61 -13.34 -18.66
CA HIS A 229 5.31 -13.95 -18.72
C HIS A 229 4.42 -13.13 -19.62
N VAL A 230 4.26 -13.59 -20.85
CA VAL A 230 3.65 -12.78 -21.89
C VAL A 230 2.21 -13.14 -22.27
N THR A 231 1.68 -14.17 -21.62
CA THR A 231 0.28 -14.53 -21.75
C THR A 231 -0.45 -14.48 -20.41
N ALA A 232 -0.01 -13.55 -19.57
CA ALA A 232 -0.44 -13.47 -18.21
C ALA A 232 -1.88 -13.07 -17.97
N GLN A 233 -2.52 -12.55 -19.00
CA GLN A 233 -3.93 -12.17 -19.04
C GLN A 233 -4.32 -10.88 -18.28
N TYR A 234 -3.82 -10.72 -17.07
CA TYR A 234 -4.38 -9.73 -16.18
C TYR A 234 -3.99 -8.29 -16.51
N GLY A 235 -2.84 -8.11 -17.12
CA GLY A 235 -2.29 -6.80 -17.31
C GLY A 235 -0.87 -6.76 -17.83
N TYR A 236 -0.40 -5.55 -18.10
CA TYR A 236 0.98 -5.27 -18.39
C TYR A 236 1.64 -4.68 -17.16
N GLU A 237 2.73 -5.29 -16.73
CA GLU A 237 3.40 -4.85 -15.53
C GLU A 237 4.89 -5.10 -15.57
N VAL A 238 5.64 -4.10 -15.12
CA VAL A 238 7.07 -4.19 -14.92
C VAL A 238 7.38 -4.08 -13.43
N LYS A 239 8.01 -5.10 -12.88
CA LYS A 239 8.37 -5.13 -11.47
C LYS A 239 9.87 -5.24 -11.33
N LEU A 240 10.41 -4.65 -10.28
CA LEU A 240 11.82 -4.59 -10.06
C LEU A 240 12.12 -4.47 -8.58
N GLU A 241 12.93 -5.36 -8.08
CA GLU A 241 13.32 -5.40 -6.69
C GLU A 241 14.83 -5.64 -6.62
N VAL A 242 15.52 -4.80 -5.87
CA VAL A 242 16.93 -4.97 -5.60
C VAL A 242 17.14 -5.33 -4.14
N ILE A 243 17.78 -6.46 -3.91
CA ILE A 243 18.14 -6.93 -2.61
C ILE A 243 19.55 -6.51 -2.27
N GLY A 244 19.69 -5.69 -1.26
CA GLY A 244 20.98 -5.23 -0.84
C GLY A 244 21.42 -5.86 0.46
N GLU A 245 22.65 -5.59 0.81
CA GLU A 245 23.24 -6.06 2.07
C GLU A 245 22.46 -5.61 3.29
N THR A 246 21.92 -4.40 3.25
CA THR A 246 21.33 -3.84 4.42
C THR A 246 19.89 -3.40 4.27
N GLY A 247 19.34 -3.62 3.09
CA GLY A 247 17.96 -3.33 2.85
C GLY A 247 17.54 -3.72 1.46
N GLU A 248 16.34 -3.31 1.07
CA GLU A 248 15.82 -3.58 -0.24
C GLU A 248 15.17 -2.34 -0.88
N LEU A 249 15.15 -2.31 -2.20
CA LEU A 249 14.44 -1.30 -2.95
C LEU A 249 13.56 -1.92 -3.98
N GLN A 250 12.34 -1.43 -4.12
CA GLN A 250 11.49 -1.89 -5.19
C GLN A 250 10.66 -0.79 -5.83
N LEU A 251 10.22 -1.03 -7.05
CA LEU A 251 9.36 -0.09 -7.71
C LEU A 251 8.02 -0.01 -7.03
N PRO A 252 7.45 1.19 -6.96
CA PRO A 252 6.19 1.41 -6.31
C PRO A 252 5.02 0.92 -7.12
N ASN A 253 3.87 1.00 -6.49
CA ASN A 253 2.59 0.80 -7.16
C ASN A 253 2.50 1.75 -8.35
N TYR A 254 2.19 1.22 -9.51
CA TYR A 254 2.05 2.06 -10.71
C TYR A 254 0.58 2.42 -10.97
N GLY A 255 0.32 3.65 -11.38
CA GLY A 255 -1.02 4.01 -11.81
C GLY A 255 -1.58 5.29 -11.18
N LEU A 256 -2.38 6.01 -11.93
CA LEU A 256 -2.98 7.23 -11.42
C LEU A 256 -4.46 7.11 -11.09
N GLY A 257 -5.06 5.98 -11.49
CA GLY A 257 -6.49 5.79 -11.48
C GLY A 257 -6.98 5.54 -10.09
N PRO A 258 -8.29 5.67 -9.88
CA PRO A 258 -8.73 5.74 -8.50
C PRO A 258 -8.84 4.39 -7.82
N ILE A 259 -8.82 4.43 -6.51
CA ILE A 259 -9.12 3.28 -5.71
C ILE A 259 -10.61 3.19 -5.51
N LEU A 260 -11.17 2.07 -5.91
CA LEU A 260 -12.58 1.83 -5.84
C LEU A 260 -12.95 0.85 -4.75
N ARG A 261 -13.77 1.31 -3.84
CA ARG A 261 -14.42 0.45 -2.86
C ARG A 261 -15.84 0.16 -3.30
N SER A 262 -16.08 -1.11 -3.62
CA SER A 262 -17.32 -1.56 -4.20
C SER A 262 -17.43 -3.06 -4.15
N ASN A 263 -18.62 -3.53 -3.80
CA ASN A 263 -18.96 -4.95 -3.92
C ASN A 263 -17.98 -5.87 -3.20
N ALA A 264 -17.68 -5.51 -1.95
CA ALA A 264 -16.81 -6.26 -1.08
C ALA A 264 -15.35 -6.37 -1.52
N ASN A 265 -14.93 -5.45 -2.34
CA ASN A 265 -13.53 -5.38 -2.77
C ASN A 265 -13.01 -3.96 -2.83
N GLN A 266 -11.71 -3.84 -2.73
CA GLN A 266 -11.02 -2.61 -2.94
C GLN A 266 -10.12 -2.88 -4.12
N GLN A 267 -10.19 -2.03 -5.12
CA GLN A 267 -9.47 -2.30 -6.33
C GLN A 267 -8.99 -1.10 -7.09
N THR A 268 -7.90 -1.33 -7.80
CA THR A 268 -7.32 -0.36 -8.69
C THR A 268 -7.08 -1.00 -10.04
N ALA A 269 -7.28 -0.25 -11.09
CA ALA A 269 -7.00 -0.71 -12.44
C ALA A 269 -5.52 -0.97 -12.71
N VAL A 270 -5.24 -1.96 -13.55
CA VAL A 270 -3.92 -2.28 -13.98
C VAL A 270 -3.81 -1.90 -15.45
N GLU A 271 -2.69 -1.33 -15.81
CA GLU A 271 -2.38 -1.05 -17.19
C GLU A 271 -2.44 -2.28 -18.08
N MET A 272 -3.03 -2.15 -19.24
CA MET A 272 -3.09 -3.26 -20.16
C MET A 272 -2.17 -3.10 -21.36
N SER A 273 -1.60 -1.91 -21.54
CA SER A 273 -0.83 -1.56 -22.73
C SER A 273 0.60 -1.15 -22.43
N TRP A 274 1.58 -1.84 -22.97
CA TRP A 274 2.94 -1.36 -22.76
C TRP A 274 3.13 0.00 -23.39
N ILE A 275 2.34 0.31 -24.39
CA ILE A 275 2.44 1.58 -25.04
C ILE A 275 2.16 2.68 -24.06
N ASN A 276 1.12 2.51 -23.29
CA ASN A 276 0.73 3.52 -22.38
C ASN A 276 1.68 3.56 -21.18
N ARG A 277 2.15 2.42 -20.74
CA ARG A 277 3.08 2.34 -19.60
C ARG A 277 4.33 3.17 -19.80
N PHE A 278 4.81 3.21 -21.01
CA PHE A 278 6.09 3.82 -21.30
C PHE A 278 6.04 5.11 -22.12
N ILE A 279 4.87 5.69 -22.25
CA ILE A 279 4.68 6.97 -22.93
C ILE A 279 5.69 8.01 -22.44
N GLN A 280 5.83 8.13 -21.13
CA GLN A 280 6.72 9.11 -20.56
C GLN A 280 8.16 8.84 -20.93
N ALA A 281 8.57 7.60 -20.82
CA ALA A 281 9.95 7.26 -21.12
C ALA A 281 10.30 7.53 -22.57
N TYR A 282 9.39 7.20 -23.47
CA TYR A 282 9.62 7.52 -24.87
C TYR A 282 9.76 9.00 -25.10
N ASN A 283 8.89 9.79 -24.51
CA ASN A 283 8.97 11.20 -24.63
C ASN A 283 10.30 11.73 -24.09
N THR A 284 10.70 11.30 -22.91
CA THR A 284 11.93 11.76 -22.31
C THR A 284 13.18 11.40 -23.10
N GLU A 285 13.20 10.19 -23.59
CA GLU A 285 14.27 9.68 -24.39
C GLU A 285 14.50 10.45 -25.68
N VAL A 286 13.44 10.69 -26.41
CA VAL A 286 13.52 11.40 -27.64
C VAL A 286 13.79 12.88 -27.45
N GLN A 287 13.24 13.47 -26.40
CA GLN A 287 13.52 14.86 -26.14
C GLN A 287 14.96 15.06 -25.82
N GLU A 288 15.56 14.15 -25.09
CA GLU A 288 16.97 14.26 -24.77
C GLU A 288 17.85 14.16 -26.03
N PHE A 289 17.54 13.24 -26.91
CA PHE A 289 18.28 13.10 -28.15
C PHE A 289 18.21 14.40 -28.96
N ILE A 290 17.02 14.92 -29.14
CA ILE A 290 16.85 16.17 -29.85
C ILE A 290 17.62 17.33 -29.20
N ASP A 291 17.56 17.45 -27.89
CA ASP A 291 18.29 18.48 -27.18
C ASP A 291 19.80 18.39 -27.37
N GLU A 292 20.34 17.19 -27.43
CA GLU A 292 21.73 17.02 -27.71
C GLU A 292 22.09 17.44 -29.13
N VAL A 293 21.29 17.04 -30.08
CA VAL A 293 21.53 17.38 -31.44
C VAL A 293 21.48 18.86 -31.62
N ALA A 294 20.55 19.47 -30.94
CA ALA A 294 20.33 20.89 -31.07
C ALA A 294 21.55 21.69 -30.65
N LYS A 295 22.33 21.18 -29.72
CA LYS A 295 23.51 21.87 -29.32
C LYS A 295 24.77 21.26 -29.91
N SER A 296 24.59 20.40 -30.91
CA SER A 296 25.69 19.79 -31.66
C SER A 296 26.65 19.07 -30.72
N GLU A 297 26.06 18.34 -29.79
CA GLU A 297 26.79 17.49 -28.87
C GLU A 297 26.33 16.03 -29.00
N PRO A 298 27.23 15.08 -28.73
CA PRO A 298 26.89 13.69 -28.84
C PRO A 298 25.79 13.31 -27.89
N PRO A 299 24.99 12.33 -28.26
CA PRO A 299 23.97 11.81 -27.37
C PRO A 299 24.57 11.31 -26.10
N VAL A 300 23.77 11.34 -25.05
CA VAL A 300 24.20 10.83 -23.79
C VAL A 300 23.39 9.60 -23.35
N GLY A 301 22.46 9.18 -24.17
CA GLY A 301 21.69 8.00 -23.89
C GLY A 301 22.37 6.73 -24.32
N PRO A 302 21.64 5.61 -24.27
CA PRO A 302 22.23 4.33 -24.61
C PRO A 302 22.95 4.39 -25.97
N SER A 303 24.14 3.81 -26.01
CA SER A 303 25.00 3.92 -27.17
C SER A 303 25.05 2.65 -27.99
N ALA A 304 25.89 2.68 -29.00
CA ALA A 304 26.07 1.52 -29.81
C ALA A 304 26.75 0.45 -29.01
N TRP A 305 27.59 0.84 -28.07
CA TRP A 305 28.16 -0.15 -27.20
C TRP A 305 27.06 -0.88 -26.39
N ASP A 306 26.13 -0.12 -25.82
CA ASP A 306 24.98 -0.69 -25.16
C ASP A 306 24.21 -1.61 -26.08
N GLY A 307 24.06 -1.23 -27.32
CA GLY A 307 23.44 -2.08 -28.28
C GLY A 307 24.18 -3.38 -28.53
N TYR A 308 25.48 -3.30 -28.51
CA TYR A 308 26.31 -4.45 -28.65
C TYR A 308 26.22 -5.38 -27.45
N ILE A 309 26.25 -4.84 -26.27
CA ILE A 309 26.06 -5.65 -25.08
C ILE A 309 24.73 -6.37 -25.16
N ALA A 310 23.71 -5.70 -25.62
CA ALA A 310 22.40 -6.29 -25.65
C ALA A 310 22.34 -7.39 -26.69
N ALA A 311 22.95 -7.14 -27.83
CA ALA A 311 23.04 -8.12 -28.88
C ALA A 311 23.75 -9.40 -28.48
N ILE A 312 24.86 -9.27 -27.79
CA ILE A 312 25.62 -10.41 -27.30
C ILE A 312 24.80 -11.22 -26.31
N THR A 313 24.17 -10.50 -25.39
CA THR A 313 23.41 -11.14 -24.34
C THR A 313 22.18 -11.83 -24.90
N ALA A 314 21.52 -11.20 -25.84
CA ALA A 314 20.37 -11.78 -26.47
C ALA A 314 20.71 -13.05 -27.24
N ALA A 315 21.86 -13.05 -27.85
CA ALA A 315 22.27 -14.20 -28.58
C ALA A 315 22.62 -15.36 -27.62
N ALA A 316 23.26 -15.03 -26.51
CA ALA A 316 23.53 -16.01 -25.48
C ALA A 316 22.22 -16.61 -24.94
N ALA A 317 21.22 -15.77 -24.80
CA ALA A 317 19.95 -16.21 -24.31
C ALA A 317 19.21 -17.07 -25.33
N ASN A 318 19.27 -16.68 -26.59
CA ASN A 318 18.71 -17.52 -27.64
C ASN A 318 19.39 -18.90 -27.70
N ARG A 319 20.67 -18.94 -27.41
CA ARG A 319 21.36 -20.20 -27.36
C ARG A 319 20.86 -21.02 -26.19
N SER A 320 20.71 -20.37 -25.04
CA SER A 320 20.24 -21.03 -23.85
C SER A 320 18.83 -21.58 -24.01
N GLN A 321 18.01 -20.92 -24.78
CA GLN A 321 16.64 -21.37 -25.00
C GLN A 321 16.54 -22.77 -25.61
N LYS A 322 17.59 -23.18 -26.30
CA LYS A 322 17.61 -24.48 -26.95
C LYS A 322 17.63 -25.59 -25.98
N ASP A 323 18.47 -25.49 -24.98
CA ASP A 323 18.66 -26.59 -24.04
C ASP A 323 18.55 -26.26 -22.57
N GLN A 324 18.19 -25.04 -22.27
CA GLN A 324 18.11 -24.57 -20.91
C GLN A 324 19.42 -24.60 -20.13
N GLU A 325 20.54 -24.57 -20.83
CA GLU A 325 21.84 -24.52 -20.19
C GLU A 325 22.38 -23.12 -20.06
N THR A 326 23.24 -22.93 -19.09
CA THR A 326 23.87 -21.66 -18.86
C THR A 326 24.87 -21.35 -19.95
N VAL A 327 24.77 -20.17 -20.51
CA VAL A 327 25.71 -19.69 -21.50
C VAL A 327 26.57 -18.53 -20.96
N LEU A 328 27.88 -18.64 -21.09
CA LEU A 328 28.77 -17.61 -20.61
C LEU A 328 28.78 -16.39 -21.49
N ILE A 329 29.02 -15.26 -20.86
CA ILE A 329 29.12 -13.97 -21.52
C ILE A 329 30.40 -13.26 -21.08
N ASN A 330 31.14 -12.76 -22.05
CA ASN A 330 32.39 -12.09 -21.78
C ASN A 330 32.44 -10.88 -22.64
N VAL A 331 32.13 -9.75 -22.09
CA VAL A 331 32.08 -8.59 -22.92
C VAL A 331 33.35 -7.80 -22.74
N ALA A 332 33.87 -7.31 -23.85
CA ALA A 332 35.15 -6.61 -23.81
C ALA A 332 35.00 -5.32 -23.07
N GLY A 333 36.09 -4.88 -22.50
CA GLY A 333 36.09 -3.64 -21.79
C GLY A 333 35.70 -2.53 -22.74
N THR A 334 34.95 -1.57 -22.21
CA THR A 334 34.34 -0.56 -23.03
C THR A 334 35.37 0.41 -23.58
N PRO A 335 35.39 0.61 -24.88
CA PRO A 335 36.28 1.63 -25.41
C PRO A 335 36.04 2.94 -24.71
N THR A 336 37.09 3.72 -24.45
CA THR A 336 36.88 4.97 -23.74
C THR A 336 35.94 5.91 -24.52
N PHE A 337 35.87 5.70 -25.82
CA PHE A 337 34.99 6.42 -26.70
C PHE A 337 33.52 6.38 -26.20
N TYR A 338 33.19 5.36 -25.42
CA TYR A 338 31.82 5.09 -25.00
C TYR A 338 31.57 5.33 -23.50
N GLN A 339 32.41 6.12 -22.85
CA GLN A 339 32.16 6.51 -21.47
C GLN A 339 31.95 8.01 -21.37
N MET B 1 -6.57 -20.52 39.00
CA MET B 1 -7.80 -21.26 39.18
C MET B 1 -9.07 -20.61 38.66
N VAL B 2 -9.85 -21.44 38.03
CA VAL B 2 -10.92 -21.08 37.17
C VAL B 2 -11.92 -20.08 37.71
N VAL B 3 -12.13 -19.03 36.94
CA VAL B 3 -13.12 -18.02 37.22
C VAL B 3 -14.51 -18.56 36.81
N LYS B 4 -15.44 -18.60 37.76
CA LYS B 4 -16.75 -19.15 37.53
C LYS B 4 -17.67 -18.01 37.12
N VAL B 5 -18.27 -18.17 35.95
CA VAL B 5 -19.02 -17.12 35.33
C VAL B 5 -20.49 -17.47 35.17
N GLY B 6 -21.33 -16.50 35.45
CA GLY B 6 -22.71 -16.57 35.04
C GLY B 6 -23.02 -15.59 33.90
N VAL B 7 -23.82 -16.02 32.96
CA VAL B 7 -24.20 -15.18 31.82
C VAL B 7 -25.67 -14.84 31.84
N ILE B 8 -25.94 -13.55 31.83
CA ILE B 8 -27.27 -12.98 31.83
C ILE B 8 -27.63 -12.42 30.44
N GLY B 9 -28.43 -13.16 29.69
CA GLY B 9 -28.65 -12.88 28.27
C GLY B 9 -27.86 -13.85 27.40
N THR B 10 -28.56 -14.79 26.79
CA THR B 10 -27.95 -15.82 25.98
C THR B 10 -28.50 -15.76 24.56
N GLY B 11 -28.46 -14.54 24.02
CA GLY B 11 -28.73 -14.28 22.63
C GLY B 11 -27.50 -14.38 21.79
N ALA B 12 -27.40 -13.56 20.76
CA ALA B 12 -26.28 -13.68 19.84
C ALA B 12 -24.93 -13.38 20.49
N MET B 13 -24.84 -12.29 21.19
CA MET B 13 -23.59 -11.94 21.78
C MET B 13 -23.30 -12.72 23.06
N GLY B 14 -24.36 -13.07 23.79
CA GLY B 14 -24.27 -13.95 24.94
C GLY B 14 -23.67 -15.30 24.60
N ARG B 15 -24.18 -15.89 23.55
CA ARG B 15 -23.64 -17.12 23.06
C ARG B 15 -22.21 -16.96 22.60
N ALA B 16 -21.92 -15.84 21.95
CA ALA B 16 -20.56 -15.59 21.50
C ALA B 16 -19.57 -15.44 22.66
N HIS B 17 -20.00 -14.79 23.71
CA HIS B 17 -19.19 -14.74 24.90
C HIS B 17 -18.99 -16.11 25.58
N ILE B 18 -20.06 -16.90 25.62
CA ILE B 18 -19.98 -18.24 26.13
C ILE B 18 -18.99 -19.04 25.37
N ASP B 19 -19.06 -18.93 24.06
CA ASP B 19 -18.14 -19.62 23.21
C ASP B 19 -16.68 -19.22 23.51
N ARG B 20 -16.46 -17.93 23.66
CA ARG B 20 -15.14 -17.40 23.94
C ARG B 20 -14.63 -18.01 25.23
N LEU B 21 -15.45 -17.90 26.23
CA LEU B 21 -15.10 -18.37 27.55
C LEU B 21 -14.89 -19.86 27.63
N THR B 22 -15.62 -20.62 26.83
CA THR B 22 -15.57 -22.06 26.89
C THR B 22 -14.54 -22.66 25.96
N ASN B 23 -14.47 -22.14 24.75
CA ASN B 23 -13.72 -22.81 23.72
C ASN B 23 -12.46 -22.08 23.23
N VAL B 24 -12.30 -20.84 23.60
CA VAL B 24 -11.24 -20.03 23.01
C VAL B 24 -10.29 -19.51 24.05
N LEU B 25 -10.83 -18.94 25.09
CA LEU B 25 -10.05 -18.31 26.11
C LEU B 25 -9.76 -19.20 27.30
N THR B 26 -8.83 -18.76 28.12
CA THR B 26 -8.33 -19.54 29.22
C THR B 26 -8.73 -19.00 30.57
N GLY B 27 -9.01 -19.92 31.48
CA GLY B 27 -9.19 -19.54 32.85
C GLY B 27 -10.57 -19.28 33.37
N ALA B 28 -11.57 -19.56 32.58
CA ALA B 28 -12.94 -19.38 33.00
C ALA B 28 -13.85 -20.58 32.67
N GLU B 29 -15.00 -20.61 33.33
CA GLU B 29 -16.00 -21.61 33.09
C GLU B 29 -17.35 -21.02 33.35
N VAL B 30 -18.25 -21.21 32.42
CA VAL B 30 -19.62 -20.76 32.61
C VAL B 30 -20.41 -21.83 33.34
N VAL B 31 -20.84 -21.45 34.52
CA VAL B 31 -21.56 -22.35 35.44
C VAL B 31 -23.00 -21.95 35.68
N ALA B 32 -23.43 -20.86 35.10
CA ALA B 32 -24.80 -20.43 35.26
C ALA B 32 -25.22 -19.55 34.12
N VAL B 33 -26.48 -19.64 33.73
CA VAL B 33 -27.04 -18.76 32.72
C VAL B 33 -28.44 -18.38 33.06
N THR B 34 -28.90 -17.28 32.50
CA THR B 34 -30.29 -16.94 32.54
C THR B 34 -30.68 -16.09 31.34
N ASP B 35 -31.93 -16.18 30.91
CA ASP B 35 -32.47 -15.37 29.84
C ASP B 35 -33.99 -15.31 30.05
N ILE B 36 -34.61 -14.20 29.69
CA ILE B 36 -36.04 -14.11 29.81
C ILE B 36 -36.72 -15.12 28.89
N ASP B 37 -35.99 -15.56 27.89
CA ASP B 37 -36.35 -16.69 27.08
C ASP B 37 -35.64 -17.90 27.67
N HIS B 38 -36.38 -18.65 28.47
CA HIS B 38 -35.83 -19.80 29.13
C HIS B 38 -35.27 -20.83 28.17
N GLU B 39 -35.95 -20.99 27.07
CA GLU B 39 -35.55 -21.97 26.09
C GLU B 39 -34.17 -21.66 25.49
N ALA B 40 -33.92 -20.37 25.23
CA ALA B 40 -32.61 -19.92 24.80
C ALA B 40 -31.51 -20.28 25.80
N ALA B 41 -31.82 -20.11 27.07
CA ALA B 41 -30.86 -20.38 28.09
C ALA B 41 -30.51 -21.85 28.16
N GLU B 42 -31.53 -22.70 28.08
CA GLU B 42 -31.30 -24.15 28.11
C GLU B 42 -30.48 -24.57 26.94
N ALA B 43 -30.77 -23.96 25.80
CA ALA B 43 -30.07 -24.26 24.59
C ALA B 43 -28.59 -23.92 24.68
N ALA B 44 -28.31 -22.82 25.31
CA ALA B 44 -26.94 -22.41 25.52
C ALA B 44 -26.18 -23.44 26.34
N VAL B 45 -26.80 -23.94 27.37
CA VAL B 45 -26.24 -25.04 28.13
C VAL B 45 -25.93 -26.25 27.29
N ARG B 46 -26.91 -26.71 26.54
CA ARG B 46 -26.71 -27.89 25.73
CA ARG B 46 -26.72 -27.89 25.73
C ARG B 46 -25.68 -27.65 24.65
N ASP B 47 -25.79 -26.51 24.00
CA ASP B 47 -25.01 -26.22 22.82
C ASP B 47 -23.54 -26.14 23.12
N PHE B 48 -23.20 -25.61 24.27
CA PHE B 48 -21.80 -25.43 24.62
C PHE B 48 -21.32 -26.49 25.63
N HIS B 49 -22.16 -27.50 25.84
CA HIS B 49 -21.84 -28.61 26.68
C HIS B 49 -21.42 -28.16 28.04
N LEU B 50 -22.19 -27.28 28.63
CA LEU B 50 -21.82 -26.68 29.86
C LEU B 50 -22.23 -27.53 31.05
N ASN B 51 -21.50 -27.41 32.14
CA ASN B 51 -21.98 -27.90 33.41
C ASN B 51 -22.49 -26.72 34.19
N ALA B 52 -23.72 -26.35 33.91
CA ALA B 52 -24.27 -25.09 34.37
C ALA B 52 -25.72 -25.19 34.71
N LYS B 53 -26.13 -24.31 35.60
CA LYS B 53 -27.47 -24.20 36.03
C LYS B 53 -28.17 -23.09 35.29
N VAL B 54 -29.43 -23.32 34.93
CA VAL B 54 -30.28 -22.32 34.36
C VAL B 54 -31.17 -21.73 35.41
N TYR B 55 -31.14 -20.43 35.54
CA TYR B 55 -31.86 -19.74 36.56
C TYR B 55 -33.01 -19.04 35.92
N PRO B 56 -34.07 -18.82 36.67
CA PRO B 56 -35.23 -18.14 36.09
C PRO B 56 -35.05 -16.64 35.78
N ASP B 57 -34.18 -16.01 36.52
CA ASP B 57 -33.93 -14.59 36.35
C ASP B 57 -32.56 -14.22 36.88
N ASP B 58 -32.22 -12.96 36.73
CA ASP B 58 -30.92 -12.47 37.17
C ASP B 58 -30.74 -12.49 38.67
N THR B 59 -31.81 -12.15 39.38
CA THR B 59 -31.78 -12.17 40.83
C THR B 59 -31.35 -13.52 41.42
N SER B 60 -31.96 -14.59 40.94
CA SER B 60 -31.59 -15.89 41.44
C SER B 60 -30.21 -16.31 41.03
N LEU B 61 -29.81 -16.00 39.80
CA LEU B 61 -28.47 -16.32 39.38
C LEU B 61 -27.48 -15.62 40.29
N LEU B 62 -27.77 -14.39 40.61
CA LEU B 62 -26.87 -13.62 41.44
C LEU B 62 -26.75 -14.10 42.87
N GLN B 63 -27.59 -15.03 43.29
CA GLN B 63 -27.44 -15.58 44.62
C GLN B 63 -26.55 -16.78 44.71
N ASP B 64 -26.09 -17.29 43.58
CA ASP B 64 -25.18 -18.39 43.57
C ASP B 64 -23.85 -17.91 44.09
N PRO B 65 -23.39 -18.46 45.21
CA PRO B 65 -22.16 -18.07 45.85
C PRO B 65 -20.96 -18.45 45.04
N ASP B 66 -21.11 -19.43 44.19
CA ASP B 66 -19.98 -19.98 43.51
C ASP B 66 -19.59 -19.12 42.32
N ILE B 67 -20.43 -18.17 41.96
CA ILE B 67 -20.13 -17.30 40.81
C ILE B 67 -19.24 -16.14 41.19
N ASP B 68 -18.15 -16.00 40.47
CA ASP B 68 -17.17 -14.95 40.70
C ASP B 68 -17.43 -13.71 39.89
N ALA B 69 -18.01 -13.89 38.71
CA ALA B 69 -18.30 -12.77 37.82
C ALA B 69 -19.55 -12.99 36.98
N VAL B 70 -20.25 -11.92 36.67
CA VAL B 70 -21.33 -12.01 35.73
C VAL B 70 -21.10 -11.21 34.44
N PHE B 71 -21.58 -11.77 33.35
CA PHE B 71 -21.66 -11.12 32.05
C PHE B 71 -23.07 -10.70 31.79
N VAL B 72 -23.24 -9.40 31.57
CA VAL B 72 -24.51 -8.83 31.26
C VAL B 72 -24.61 -8.62 29.73
N VAL B 73 -25.41 -9.42 29.05
CA VAL B 73 -25.47 -9.45 27.61
C VAL B 73 -26.93 -9.51 27.09
N SER B 74 -27.77 -8.81 27.80
CA SER B 74 -29.18 -8.68 27.50
C SER B 74 -29.42 -7.47 26.59
N PHE B 75 -30.67 -7.24 26.24
CA PHE B 75 -31.06 -6.02 25.57
C PHE B 75 -30.46 -4.85 26.33
N GLY B 76 -29.99 -3.85 25.60
CA GLY B 76 -29.44 -2.67 26.21
C GLY B 76 -30.26 -2.03 27.29
N GLY B 77 -31.56 -1.96 27.07
CA GLY B 77 -32.46 -1.40 28.06
C GLY B 77 -32.52 -2.15 29.37
N ALA B 78 -31.99 -3.36 29.40
CA ALA B 78 -32.06 -4.18 30.58
C ALA B 78 -30.81 -4.09 31.39
N HIS B 79 -29.81 -3.41 30.87
CA HIS B 79 -28.53 -3.43 31.54
C HIS B 79 -28.52 -2.74 32.88
N GLU B 80 -29.18 -1.62 32.96
CA GLU B 80 -29.16 -0.81 34.14
C GLU B 80 -29.63 -1.55 35.37
N ALA B 81 -30.81 -2.14 35.29
CA ALA B 81 -31.36 -2.87 36.43
C ALA B 81 -30.50 -4.05 36.84
N THR B 82 -29.99 -4.77 35.88
CA THR B 82 -29.19 -5.91 36.18
C THR B 82 -27.86 -5.51 36.81
N VAL B 83 -27.25 -4.47 36.28
CA VAL B 83 -26.02 -4.01 36.85
C VAL B 83 -26.22 -3.50 38.29
N LEU B 84 -27.26 -2.74 38.52
CA LEU B 84 -27.60 -2.35 39.87
C LEU B 84 -27.82 -3.53 40.85
N LYS B 85 -28.48 -4.58 40.44
CA LYS B 85 -28.62 -5.76 41.27
C LYS B 85 -27.30 -6.44 41.54
N ALA B 86 -26.49 -6.55 40.52
CA ALA B 86 -25.24 -7.23 40.67
C ALA B 86 -24.35 -6.50 41.65
N LEU B 87 -24.52 -5.20 41.78
CA LEU B 87 -23.73 -4.41 42.69
C LEU B 87 -24.11 -4.61 44.13
N ASP B 88 -25.19 -5.33 44.36
CA ASP B 88 -25.57 -5.77 45.70
C ASP B 88 -24.79 -7.01 46.13
N THR B 89 -24.07 -7.60 45.20
CA THR B 89 -23.22 -8.72 45.50
C THR B 89 -21.79 -8.28 45.43
N ASP B 90 -20.87 -9.18 45.68
CA ASP B 90 -19.50 -8.79 45.54
C ASP B 90 -18.86 -9.24 44.23
N LYS B 91 -19.68 -9.62 43.28
CA LYS B 91 -19.19 -10.25 42.07
C LYS B 91 -18.63 -9.20 41.13
N PHE B 92 -17.69 -9.61 40.33
CA PHE B 92 -17.25 -8.77 39.24
C PHE B 92 -18.28 -8.73 38.14
N ILE B 93 -18.31 -7.62 37.41
CA ILE B 93 -19.34 -7.37 36.43
C ILE B 93 -18.76 -6.95 35.07
N PHE B 94 -18.96 -7.79 34.05
CA PHE B 94 -18.72 -7.37 32.68
C PHE B 94 -20.05 -7.10 32.03
N THR B 95 -20.33 -5.86 31.67
CA THR B 95 -21.51 -5.54 30.91
C THR B 95 -21.18 -5.14 29.49
N GLU B 96 -21.94 -5.64 28.56
CA GLU B 96 -21.80 -5.16 27.21
C GLU B 96 -22.27 -3.75 27.20
N LYS B 97 -21.83 -3.01 26.21
CA LYS B 97 -22.35 -1.69 26.01
C LYS B 97 -23.83 -1.77 25.60
N PRO B 98 -24.59 -0.74 25.93
CA PRO B 98 -24.24 0.43 26.72
C PRO B 98 -24.27 0.10 28.21
N LEU B 99 -23.66 0.92 29.04
CA LEU B 99 -23.75 0.73 30.46
C LEU B 99 -25.19 0.87 30.88
N ALA B 100 -25.81 1.88 30.32
CA ALA B 100 -27.22 2.14 30.48
C ALA B 100 -27.72 2.91 29.25
N THR B 101 -29.00 2.79 28.97
CA THR B 101 -29.60 3.45 27.83
C THR B 101 -29.95 4.91 28.05
N THR B 102 -29.77 5.38 29.27
CA THR B 102 -30.01 6.78 29.60
C THR B 102 -28.87 7.26 30.43
N LEU B 103 -28.63 8.55 30.44
CA LEU B 103 -27.50 9.00 31.20
C LEU B 103 -27.74 8.93 32.69
N GLU B 104 -28.97 9.05 33.06
CA GLU B 104 -29.35 9.01 34.43
C GLU B 104 -29.20 7.59 34.96
N GLY B 105 -29.46 6.61 34.12
CA GLY B 105 -29.18 5.25 34.48
C GLY B 105 -27.70 5.03 34.72
N ALA B 106 -26.89 5.59 33.85
CA ALA B 106 -25.46 5.45 33.98
C ALA B 106 -24.95 6.09 35.26
N LYS B 107 -25.49 7.26 35.58
CA LYS B 107 -25.12 7.93 36.82
C LYS B 107 -25.53 7.14 38.06
N ARG B 108 -26.67 6.49 38.01
CA ARG B 108 -27.10 5.67 39.13
C ARG B 108 -26.12 4.55 39.39
N ILE B 109 -25.62 3.99 38.32
CA ILE B 109 -24.66 2.94 38.43
C ILE B 109 -23.37 3.47 39.01
N VAL B 110 -22.90 4.57 38.48
CA VAL B 110 -21.66 5.14 38.96
C VAL B 110 -21.75 5.47 40.42
N ASP B 111 -22.83 6.09 40.82
CA ASP B 111 -23.02 6.47 42.22
C ASP B 111 -23.05 5.27 43.15
N LYS B 112 -23.67 4.20 42.71
CA LYS B 112 -23.71 3.01 43.49
C LYS B 112 -22.39 2.34 43.52
N GLU B 113 -21.68 2.30 42.41
CA GLU B 113 -20.39 1.67 42.45
C GLU B 113 -19.44 2.43 43.34
N LEU B 114 -19.59 3.74 43.38
CA LEU B 114 -18.69 4.52 44.20
C LEU B 114 -18.76 4.24 45.67
N THR B 115 -19.81 3.59 46.10
CA THR B 115 -19.91 3.19 47.50
C THR B 115 -19.24 1.91 47.84
N LYS B 116 -18.66 1.26 46.88
CA LYS B 116 -18.14 -0.03 47.14
C LYS B 116 -16.68 0.11 47.46
N SER B 117 -16.06 -0.93 47.96
CA SER B 117 -14.70 -0.75 48.39
C SER B 117 -13.70 -0.85 47.25
N LYS B 118 -14.09 -1.49 46.16
CA LYS B 118 -13.27 -1.63 44.98
C LYS B 118 -14.13 -1.66 43.71
N LYS B 119 -13.51 -1.28 42.60
CA LYS B 119 -14.18 -1.23 41.33
C LYS B 119 -14.41 -2.64 40.79
N VAL B 120 -15.63 -2.91 40.33
CA VAL B 120 -15.97 -4.20 39.79
C VAL B 120 -16.49 -4.24 38.32
N ILE B 121 -16.90 -3.12 37.78
CA ILE B 121 -17.49 -3.07 36.46
C ILE B 121 -16.47 -2.83 35.30
N GLN B 122 -16.54 -3.66 34.27
CA GLN B 122 -15.93 -3.35 32.99
C GLN B 122 -17.06 -3.27 31.96
N VAL B 123 -16.98 -2.28 31.09
CA VAL B 123 -17.95 -2.11 30.03
C VAL B 123 -17.32 -2.54 28.71
N GLY B 124 -18.09 -3.22 27.88
CA GLY B 124 -17.64 -3.83 26.64
C GLY B 124 -17.36 -2.98 25.40
N PHE B 125 -16.66 -1.88 25.62
CA PHE B 125 -16.18 -1.06 24.54
C PHE B 125 -14.90 -1.65 23.95
N MET B 126 -15.05 -2.57 23.03
CA MET B 126 -13.94 -3.39 22.57
C MET B 126 -12.91 -2.71 21.64
N ARG B 127 -13.26 -1.56 21.09
CA ARG B 127 -12.32 -0.90 20.19
C ARG B 127 -10.97 -0.70 20.84
N ARG B 128 -10.96 -0.47 22.14
CA ARG B 128 -9.72 -0.17 22.83
C ARG B 128 -8.78 -1.34 22.82
N TYR B 129 -9.29 -2.52 22.48
CA TYR B 129 -8.48 -3.71 22.47
C TYR B 129 -8.08 -4.19 21.08
N ASP B 130 -8.58 -3.52 20.07
CA ASP B 130 -8.20 -3.85 18.73
C ASP B 130 -6.76 -3.51 18.49
N GLN B 131 -6.01 -4.48 17.98
CA GLN B 131 -4.58 -4.30 17.86
C GLN B 131 -4.19 -3.13 16.98
N GLY B 132 -4.89 -2.94 15.88
CA GLY B 132 -4.60 -1.83 15.02
C GLY B 132 -4.85 -0.47 15.63
N ILE B 133 -5.98 -0.31 16.26
CA ILE B 133 -6.30 0.92 16.92
C ILE B 133 -5.34 1.20 18.08
N ARG B 134 -5.01 0.18 18.82
CA ARG B 134 -4.05 0.33 19.91
C ARG B 134 -2.67 0.73 19.45
N ALA B 135 -2.25 0.11 18.36
CA ALA B 135 -0.96 0.43 17.79
C ALA B 135 -0.89 1.88 17.34
N LEU B 136 -1.97 2.38 16.81
CA LEU B 136 -2.02 3.77 16.43
C LEU B 136 -1.92 4.70 17.62
N LYS B 137 -2.69 4.43 18.65
CA LYS B 137 -2.61 5.21 19.87
C LYS B 137 -1.21 5.23 20.46
N GLU B 138 -0.60 4.06 20.46
CA GLU B 138 0.73 3.93 20.98
C GLU B 138 1.70 4.79 20.21
N LYS B 139 1.61 4.77 18.90
CA LYS B 139 2.53 5.57 18.12
C LYS B 139 2.28 7.06 18.35
N LEU B 140 1.02 7.44 18.45
CA LEU B 140 0.67 8.80 18.79
C LEU B 140 1.33 9.27 20.08
N ASP B 141 1.28 8.39 21.06
CA ASP B 141 1.75 8.72 22.39
C ASP B 141 3.27 8.81 22.52
N THR B 142 3.99 8.40 21.48
CA THR B 142 5.44 8.61 21.39
C THR B 142 5.84 10.04 21.13
N GLY B 143 4.89 10.83 20.68
CA GLY B 143 5.13 12.20 20.32
C GLY B 143 5.63 12.45 18.91
N ILE B 144 5.72 11.41 18.12
CA ILE B 144 6.36 11.48 16.81
C ILE B 144 5.67 12.39 15.77
N ILE B 145 4.39 12.60 15.92
CA ILE B 145 3.67 13.54 15.10
C ILE B 145 3.25 14.79 15.83
N GLY B 146 3.80 14.99 17.01
CA GLY B 146 3.39 16.10 17.82
C GLY B 146 1.97 15.96 18.34
N ALA B 147 1.39 17.07 18.71
CA ALA B 147 0.07 17.06 19.28
C ALA B 147 -1.02 16.81 18.24
N PRO B 148 -2.04 16.06 18.61
CA PRO B 148 -3.15 15.79 17.71
C PRO B 148 -4.09 17.00 17.58
N LEU B 149 -4.29 17.44 16.36
CA LEU B 149 -5.06 18.62 16.05
C LEU B 149 -6.42 18.30 15.52
N VAL B 150 -6.50 17.32 14.65
CA VAL B 150 -7.73 16.90 14.02
C VAL B 150 -7.70 15.37 13.95
N VAL B 151 -8.86 14.76 14.13
CA VAL B 151 -9.04 13.35 13.90
C VAL B 151 -10.14 13.19 12.85
N ARG B 152 -9.86 12.40 11.83
CA ARG B 152 -10.84 12.07 10.81
C ARG B 152 -11.06 10.59 10.84
N ALA B 153 -12.32 10.20 11.00
CA ALA B 153 -12.67 8.80 11.17
C ALA B 153 -13.90 8.44 10.35
N SER B 154 -14.01 7.17 10.01
CA SER B 154 -15.18 6.61 9.34
C SER B 154 -15.65 5.35 10.01
N HIS B 155 -16.97 5.25 10.14
CA HIS B 155 -17.62 4.03 10.56
C HIS B 155 -18.60 3.63 9.44
N ILE B 156 -18.17 2.67 8.65
CA ILE B 156 -18.85 2.25 7.43
C ILE B 156 -19.44 0.88 7.64
N ASN B 157 -20.71 0.76 7.30
CA ASN B 157 -21.47 -0.47 7.42
C ASN B 157 -22.30 -0.68 6.13
N PRO B 158 -22.43 -1.93 5.68
CA PRO B 158 -22.99 -2.11 4.37
C PRO B 158 -24.49 -1.88 4.26
N ASN B 159 -25.21 -2.40 5.23
CA ASN B 159 -26.66 -2.29 5.29
CA ASN B 159 -26.65 -2.26 5.30
C ASN B 159 -27.13 -2.51 6.71
N VAL B 160 -28.36 -2.11 7.00
CA VAL B 160 -28.94 -2.28 8.29
C VAL B 160 -30.28 -3.04 8.23
N ALA B 161 -30.65 -3.55 9.38
CA ALA B 161 -31.87 -4.30 9.51
C ALA B 161 -33.00 -3.34 9.75
N SER B 162 -34.21 -3.85 9.64
CA SER B 162 -35.39 -3.02 9.73
C SER B 162 -35.60 -2.27 11.04
N ASN B 163 -35.02 -2.79 12.10
CA ASN B 163 -35.18 -2.17 13.39
C ASN B 163 -34.26 -0.99 13.62
N TYR B 164 -33.40 -0.70 12.67
CA TYR B 164 -32.40 0.32 12.87
C TYR B 164 -32.99 1.74 12.73
N SER B 165 -32.92 2.49 13.80
CA SER B 165 -33.49 3.81 13.88
C SER B 165 -32.44 4.91 13.71
N ASN B 166 -32.92 6.11 13.50
CA ASN B 166 -32.04 7.24 13.38
C ASN B 166 -31.17 7.36 14.59
N GLU B 167 -31.74 7.13 15.76
CA GLU B 167 -31.01 7.32 16.98
C GLU B 167 -29.96 6.24 17.20
N MET B 168 -30.13 5.13 16.52
CA MET B 168 -29.16 4.06 16.58
C MET B 168 -27.85 4.37 15.81
N ALA B 169 -27.92 5.29 14.87
CA ALA B 169 -26.70 5.83 14.27
C ALA B 169 -25.75 6.30 15.36
N ILE B 170 -26.32 6.80 16.45
CA ILE B 170 -25.52 7.14 17.61
C ILE B 170 -25.32 5.98 18.56
N THR B 171 -26.42 5.43 19.03
CA THR B 171 -26.36 4.48 20.11
C THR B 171 -25.80 3.08 19.81
N ASP B 172 -25.86 2.64 18.56
CA ASP B 172 -25.35 1.36 18.17
C ASP B 172 -24.00 1.51 17.42
N THR B 173 -23.89 2.56 16.64
CA THR B 173 -22.78 2.75 15.73
C THR B 173 -21.73 3.76 16.20
N LEU B 174 -22.06 5.02 16.24
CA LEU B 174 -21.14 6.05 16.72
C LEU B 174 -20.63 5.87 18.14
N ILE B 175 -21.38 5.15 18.95
CA ILE B 175 -20.99 4.93 20.33
C ILE B 175 -19.57 4.40 20.47
N HIS B 176 -19.15 3.61 19.53
CA HIS B 176 -17.81 3.09 19.53
C HIS B 176 -16.74 4.18 19.37
N GLU B 177 -16.97 5.10 18.45
CA GLU B 177 -16.09 6.26 18.32
C GLU B 177 -16.20 7.21 19.53
N ILE B 178 -17.38 7.31 20.08
CA ILE B 178 -17.58 8.10 21.26
C ILE B 178 -16.73 7.62 22.42
N ASP B 179 -16.69 6.33 22.65
CA ASP B 179 -15.79 5.85 23.67
C ASP B 179 -14.30 5.96 23.29
N GLU B 180 -14.03 5.72 22.04
CA GLU B 180 -12.68 5.61 21.54
C GLU B 180 -11.88 6.91 21.57
N MET B 181 -12.49 8.00 21.15
CA MET B 181 -11.72 9.19 20.87
C MET B 181 -11.18 9.87 22.11
N HIS B 182 -11.98 9.92 23.18
CA HIS B 182 -11.48 10.50 24.41
C HIS B 182 -10.34 9.70 25.02
N TRP B 183 -10.40 8.40 24.85
CA TRP B 183 -9.32 7.52 25.21
C TRP B 183 -8.08 7.71 24.32
N LEU B 184 -8.30 7.73 23.04
CA LEU B 184 -7.22 7.97 22.09
C LEU B 184 -6.41 9.19 22.39
N LEU B 185 -7.11 10.26 22.69
CA LEU B 185 -6.54 11.57 22.86
C LEU B 185 -6.24 11.99 24.28
N ASP B 186 -6.59 11.18 25.24
CA ASP B 186 -6.49 11.55 26.63
C ASP B 186 -7.08 12.90 26.89
N ASP B 187 -8.34 13.05 26.53
CA ASP B 187 -9.01 14.32 26.50
C ASP B 187 -10.51 14.14 26.89
N GLU B 188 -11.20 15.25 26.99
CA GLU B 188 -12.61 15.30 27.29
C GLU B 188 -13.34 16.09 26.24
N TYR B 189 -14.54 15.66 25.94
CA TYR B 189 -15.34 16.36 24.97
C TYR B 189 -16.00 17.64 25.53
N THR B 190 -16.15 18.63 24.67
CA THR B 190 -16.85 19.88 24.99
C THR B 190 -18.10 20.12 24.17
N SER B 191 -18.22 19.50 23.02
CA SER B 191 -19.41 19.61 22.23
C SER B 191 -19.55 18.47 21.26
N ILE B 192 -20.75 18.26 20.78
CA ILE B 192 -20.99 17.37 19.65
C ILE B 192 -22.03 17.97 18.74
N GLN B 193 -21.87 17.73 17.46
CA GLN B 193 -22.79 18.20 16.45
C GLN B 193 -23.00 17.19 15.37
N ILE B 194 -24.25 16.91 15.07
CA ILE B 194 -24.63 15.98 14.03
C ILE B 194 -25.22 16.72 12.85
N THR B 195 -24.68 16.49 11.67
CA THR B 195 -25.24 17.03 10.46
C THR B 195 -25.60 16.00 9.45
N TYR B 196 -26.56 16.35 8.62
CA TYR B 196 -27.09 15.46 7.61
C TYR B 196 -26.78 15.94 6.18
N PRO B 197 -25.89 15.24 5.48
CA PRO B 197 -25.72 15.46 4.08
C PRO B 197 -26.90 14.90 3.33
N ARG B 198 -26.87 15.07 2.03
CA ARG B 198 -27.79 14.48 1.11
C ARG B 198 -28.15 13.08 1.55
N GLN B 199 -29.44 12.75 1.54
CA GLN B 199 -29.89 11.44 1.99
C GLN B 199 -29.61 10.41 0.95
N SER B 200 -29.08 9.27 1.35
CA SER B 200 -28.82 8.20 0.43
C SER B 200 -30.10 7.53 -0.04
N ALA B 201 -30.12 7.21 -1.32
CA ALA B 201 -31.20 6.43 -1.91
C ALA B 201 -31.25 5.00 -1.42
N GLU B 202 -30.23 4.57 -0.71
CA GLU B 202 -30.19 3.21 -0.24
C GLU B 202 -30.93 3.01 1.07
N VAL B 203 -31.38 4.10 1.68
CA VAL B 203 -32.05 3.99 2.94
C VAL B 203 -33.45 3.45 2.73
N ARG B 204 -33.77 2.42 3.51
CA ARG B 204 -35.06 1.77 3.53
C ARG B 204 -35.70 1.79 4.90
N ASN B 205 -35.17 2.55 5.84
CA ASN B 205 -35.70 2.59 7.20
C ASN B 205 -36.34 3.91 7.57
N GLU B 206 -37.55 3.83 8.14
CA GLU B 206 -38.34 5.00 8.49
C GLU B 206 -37.63 5.91 9.44
N GLY B 207 -37.43 7.13 9.01
CA GLY B 207 -36.83 8.12 9.86
C GLY B 207 -35.31 8.16 9.88
N LEU B 208 -34.69 7.19 9.26
CA LEU B 208 -33.24 7.11 9.28
C LEU B 208 -32.60 8.06 8.31
N HIS B 209 -31.71 8.89 8.83
CA HIS B 209 -30.81 9.72 8.04
C HIS B 209 -29.50 8.99 7.86
N ASP B 210 -29.06 8.89 6.62
CA ASP B 210 -27.80 8.27 6.29
C ASP B 210 -27.29 8.89 5.02
N PRO B 211 -26.04 9.33 5.01
CA PRO B 211 -25.08 9.31 6.09
C PRO B 211 -25.30 10.38 7.12
N GLN B 212 -24.52 10.28 8.19
CA GLN B 212 -24.47 11.30 9.22
C GLN B 212 -23.02 11.74 9.47
N LEU B 213 -22.83 13.02 9.68
CA LEU B 213 -21.54 13.54 10.04
C LEU B 213 -21.55 14.00 11.46
N ALA B 214 -20.66 13.47 12.25
CA ALA B 214 -20.53 13.86 13.63
C ALA B 214 -19.24 14.64 13.85
N THR B 215 -19.37 15.80 14.45
CA THR B 215 -18.22 16.61 14.81
C THR B 215 -18.15 16.80 16.29
N LEU B 216 -17.04 16.39 16.88
CA LEU B 216 -16.81 16.58 18.28
C LEU B 216 -15.63 17.50 18.54
N THR B 217 -15.76 18.30 19.57
CA THR B 217 -14.69 19.13 20.04
C THR B 217 -14.23 18.67 21.41
N THR B 218 -12.96 18.87 21.69
CA THR B 218 -12.35 18.51 22.94
C THR B 218 -11.76 19.70 23.70
N LYS B 219 -11.49 19.48 24.98
CA LYS B 219 -10.95 20.51 25.82
C LYS B 219 -9.60 21.08 25.31
N LYS B 220 -8.74 20.22 24.82
CA LYS B 220 -7.46 20.67 24.30
C LYS B 220 -7.56 21.29 22.90
N GLY B 221 -8.73 21.22 22.31
CA GLY B 221 -9.02 21.87 21.04
C GLY B 221 -9.08 21.00 19.79
N THR B 222 -8.80 19.73 19.95
CA THR B 222 -8.85 18.82 18.85
C THR B 222 -10.28 18.72 18.31
N VAL B 223 -10.42 18.74 17.00
CA VAL B 223 -11.68 18.51 16.36
C VAL B 223 -11.71 17.10 15.75
N ILE B 224 -12.76 16.38 16.08
CA ILE B 224 -13.01 15.07 15.53
C ILE B 224 -14.14 15.09 14.53
N GLN B 225 -13.88 14.62 13.34
CA GLN B 225 -14.85 14.48 12.29
C GLN B 225 -15.09 13.01 11.94
N VAL B 226 -16.27 12.51 12.28
CA VAL B 226 -16.63 11.14 11.99
C VAL B 226 -17.70 11.06 10.93
N LEU B 227 -17.46 10.23 9.93
CA LEU B 227 -18.45 9.87 8.94
C LEU B 227 -19.11 8.56 9.37
N VAL B 228 -20.41 8.60 9.58
CA VAL B 228 -21.22 7.43 9.84
C VAL B 228 -22.04 7.11 8.60
N HIS B 229 -21.79 5.97 8.04
CA HIS B 229 -22.46 5.59 6.81
C HIS B 229 -22.83 4.12 6.88
N VAL B 230 -24.11 3.88 7.12
CA VAL B 230 -24.58 2.55 7.47
C VAL B 230 -25.31 1.79 6.39
N THR B 231 -25.54 2.44 5.27
CA THR B 231 -26.05 1.80 4.08
C THR B 231 -25.09 1.88 2.91
N ALA B 232 -23.82 1.76 3.21
CA ALA B 232 -22.76 2.02 2.25
C ALA B 232 -22.56 0.98 1.17
N GLN B 233 -23.17 -0.17 1.38
CA GLN B 233 -23.17 -1.30 0.46
C GLN B 233 -21.89 -2.12 0.34
N TYR B 234 -20.75 -1.47 0.25
CA TYR B 234 -19.56 -2.14 -0.22
C TYR B 234 -18.87 -3.03 0.81
N GLY B 235 -19.05 -2.71 2.08
CA GLY B 235 -18.32 -3.38 3.12
C GLY B 235 -18.53 -2.76 4.48
N TYR B 236 -17.91 -3.39 5.46
CA TYR B 236 -17.80 -2.87 6.79
C TYR B 236 -16.38 -2.39 6.97
N GLU B 237 -16.20 -1.16 7.37
CA GLU B 237 -14.87 -0.61 7.47
C GLU B 237 -14.79 0.44 8.57
N VAL B 238 -13.72 0.37 9.34
CA VAL B 238 -13.40 1.36 10.36
C VAL B 238 -12.08 2.07 9.96
N LYS B 239 -12.17 3.37 9.78
CA LYS B 239 -11.03 4.19 9.35
C LYS B 239 -10.73 5.22 10.40
N LEU B 240 -9.45 5.52 10.59
CA LEU B 240 -8.97 6.41 11.62
C LEU B 240 -7.68 7.10 11.19
N GLU B 241 -7.72 8.42 11.14
CA GLU B 241 -6.58 9.24 10.78
C GLU B 241 -6.42 10.33 11.81
N VAL B 242 -5.20 10.47 12.34
CA VAL B 242 -4.88 11.51 13.27
C VAL B 242 -3.91 12.50 12.63
N ILE B 243 -4.31 13.75 12.59
CA ILE B 243 -3.51 14.84 12.07
C ILE B 243 -2.76 15.53 13.21
N GLY B 244 -1.45 15.43 13.16
CA GLY B 244 -0.62 16.05 14.15
C GLY B 244 0.11 17.27 13.66
N GLU B 245 0.76 17.93 14.58
CA GLU B 245 1.55 19.09 14.28
C GLU B 245 2.63 18.85 13.24
N THR B 246 3.26 17.68 13.30
CA THR B 246 4.42 17.40 12.47
C THR B 246 4.30 16.15 11.63
N GLY B 247 3.15 15.51 11.68
CA GLY B 247 2.91 14.37 10.85
C GLY B 247 1.52 13.83 10.99
N GLU B 248 1.27 12.70 10.36
CA GLU B 248 -0.03 12.04 10.44
C GLU B 248 0.10 10.55 10.71
N LEU B 249 -0.95 9.98 11.29
CA LEU B 249 -1.07 8.54 11.51
C LEU B 249 -2.42 8.02 11.01
N GLN B 250 -2.42 6.91 10.33
CA GLN B 250 -3.67 6.30 9.96
C GLN B 250 -3.61 4.80 10.03
N LEU B 251 -4.76 4.22 10.27
CA LEU B 251 -4.87 2.79 10.26
C LEU B 251 -4.65 2.29 8.87
N PRO B 252 -4.02 1.14 8.76
CA PRO B 252 -3.92 0.47 7.49
C PRO B 252 -5.23 -0.23 7.15
N ASN B 253 -5.28 -0.74 5.96
CA ASN B 253 -6.42 -1.56 5.58
C ASN B 253 -6.43 -2.82 6.42
N TYR B 254 -7.62 -3.18 6.82
CA TYR B 254 -7.85 -4.37 7.59
C TYR B 254 -7.90 -5.56 6.66
N GLY B 255 -7.23 -6.63 7.04
CA GLY B 255 -7.38 -7.89 6.34
C GLY B 255 -6.11 -8.62 5.96
N LEU B 256 -6.16 -9.95 6.03
CA LEU B 256 -5.00 -10.78 5.81
C LEU B 256 -5.02 -11.49 4.47
N GLY B 257 -6.12 -11.35 3.74
CA GLY B 257 -6.38 -12.06 2.49
C GLY B 257 -5.46 -11.57 1.41
N PRO B 258 -5.34 -12.35 0.34
CA PRO B 258 -4.27 -12.02 -0.58
C PRO B 258 -4.62 -10.88 -1.53
N ILE B 259 -3.58 -10.34 -2.13
CA ILE B 259 -3.73 -9.41 -3.23
C ILE B 259 -3.88 -10.19 -4.52
N LEU B 260 -4.99 -9.97 -5.20
CA LEU B 260 -5.28 -10.59 -6.46
C LEU B 260 -5.04 -9.66 -7.66
N ARG B 261 -4.22 -10.13 -8.58
CA ARG B 261 -4.04 -9.51 -9.87
C ARG B 261 -4.80 -10.33 -10.90
N SER B 262 -5.85 -9.76 -11.46
CA SER B 262 -6.76 -10.47 -12.31
C SER B 262 -7.63 -9.49 -13.07
N ASN B 263 -7.81 -9.75 -14.35
CA ASN B 263 -8.81 -9.05 -15.12
C ASN B 263 -8.67 -7.53 -15.07
N ALA B 264 -7.46 -7.06 -15.32
CA ALA B 264 -7.16 -5.65 -15.38
C ALA B 264 -7.35 -4.88 -14.09
N ASN B 265 -7.28 -5.61 -12.98
CA ASN B 265 -7.37 -5.02 -11.67
C ASN B 265 -6.46 -5.70 -10.66
N GLN B 266 -6.09 -4.93 -9.66
CA GLN B 266 -5.43 -5.41 -8.49
C GLN B 266 -6.41 -5.18 -7.37
N GLN B 267 -6.67 -6.22 -6.60
CA GLN B 267 -7.69 -6.14 -5.60
C GLN B 267 -7.50 -6.96 -4.33
N THR B 268 -8.10 -6.45 -3.27
CA THR B 268 -8.19 -7.13 -2.01
C THR B 268 -9.64 -7.15 -1.54
N ALA B 269 -9.97 -8.17 -0.77
CA ALA B 269 -11.31 -8.28 -0.27
C ALA B 269 -11.56 -7.26 0.82
N VAL B 270 -12.80 -6.85 0.96
CA VAL B 270 -13.26 -6.04 2.07
C VAL B 270 -14.20 -6.86 2.94
N GLU B 271 -13.97 -6.82 4.25
CA GLU B 271 -14.85 -7.39 5.24
C GLU B 271 -16.28 -6.90 5.11
N MET B 272 -17.22 -7.81 5.22
CA MET B 272 -18.61 -7.49 5.19
C MET B 272 -19.27 -7.57 6.57
N SER B 273 -18.54 -8.13 7.53
CA SER B 273 -19.06 -8.42 8.87
C SER B 273 -18.28 -7.72 10.02
N TRP B 274 -18.97 -6.91 10.81
CA TRP B 274 -18.33 -6.33 11.98
C TRP B 274 -17.94 -7.40 12.95
N ILE B 275 -18.71 -8.46 12.96
CA ILE B 275 -18.37 -9.59 13.78
C ILE B 275 -17.00 -10.10 13.46
N ASN B 276 -16.73 -10.36 12.21
CA ASN B 276 -15.43 -10.83 11.88
C ASN B 276 -14.36 -9.77 12.14
N ARG B 277 -14.67 -8.52 11.87
CA ARG B 277 -13.68 -7.47 12.02
C ARG B 277 -13.10 -7.41 13.43
N PHE B 278 -13.92 -7.68 14.43
CA PHE B 278 -13.52 -7.44 15.80
C PHE B 278 -13.36 -8.69 16.68
N ILE B 279 -13.23 -9.82 16.03
CA ILE B 279 -12.98 -11.09 16.71
C ILE B 279 -11.87 -10.97 17.73
N GLN B 280 -10.75 -10.44 17.30
CA GLN B 280 -9.58 -10.34 18.15
C GLN B 280 -9.84 -9.46 19.35
N ALA B 281 -10.43 -8.31 19.10
CA ALA B 281 -10.70 -7.36 20.17
C ALA B 281 -11.59 -7.95 21.26
N TYR B 282 -12.62 -8.65 20.85
CA TYR B 282 -13.50 -9.32 21.80
C TYR B 282 -12.74 -10.36 22.62
N ASN B 283 -11.89 -11.12 21.98
CA ASN B 283 -11.12 -12.11 22.70
C ASN B 283 -10.19 -11.45 23.70
N THR B 284 -9.48 -10.43 23.27
CA THR B 284 -8.52 -9.76 24.12
C THR B 284 -9.18 -9.06 25.31
N GLU B 285 -10.27 -8.40 25.03
CA GLU B 285 -11.02 -7.73 26.05
C GLU B 285 -11.52 -8.68 27.16
N VAL B 286 -12.10 -9.78 26.76
CA VAL B 286 -12.65 -10.71 27.72
C VAL B 286 -11.56 -11.46 28.46
N GLN B 287 -10.50 -11.81 27.77
CA GLN B 287 -9.41 -12.44 28.47
C GLN B 287 -8.81 -11.54 29.56
N GLU B 288 -8.74 -10.26 29.30
CA GLU B 288 -8.22 -9.34 30.28
C GLU B 288 -9.11 -9.31 31.50
N PHE B 289 -10.40 -9.20 31.28
CA PHE B 289 -11.35 -9.16 32.37
C PHE B 289 -11.23 -10.40 33.24
N ILE B 290 -11.23 -11.55 32.60
CA ILE B 290 -11.05 -12.80 33.32
C ILE B 290 -9.73 -12.83 34.07
N ASP B 291 -8.64 -12.39 33.45
CA ASP B 291 -7.35 -12.39 34.09
C ASP B 291 -7.37 -11.52 35.32
N GLU B 292 -8.13 -10.44 35.32
CA GLU B 292 -8.20 -9.57 36.48
C GLU B 292 -9.03 -10.19 37.59
N VAL B 293 -10.13 -10.82 37.22
CA VAL B 293 -10.95 -11.49 38.19
C VAL B 293 -10.21 -12.63 38.86
N ALA B 294 -9.39 -13.33 38.10
CA ALA B 294 -8.62 -14.41 38.63
C ALA B 294 -7.67 -14.00 39.74
N LYS B 295 -7.24 -12.75 39.73
CA LYS B 295 -6.34 -12.18 40.75
C LYS B 295 -7.10 -11.40 41.80
N SER B 296 -8.40 -11.43 41.69
CA SER B 296 -9.26 -10.66 42.53
C SER B 296 -8.94 -9.18 42.48
N GLU B 297 -8.43 -8.70 41.37
CA GLU B 297 -8.17 -7.28 41.18
C GLU B 297 -9.25 -6.60 40.35
N PRO B 298 -9.46 -5.31 40.54
CA PRO B 298 -10.36 -4.52 39.72
C PRO B 298 -10.01 -4.66 38.24
N PRO B 299 -11.04 -4.60 37.40
CA PRO B 299 -10.81 -4.57 35.97
C PRO B 299 -10.04 -3.31 35.60
N VAL B 300 -9.32 -3.35 34.50
CA VAL B 300 -8.58 -2.21 34.08
C VAL B 300 -9.04 -1.68 32.73
N GLY B 301 -10.08 -2.27 32.20
CA GLY B 301 -10.70 -1.85 30.96
C GLY B 301 -11.67 -0.75 31.20
N PRO B 302 -12.40 -0.36 30.15
CA PRO B 302 -13.37 0.71 30.24
C PRO B 302 -14.29 0.52 31.41
N SER B 303 -14.53 1.57 32.14
CA SER B 303 -15.20 1.52 33.41
C SER B 303 -16.60 2.07 33.34
N ALA B 304 -17.31 1.97 34.43
CA ALA B 304 -18.61 2.58 34.53
C ALA B 304 -18.54 4.07 34.26
N TRP B 305 -17.43 4.70 34.62
CA TRP B 305 -17.27 6.12 34.34
C TRP B 305 -17.17 6.38 32.81
N ASP B 306 -16.44 5.53 32.12
CA ASP B 306 -16.41 5.55 30.68
C ASP B 306 -17.82 5.33 30.10
N GLY B 307 -18.57 4.44 30.73
CA GLY B 307 -19.93 4.22 30.32
C GLY B 307 -20.78 5.46 30.46
N TYR B 308 -20.50 6.20 31.51
CA TYR B 308 -21.18 7.44 31.78
C TYR B 308 -20.82 8.55 30.77
N ILE B 309 -19.54 8.69 30.47
CA ILE B 309 -19.09 9.63 29.45
C ILE B 309 -19.76 9.32 28.10
N ALA B 310 -19.80 8.04 27.78
CA ALA B 310 -20.46 7.60 26.56
C ALA B 310 -21.94 7.95 26.54
N ALA B 311 -22.60 7.74 27.67
CA ALA B 311 -24.02 8.01 27.76
C ALA B 311 -24.37 9.49 27.66
N ILE B 312 -23.57 10.31 28.29
CA ILE B 312 -23.77 11.74 28.21
C ILE B 312 -23.57 12.26 26.79
N THR B 313 -22.53 11.76 26.16
CA THR B 313 -22.18 12.15 24.80
C THR B 313 -23.23 11.67 23.79
N ALA B 314 -23.70 10.44 23.95
CA ALA B 314 -24.74 9.90 23.10
C ALA B 314 -26.04 10.68 23.22
N ALA B 315 -26.39 11.06 24.44
CA ALA B 315 -27.58 11.82 24.67
C ALA B 315 -27.52 13.18 24.00
N ALA B 316 -26.36 13.78 24.08
CA ALA B 316 -26.11 15.06 23.45
C ALA B 316 -26.22 14.95 21.93
N ALA B 317 -25.71 13.86 21.40
CA ALA B 317 -25.83 13.60 20.00
C ALA B 317 -27.25 13.35 19.54
N ASN B 318 -28.02 12.59 20.30
CA ASN B 318 -29.43 12.38 19.98
C ASN B 318 -30.20 13.69 20.01
N ARG B 319 -29.80 14.57 20.91
N ARG B 319 -29.80 14.57 20.91
CA ARG B 319 -30.33 15.92 20.95
CA ARG B 319 -30.32 15.92 20.95
C ARG B 319 -29.96 16.72 19.70
C ARG B 319 -29.96 16.72 19.70
N SER B 320 -28.71 16.65 19.28
CA SER B 320 -28.27 17.34 18.10
C SER B 320 -28.98 16.84 16.85
N GLN B 321 -29.29 15.55 16.83
CA GLN B 321 -29.98 14.94 15.71
C GLN B 321 -31.35 15.58 15.40
N LYS B 322 -31.93 16.25 16.36
CA LYS B 322 -33.22 16.87 16.15
C LYS B 322 -33.22 18.08 15.20
N ASP B 323 -32.16 18.88 15.29
CA ASP B 323 -32.08 20.12 14.58
C ASP B 323 -30.72 20.45 13.99
N GLN B 324 -29.79 19.52 14.14
CA GLN B 324 -28.46 19.63 13.59
C GLN B 324 -27.63 20.73 14.22
N GLU B 325 -27.98 21.12 15.40
CA GLU B 325 -27.25 22.13 16.10
C GLU B 325 -26.28 21.53 17.09
N THR B 326 -25.27 22.30 17.43
CA THR B 326 -24.26 21.90 18.37
C THR B 326 -24.83 21.80 19.78
N VAL B 327 -24.43 20.77 20.49
CA VAL B 327 -24.82 20.56 21.86
C VAL B 327 -23.60 20.45 22.75
N LEU B 328 -23.54 21.27 23.79
CA LEU B 328 -22.40 21.26 24.67
C LEU B 328 -22.34 20.04 25.55
N ILE B 329 -21.14 19.67 25.91
CA ILE B 329 -20.85 18.60 26.82
C ILE B 329 -19.88 19.07 27.90
N ASN B 330 -20.25 18.86 29.15
CA ASN B 330 -19.41 19.21 30.27
C ASN B 330 -19.41 18.08 31.22
N VAL B 331 -18.46 17.21 31.07
CA VAL B 331 -18.41 16.05 31.87
C VAL B 331 -17.76 16.40 33.18
N ALA B 332 -18.35 15.91 34.27
CA ALA B 332 -17.77 16.11 35.59
C ALA B 332 -16.37 15.53 35.70
N GLY B 333 -15.62 16.02 36.65
CA GLY B 333 -14.28 15.52 36.87
C GLY B 333 -14.27 14.09 37.32
N THR B 334 -13.33 13.33 36.85
CA THR B 334 -13.25 11.93 37.18
C THR B 334 -12.99 11.72 38.66
N PRO B 335 -13.85 10.96 39.34
CA PRO B 335 -13.66 10.65 40.74
C PRO B 335 -12.40 9.88 40.89
N THR B 336 -11.71 10.07 42.00
CA THR B 336 -10.49 9.34 42.24
C THR B 336 -10.66 7.81 42.20
N PHE B 337 -11.81 7.31 42.62
CA PHE B 337 -12.20 5.88 42.46
C PHE B 337 -11.98 5.36 41.05
N TYR B 338 -12.15 6.23 40.07
CA TYR B 338 -12.04 5.82 38.69
C TYR B 338 -10.73 6.22 37.99
N GLN B 339 -9.89 6.68 38.73
CA GLN B 339 -8.63 7.12 38.14
C GLN B 339 -7.67 5.95 38.14
N MET C 1 -11.94 -33.07 28.51
CA MET C 1 -11.08 -33.14 29.68
C MET C 1 -9.77 -32.41 29.40
N VAL C 2 -9.02 -32.17 30.43
CA VAL C 2 -7.78 -31.43 30.26
C VAL C 2 -6.65 -32.36 29.84
N VAL C 3 -5.96 -31.97 28.78
CA VAL C 3 -4.87 -32.74 28.25
C VAL C 3 -3.65 -32.49 29.07
N LYS C 4 -3.17 -33.57 29.65
CA LYS C 4 -2.02 -33.52 30.50
CA LYS C 4 -2.02 -33.50 30.49
C LYS C 4 -0.72 -33.70 29.69
N VAL C 5 0.18 -32.74 29.79
CA VAL C 5 1.33 -32.67 28.91
C VAL C 5 2.68 -32.75 29.60
N GLY C 6 3.58 -33.50 28.97
CA GLY C 6 4.97 -33.48 29.34
C GLY C 6 5.81 -32.81 28.27
N VAL C 7 6.77 -32.04 28.71
CA VAL C 7 7.63 -31.30 27.81
C VAL C 7 9.07 -31.74 27.95
N ILE C 8 9.64 -32.14 26.83
CA ILE C 8 11.01 -32.57 26.76
C ILE C 8 11.82 -31.52 26.05
N GLY C 9 12.67 -30.84 26.79
CA GLY C 9 13.40 -29.70 26.29
C GLY C 9 12.75 -28.40 26.71
N THR C 10 13.32 -27.75 27.70
CA THR C 10 12.79 -26.52 28.24
C THR C 10 13.75 -25.35 28.04
N GLY C 11 14.15 -25.18 26.81
CA GLY C 11 14.91 -24.02 26.37
C GLY C 11 13.96 -22.95 25.86
N ALA C 12 14.38 -22.22 24.85
CA ALA C 12 13.61 -21.07 24.38
C ALA C 12 12.22 -21.47 23.85
N MET C 13 12.20 -22.41 22.93
CA MET C 13 10.95 -22.82 22.33
C MET C 13 10.13 -23.69 23.26
N GLY C 14 10.79 -24.49 24.07
CA GLY C 14 10.04 -25.28 25.01
C GLY C 14 9.34 -24.43 26.05
N ARG C 15 10.02 -23.40 26.52
CA ARG C 15 9.40 -22.43 27.40
C ARG C 15 8.28 -21.67 26.70
N ALA C 16 8.45 -21.35 25.44
CA ALA C 16 7.40 -20.70 24.71
C ALA C 16 6.16 -21.60 24.56
N HIS C 17 6.37 -22.87 24.34
CA HIS C 17 5.26 -23.80 24.30
C HIS C 17 4.62 -24.00 25.67
N ILE C 18 5.42 -24.06 26.72
CA ILE C 18 4.90 -24.16 28.06
C ILE C 18 4.02 -22.93 28.34
N ASP C 19 4.52 -21.76 27.98
CA ASP C 19 3.76 -20.55 28.14
C ASP C 19 2.44 -20.58 27.40
N ARG C 20 2.44 -21.00 26.16
CA ARG C 20 1.22 -21.18 25.39
C ARG C 20 0.20 -22.03 26.13
N LEU C 21 0.67 -23.19 26.55
CA LEU C 21 -0.21 -24.21 27.10
C LEU C 21 -0.79 -23.81 28.44
N THR C 22 -0.05 -23.02 29.17
CA THR C 22 -0.38 -22.60 30.52
C THR C 22 -1.20 -21.30 30.53
N ASN C 23 -0.78 -20.32 29.74
CA ASN C 23 -1.29 -18.97 29.85
C ASN C 23 -2.04 -18.42 28.68
N VAL C 24 -2.09 -19.13 27.57
CA VAL C 24 -2.72 -18.60 26.38
C VAL C 24 -3.81 -19.48 25.83
N LEU C 25 -3.50 -20.75 25.68
CA LEU C 25 -4.42 -21.68 25.11
C LEU C 25 -5.26 -22.36 26.17
N THR C 26 -6.27 -23.05 25.70
CA THR C 26 -7.24 -23.69 26.56
C THR C 26 -7.11 -25.19 26.48
N GLY C 27 -7.37 -25.84 27.59
CA GLY C 27 -7.49 -27.25 27.57
C GLY C 27 -6.30 -28.12 27.89
N ALA C 28 -5.23 -27.53 28.37
CA ALA C 28 -4.05 -28.30 28.66
C ALA C 28 -3.39 -27.87 29.92
N GLU C 29 -2.59 -28.77 30.46
CA GLU C 29 -1.77 -28.52 31.61
C GLU C 29 -0.44 -29.23 31.46
N VAL C 30 0.61 -28.52 31.76
CA VAL C 30 1.93 -29.10 31.81
C VAL C 30 2.20 -29.69 33.20
N VAL C 31 2.36 -30.99 33.22
CA VAL C 31 2.49 -31.74 34.45
C VAL C 31 3.84 -32.43 34.61
N ALA C 32 4.68 -32.33 33.60
CA ALA C 32 5.97 -32.95 33.63
C ALA C 32 6.93 -32.28 32.67
N VAL C 33 8.18 -32.15 33.12
CA VAL C 33 9.24 -31.58 32.29
C VAL C 33 10.54 -32.30 32.48
N THR C 34 11.36 -32.30 31.45
CA THR C 34 12.73 -32.73 31.54
C THR C 34 13.62 -31.93 30.60
N ASP C 35 14.87 -31.78 30.99
CA ASP C 35 15.90 -31.17 30.16
C ASP C 35 17.25 -31.69 30.60
N ILE C 36 18.14 -31.90 29.67
CA ILE C 36 19.46 -32.34 30.06
C ILE C 36 20.13 -31.34 31.00
N ASP C 37 19.74 -30.07 30.93
CA ASP C 37 20.08 -29.11 31.95
C ASP C 37 18.96 -29.11 32.97
N HIS C 38 19.16 -29.86 34.04
CA HIS C 38 18.16 -29.99 35.08
C HIS C 38 17.74 -28.66 35.67
N GLU C 39 18.66 -27.75 35.79
CA GLU C 39 18.35 -26.47 36.37
C GLU C 39 17.43 -25.68 35.46
N ALA C 40 17.56 -25.89 34.17
CA ALA C 40 16.65 -25.25 33.24
C ALA C 40 15.24 -25.77 33.41
N ALA C 41 15.09 -27.07 33.63
CA ALA C 41 13.78 -27.64 33.86
C ALA C 41 13.13 -27.17 35.16
N GLU C 42 13.91 -27.09 36.21
CA GLU C 42 13.44 -26.63 37.49
C GLU C 42 13.01 -25.19 37.36
N ALA C 43 13.77 -24.43 36.59
CA ALA C 43 13.47 -23.05 36.37
C ALA C 43 12.17 -22.85 35.60
N ALA C 44 11.91 -23.69 34.62
CA ALA C 44 10.67 -23.67 33.90
C ALA C 44 9.53 -23.89 34.84
N VAL C 45 9.69 -24.80 35.79
CA VAL C 45 8.63 -25.06 36.74
C VAL C 45 8.36 -23.83 37.62
N ARG C 46 9.40 -23.20 38.12
CA ARG C 46 9.25 -22.00 38.93
C ARG C 46 8.66 -20.87 38.12
N ASP C 47 9.28 -20.58 36.99
CA ASP C 47 8.91 -19.42 36.20
C ASP C 47 7.47 -19.40 35.69
N PHE C 48 6.90 -20.58 35.45
CA PHE C 48 5.56 -20.70 34.94
C PHE C 48 4.54 -21.22 35.98
N HIS C 49 4.97 -21.32 37.21
CA HIS C 49 4.14 -21.76 38.32
C HIS C 49 3.44 -23.08 38.06
N LEU C 50 4.18 -24.02 37.55
CA LEU C 50 3.61 -25.28 37.20
C LEU C 50 3.48 -26.20 38.39
N ASN C 51 2.47 -27.04 38.32
CA ASN C 51 2.31 -28.16 39.18
C ASN C 51 2.85 -29.36 38.42
N ALA C 52 4.15 -29.46 38.38
CA ALA C 52 4.83 -30.36 37.46
C ALA C 52 6.00 -31.06 38.09
N LYS C 53 6.18 -32.30 37.69
CA LYS C 53 7.28 -33.10 38.09
C LYS C 53 8.48 -32.92 37.17
N VAL C 54 9.64 -32.77 37.76
CA VAL C 54 10.86 -32.76 36.99
C VAL C 54 11.50 -34.14 36.94
N TYR C 55 11.64 -34.65 35.74
CA TYR C 55 12.27 -35.92 35.50
C TYR C 55 13.68 -35.70 34.99
N PRO C 56 14.57 -36.65 35.25
CA PRO C 56 15.95 -36.39 34.85
C PRO C 56 16.24 -36.66 33.38
N ASP C 57 15.39 -37.43 32.73
CA ASP C 57 15.53 -37.75 31.31
C ASP C 57 14.20 -38.02 30.60
N ASP C 58 14.25 -38.17 29.30
CA ASP C 58 13.08 -38.51 28.54
C ASP C 58 12.48 -39.85 28.87
N THR C 59 13.32 -40.84 29.10
CA THR C 59 12.84 -42.15 29.44
C THR C 59 11.97 -42.16 30.68
N SER C 60 12.44 -41.51 31.72
CA SER C 60 11.67 -41.49 32.92
CA SER C 60 11.71 -41.42 32.96
C SER C 60 10.37 -40.72 32.78
N LEU C 61 10.40 -39.63 32.03
CA LEU C 61 9.18 -38.84 31.82
C LEU C 61 8.14 -39.65 31.11
N LEU C 62 8.56 -40.40 30.12
CA LEU C 62 7.67 -41.15 29.29
C LEU C 62 6.94 -42.29 30.04
N GLN C 63 7.45 -42.62 31.21
N GLN C 63 7.45 -42.62 31.21
CA GLN C 63 6.84 -43.62 32.05
CA GLN C 63 6.84 -43.62 32.05
C GLN C 63 5.79 -43.11 32.99
C GLN C 63 5.76 -43.10 32.95
N ASP C 64 5.54 -41.81 32.98
CA ASP C 64 4.48 -41.28 33.80
C ASP C 64 3.16 -41.59 33.12
N PRO C 65 2.32 -42.46 33.68
CA PRO C 65 1.13 -42.82 32.91
C PRO C 65 0.05 -41.72 32.89
N ASP C 66 0.20 -40.70 33.71
CA ASP C 66 -0.72 -39.60 33.70
C ASP C 66 -0.62 -38.63 32.51
N ILE C 67 0.51 -38.64 31.84
CA ILE C 67 0.75 -37.82 30.66
C ILE C 67 -0.01 -38.29 29.43
N ASP C 68 -0.79 -37.41 28.84
CA ASP C 68 -1.54 -37.77 27.66
C ASP C 68 -0.74 -37.49 26.41
N ALA C 69 0.13 -36.50 26.47
CA ALA C 69 0.87 -36.06 25.33
C ALA C 69 2.21 -35.48 25.71
N VAL C 70 3.17 -35.64 24.82
CA VAL C 70 4.46 -35.05 25.03
C VAL C 70 4.81 -34.09 23.91
N PHE C 71 5.49 -33.05 24.32
CA PHE C 71 6.09 -32.09 23.42
C PHE C 71 7.59 -32.31 23.38
N VAL C 72 8.10 -32.57 22.18
CA VAL C 72 9.51 -32.74 21.96
C VAL C 72 10.13 -31.45 21.43
N VAL C 73 10.92 -30.79 22.28
CA VAL C 73 11.45 -29.45 21.99
C VAL C 73 12.91 -29.32 22.36
N SER C 74 13.63 -30.42 22.19
CA SER C 74 15.04 -30.48 22.40
C SER C 74 15.77 -30.09 21.13
N PHE C 75 17.10 -30.19 21.16
CA PHE C 75 17.90 -30.01 19.97
C PHE C 75 17.35 -30.87 18.84
N GLY C 76 17.37 -30.36 17.63
CA GLY C 76 16.94 -31.16 16.50
C GLY C 76 17.47 -32.59 16.40
N GLY C 77 18.75 -32.74 16.66
CA GLY C 77 19.39 -34.02 16.61
C GLY C 77 18.92 -35.05 17.64
N ALA C 78 18.23 -34.57 18.66
CA ALA C 78 17.71 -35.42 19.69
C ALA C 78 16.27 -35.82 19.46
N HIS C 79 15.63 -35.24 18.46
CA HIS C 79 14.22 -35.55 18.23
C HIS C 79 13.96 -37.01 17.89
N GLU C 80 14.76 -37.57 17.00
CA GLU C 80 14.53 -38.94 16.52
C GLU C 80 14.46 -39.98 17.61
N ALA C 81 15.45 -40.01 18.47
CA ALA C 81 15.48 -41.01 19.52
C ALA C 81 14.34 -40.86 20.52
N THR C 82 14.04 -39.64 20.87
CA THR C 82 12.97 -39.35 21.76
C THR C 82 11.61 -39.72 21.15
N VAL C 83 11.40 -39.37 19.90
CA VAL C 83 10.14 -39.70 19.26
C VAL C 83 9.95 -41.22 19.19
N LEU C 84 11.02 -41.92 18.94
CA LEU C 84 10.97 -43.36 18.87
C LEU C 84 10.62 -43.99 20.22
N LYS C 85 11.18 -43.46 21.28
CA LYS C 85 10.81 -43.88 22.60
C LYS C 85 9.38 -43.64 22.88
N ALA C 86 8.92 -42.46 22.53
CA ALA C 86 7.55 -42.10 22.75
C ALA C 86 6.54 -42.98 22.02
N LEU C 87 6.94 -43.50 20.88
CA LEU C 87 6.11 -44.38 20.12
C LEU C 87 5.93 -45.74 20.77
N ASP C 88 6.72 -46.04 21.79
CA ASP C 88 6.51 -47.26 22.55
C ASP C 88 5.47 -47.02 23.61
N THR C 89 5.02 -45.79 23.77
CA THR C 89 3.97 -45.50 24.69
C THR C 89 2.69 -45.28 23.94
N ASP C 90 1.62 -45.01 24.65
CA ASP C 90 0.40 -44.65 23.96
C ASP C 90 0.14 -43.15 23.86
N LYS C 91 1.11 -42.36 24.23
CA LYS C 91 0.91 -40.94 24.28
C LYS C 91 0.96 -40.29 22.91
N PHE C 92 0.25 -39.18 22.77
CA PHE C 92 0.35 -38.39 21.56
C PHE C 92 1.66 -37.58 21.60
N ILE C 93 2.12 -37.20 20.42
CA ILE C 93 3.42 -36.63 20.24
C ILE C 93 3.40 -35.37 19.35
N PHE C 94 3.75 -34.23 19.93
CA PHE C 94 4.05 -33.03 19.18
C PHE C 94 5.55 -32.83 19.20
N THR C 95 6.15 -32.92 18.05
CA THR C 95 7.57 -32.66 17.95
C THR C 95 7.82 -31.41 17.14
N GLU C 96 8.66 -30.54 17.66
CA GLU C 96 9.10 -29.42 16.87
C GLU C 96 9.83 -29.96 15.69
N LYS C 97 9.90 -29.14 14.67
CA LYS C 97 10.72 -29.46 13.54
C LYS C 97 12.15 -29.48 13.99
N PRO C 98 12.95 -30.32 13.36
CA PRO C 98 12.65 -31.32 12.34
C PRO C 98 12.16 -32.63 12.98
N LEU C 99 11.53 -33.48 12.20
CA LEU C 99 11.20 -34.80 12.68
C LEU C 99 12.45 -35.60 13.10
N ALA C 100 13.46 -35.47 12.27
CA ALA C 100 14.74 -36.07 12.47
C ALA C 100 15.70 -35.31 11.63
N THR C 101 16.97 -35.40 11.96
CA THR C 101 17.99 -34.69 11.23
C THR C 101 18.54 -35.47 10.05
N THR C 102 18.13 -36.71 9.93
CA THR C 102 18.44 -37.47 8.72
C THR C 102 17.19 -38.02 8.10
N LEU C 103 17.21 -38.23 6.79
CA LEU C 103 16.06 -38.83 6.15
C LEU C 103 15.88 -40.26 6.62
N GLU C 104 16.97 -40.94 6.92
CA GLU C 104 16.90 -42.29 7.47
C GLU C 104 16.27 -42.39 8.85
N GLY C 105 16.56 -41.43 9.69
CA GLY C 105 15.90 -41.32 10.96
C GLY C 105 14.43 -41.01 10.82
N ALA C 106 14.10 -40.17 9.86
CA ALA C 106 12.72 -39.88 9.62
C ALA C 106 11.96 -41.12 9.14
N LYS C 107 12.57 -41.87 8.26
CA LYS C 107 11.99 -43.12 7.82
C LYS C 107 11.76 -44.14 8.93
N ARG C 108 12.66 -44.20 9.88
CA ARG C 108 12.52 -45.06 11.02
C ARG C 108 11.29 -44.75 11.84
N ILE C 109 11.01 -43.46 12.00
CA ILE C 109 9.86 -43.01 12.73
C ILE C 109 8.61 -43.35 11.97
N VAL C 110 8.63 -43.09 10.69
CA VAL C 110 7.52 -43.38 9.84
C VAL C 110 7.23 -44.86 9.89
N ASP C 111 8.24 -45.66 9.68
CA ASP C 111 8.11 -47.10 9.77
C ASP C 111 7.52 -47.60 11.08
N LYS C 112 7.96 -47.05 12.19
CA LYS C 112 7.42 -47.42 13.47
C LYS C 112 6.01 -46.93 13.68
N GLU C 113 5.74 -45.70 13.33
CA GLU C 113 4.39 -45.21 13.50
C GLU C 113 3.35 -46.04 12.71
N LEU C 114 3.77 -46.50 11.54
CA LEU C 114 2.90 -47.26 10.68
C LEU C 114 2.44 -48.58 11.31
N THR C 115 3.18 -49.05 12.31
CA THR C 115 2.79 -50.26 13.02
C THR C 115 1.71 -50.05 14.08
N LYS C 116 1.33 -48.82 14.36
CA LYS C 116 0.43 -48.51 15.44
C LYS C 116 -1.05 -48.46 15.01
N SER C 117 -1.92 -48.49 16.02
CA SER C 117 -3.36 -48.47 15.81
C SER C 117 -3.92 -47.06 15.73
N LYS C 118 -3.06 -46.06 15.78
CA LYS C 118 -3.40 -44.73 15.34
C LYS C 118 -2.18 -43.82 15.15
N LYS C 119 -2.33 -42.86 14.26
CA LYS C 119 -1.33 -41.82 14.08
C LYS C 119 -1.33 -40.91 15.27
N VAL C 120 -0.15 -40.65 15.81
CA VAL C 120 -0.04 -39.87 17.04
C VAL C 120 0.93 -38.66 16.95
N ILE C 121 1.69 -38.58 15.89
CA ILE C 121 2.69 -37.53 15.71
C ILE C 121 2.21 -36.33 14.87
N GLN C 122 2.40 -35.15 15.42
CA GLN C 122 2.31 -33.92 14.68
C GLN C 122 3.67 -33.24 14.76
N VAL C 123 4.10 -32.69 13.64
CA VAL C 123 5.35 -31.97 13.51
C VAL C 123 5.10 -30.48 13.42
N GLY C 124 5.92 -29.71 14.11
CA GLY C 124 5.74 -28.27 14.24
C GLY C 124 6.03 -27.34 13.07
N PHE C 125 5.58 -27.70 11.88
CA PHE C 125 5.61 -26.79 10.74
C PHE C 125 4.43 -25.83 10.78
N MET C 126 4.63 -24.73 11.47
CA MET C 126 3.55 -23.80 11.78
C MET C 126 3.08 -22.96 10.61
N ARG C 127 3.86 -22.85 9.55
CA ARG C 127 3.47 -21.99 8.42
C ARG C 127 2.08 -22.31 7.92
N ARG C 128 1.70 -23.56 7.99
CA ARG C 128 0.44 -23.98 7.39
C ARG C 128 -0.74 -23.44 8.15
N TYR C 129 -0.49 -22.95 9.35
CA TYR C 129 -1.52 -22.40 10.19
C TYR C 129 -1.58 -20.88 10.14
N ASP C 130 -0.63 -20.26 9.47
CA ASP C 130 -0.65 -18.80 9.34
C ASP C 130 -1.86 -18.35 8.53
N GLN C 131 -2.61 -17.42 9.10
CA GLN C 131 -3.83 -17.02 8.47
C GLN C 131 -3.68 -16.42 7.07
N GLY C 132 -2.67 -15.61 6.87
CA GLY C 132 -2.43 -15.06 5.58
C GLY C 132 -2.02 -16.07 4.53
N ILE C 133 -1.14 -16.99 4.89
CA ILE C 133 -0.69 -18.02 3.97
C ILE C 133 -1.85 -18.94 3.61
N ARG C 134 -2.64 -19.29 4.61
CA ARG C 134 -3.82 -20.07 4.36
C ARG C 134 -4.83 -19.43 3.46
N ALA C 135 -5.04 -18.13 3.64
CA ALA C 135 -5.98 -17.41 2.81
C ALA C 135 -5.50 -17.37 1.39
N LEU C 136 -4.20 -17.26 1.18
CA LEU C 136 -3.67 -17.29 -0.16
C LEU C 136 -3.89 -18.67 -0.81
N LYS C 137 -3.60 -19.73 -0.07
CA LYS C 137 -3.83 -21.06 -0.60
C LYS C 137 -5.28 -21.29 -0.98
N GLU C 138 -6.17 -20.82 -0.12
CA GLU C 138 -7.58 -21.01 -0.35
C GLU C 138 -8.01 -20.30 -1.61
N LYS C 139 -7.53 -19.10 -1.81
CA LYS C 139 -7.86 -18.37 -3.00
C LYS C 139 -7.28 -19.04 -4.24
N LEU C 140 -6.06 -19.53 -4.13
CA LEU C 140 -5.42 -20.22 -5.24
C LEU C 140 -6.26 -21.43 -5.64
N ASP C 141 -6.79 -22.10 -4.65
CA ASP C 141 -7.53 -23.32 -4.87
C ASP C 141 -8.90 -23.12 -5.48
N THR C 142 -9.35 -21.87 -5.58
CA THR C 142 -10.57 -21.58 -6.29
C THR C 142 -10.44 -21.59 -7.77
N GLY C 143 -9.21 -21.58 -8.27
CA GLY C 143 -8.94 -21.65 -9.67
C GLY C 143 -8.87 -20.30 -10.36
N ILE C 144 -9.00 -19.26 -9.56
CA ILE C 144 -9.17 -17.95 -10.10
C ILE C 144 -7.99 -17.39 -10.90
N ILE C 145 -6.79 -17.87 -10.62
CA ILE C 145 -5.64 -17.48 -11.42
C ILE C 145 -5.13 -18.61 -12.31
N GLY C 146 -5.95 -19.62 -12.49
CA GLY C 146 -5.54 -20.80 -13.21
C GLY C 146 -4.49 -21.62 -12.49
N ALA C 147 -3.74 -22.38 -13.26
CA ALA C 147 -2.69 -23.23 -12.71
C ALA C 147 -1.49 -22.43 -12.27
N PRO C 148 -0.89 -22.84 -11.16
CA PRO C 148 0.33 -22.23 -10.72
C PRO C 148 1.53 -22.61 -11.56
N LEU C 149 2.18 -21.59 -12.08
CA LEU C 149 3.33 -21.76 -12.95
C LEU C 149 4.67 -21.54 -12.25
N VAL C 150 4.74 -20.47 -11.49
CA VAL C 150 5.93 -20.07 -10.77
C VAL C 150 5.52 -19.56 -9.40
N VAL C 151 6.35 -19.84 -8.42
CA VAL C 151 6.19 -19.29 -7.09
C VAL C 151 7.47 -18.53 -6.74
N ARG C 152 7.32 -17.32 -6.28
CA ARG C 152 8.45 -16.57 -5.81
C ARG C 152 8.27 -16.26 -4.37
N ALA C 153 9.29 -16.56 -3.59
CA ALA C 153 9.22 -16.39 -2.16
C ALA C 153 10.51 -15.82 -1.58
N SER C 154 10.37 -15.19 -0.43
CA SER C 154 11.50 -14.66 0.33
C SER C 154 11.40 -15.03 1.81
N HIS C 155 12.52 -15.44 2.37
CA HIS C 155 12.66 -15.66 3.78
C HIS C 155 13.79 -14.78 4.25
N ILE C 156 13.38 -13.68 4.85
CA ILE C 156 14.26 -12.58 5.21
C ILE C 156 14.38 -12.48 6.71
N ASN C 157 15.61 -12.46 7.17
CA ASN C 157 15.95 -12.41 8.57
C ASN C 157 17.08 -11.37 8.80
N PRO C 158 17.02 -10.65 9.91
CA PRO C 158 17.94 -9.52 10.08
C PRO C 158 19.42 -9.88 10.31
N ASN C 159 19.69 -10.84 11.16
CA ASN C 159 21.04 -11.26 11.50
C ASN C 159 20.96 -12.59 12.20
N VAL C 160 22.08 -13.29 12.25
CA VAL C 160 22.15 -14.57 12.91
C VAL C 160 23.20 -14.65 14.04
N ALA C 161 23.03 -15.63 14.90
CA ALA C 161 24.00 -15.93 15.94
C ALA C 161 25.29 -16.46 15.42
N SER C 162 26.28 -16.42 16.30
CA SER C 162 27.60 -16.81 15.92
CA SER C 162 27.61 -16.86 16.02
C SER C 162 27.73 -18.32 15.65
N ASN C 163 26.77 -19.10 16.08
CA ASN C 163 26.78 -20.53 15.83
C ASN C 163 25.90 -20.98 14.66
N TYR C 164 25.44 -20.04 13.84
CA TYR C 164 24.61 -20.34 12.68
C TYR C 164 25.48 -20.69 11.49
N SER C 165 25.31 -21.86 10.94
CA SER C 165 26.17 -22.39 9.89
C SER C 165 25.49 -22.42 8.54
N ASN C 166 26.28 -22.67 7.53
CA ASN C 166 25.78 -22.73 6.17
C ASN C 166 24.67 -23.72 6.03
N GLU C 167 24.79 -24.83 6.72
CA GLU C 167 23.80 -25.83 6.56
C GLU C 167 22.49 -25.44 7.21
N MET C 168 22.55 -24.56 8.17
CA MET C 168 21.37 -24.10 8.87
C MET C 168 20.51 -23.17 8.01
N ALA C 169 21.11 -22.58 7.00
CA ALA C 169 20.31 -21.89 6.00
C ALA C 169 19.23 -22.80 5.43
N ILE C 170 19.54 -24.08 5.37
CA ILE C 170 18.57 -25.07 4.95
C ILE C 170 17.78 -25.60 6.11
N THR C 171 18.45 -26.12 7.11
CA THR C 171 17.77 -26.87 8.15
C THR C 171 16.94 -26.05 9.13
N ASP C 172 17.27 -24.78 9.28
CA ASP C 172 16.60 -23.93 10.24
C ASP C 172 15.70 -22.91 9.56
N THR C 173 16.04 -22.56 8.34
CA THR C 173 15.41 -21.43 7.70
C THR C 173 14.59 -21.85 6.48
N LEU C 174 15.24 -22.34 5.43
CA LEU C 174 14.52 -22.81 4.27
C LEU C 174 13.55 -24.00 4.53
N ILE C 175 13.76 -24.72 5.62
CA ILE C 175 12.91 -25.85 5.95
C ILE C 175 11.47 -25.47 5.97
N HIS C 176 11.17 -24.25 6.37
CA HIS C 176 9.80 -23.80 6.41
C HIS C 176 9.14 -23.75 5.03
N GLU C 177 9.87 -23.22 4.07
CA GLU C 177 9.41 -23.18 2.70
C GLU C 177 9.38 -24.56 2.11
N ILE C 178 10.32 -25.40 2.53
CA ILE C 178 10.33 -26.78 2.09
C ILE C 178 9.06 -27.52 2.48
N ASP C 179 8.60 -27.36 3.70
CA ASP C 179 7.33 -27.97 4.05
C ASP C 179 6.16 -27.25 3.38
N GLU C 180 6.25 -25.94 3.26
CA GLU C 180 5.12 -25.12 2.84
C GLU C 180 4.68 -25.32 1.42
N MET C 181 5.64 -25.34 0.51
CA MET C 181 5.31 -25.26 -0.88
C MET C 181 4.59 -26.48 -1.44
N HIS C 182 5.02 -27.67 -1.06
CA HIS C 182 4.32 -28.87 -1.53
C HIS C 182 2.88 -28.92 -1.01
N TRP C 183 2.68 -28.46 0.19
CA TRP C 183 1.33 -28.30 0.72
C TRP C 183 0.53 -27.22 -0.01
N LEU C 184 1.16 -26.08 -0.23
CA LEU C 184 0.52 -24.97 -0.91
C LEU C 184 -0.01 -25.37 -2.30
N LEU C 185 0.83 -26.08 -3.02
CA LEU C 185 0.59 -26.42 -4.40
C LEU C 185 -0.06 -27.78 -4.61
N ASP C 186 -0.18 -28.56 -3.55
CA ASP C 186 -0.63 -29.95 -3.62
C ASP C 186 0.10 -30.71 -4.69
N ASP C 187 1.42 -30.68 -4.60
CA ASP C 187 2.27 -31.23 -5.61
C ASP C 187 3.45 -31.87 -4.89
N GLU C 188 4.30 -32.55 -5.62
CA GLU C 188 5.47 -33.08 -5.00
C GLU C 188 6.69 -32.58 -5.72
N TYR C 189 7.79 -32.50 -5.01
CA TYR C 189 9.04 -32.04 -5.59
C TYR C 189 9.75 -33.07 -6.47
N THR C 190 10.43 -32.58 -7.48
CA THR C 190 11.26 -33.38 -8.35
C THR C 190 12.74 -33.00 -8.26
N SER C 191 13.05 -31.81 -7.79
CA SER C 191 14.44 -31.38 -7.66
C SER C 191 14.60 -30.16 -6.81
N ILE C 192 15.81 -29.94 -6.36
CA ILE C 192 16.19 -28.74 -5.64
C ILE C 192 17.61 -28.33 -6.00
N GLN C 193 17.84 -27.04 -6.10
CA GLN C 193 19.15 -26.49 -6.41
C GLN C 193 19.40 -25.23 -5.60
N ILE C 194 20.54 -25.20 -4.94
CA ILE C 194 20.94 -24.08 -4.13
C ILE C 194 22.10 -23.35 -4.84
N THR C 195 21.91 -22.08 -5.09
CA THR C 195 22.95 -21.25 -5.68
C THR C 195 23.36 -20.10 -4.76
N TYR C 196 24.59 -19.63 -4.94
CA TYR C 196 25.18 -18.64 -4.08
C TYR C 196 25.47 -17.37 -4.87
N PRO C 197 24.68 -16.32 -4.65
CA PRO C 197 24.99 -15.04 -5.23
C PRO C 197 26.16 -14.42 -4.51
N ARG C 198 26.52 -13.23 -4.91
CA ARG C 198 27.45 -12.39 -4.23
C ARG C 198 27.35 -12.52 -2.73
N GLN C 199 28.47 -12.72 -2.06
CA GLN C 199 28.49 -12.84 -0.62
C GLN C 199 28.35 -11.52 0.08
N SER C 200 27.43 -11.45 1.04
CA SER C 200 27.23 -10.23 1.77
C SER C 200 28.34 -9.89 2.75
N ALA C 201 28.67 -8.61 2.78
CA ALA C 201 29.61 -8.09 3.74
C ALA C 201 29.14 -8.16 5.17
N GLU C 202 27.87 -8.46 5.37
CA GLU C 202 27.35 -8.49 6.70
C GLU C 202 27.54 -9.83 7.37
N VAL C 203 27.97 -10.82 6.63
CA VAL C 203 28.20 -12.13 7.19
C VAL C 203 29.40 -12.13 8.16
N ARG C 204 29.18 -12.63 9.36
CA ARG C 204 30.21 -12.67 10.37
C ARG C 204 30.64 -14.11 10.68
N ASN C 205 30.04 -15.08 10.03
CA ASN C 205 30.21 -16.47 10.40
C ASN C 205 30.98 -17.23 9.34
N GLU C 206 32.05 -17.88 9.74
CA GLU C 206 32.88 -18.59 8.82
C GLU C 206 32.09 -19.70 8.13
N GLY C 207 32.19 -19.79 6.81
CA GLY C 207 31.53 -20.81 6.04
C GLY C 207 30.11 -20.52 5.58
N LEU C 208 29.48 -19.54 6.21
CA LEU C 208 28.10 -19.20 5.87
C LEU C 208 27.99 -18.39 4.58
N HIS C 209 27.30 -18.94 3.60
CA HIS C 209 26.95 -18.23 2.42
C HIS C 209 25.61 -17.52 2.64
N ASP C 210 25.57 -16.25 2.34
CA ASP C 210 24.34 -15.47 2.44
C ASP C 210 24.42 -14.30 1.48
N PRO C 211 23.38 -14.10 0.66
CA PRO C 211 22.17 -14.89 0.60
C PRO C 211 22.33 -16.21 -0.12
N GLN C 212 21.27 -17.01 -0.12
CA GLN C 212 21.23 -18.22 -0.90
C GLN C 212 19.96 -18.24 -1.73
N LEU C 213 20.05 -18.78 -2.92
CA LEU C 213 18.91 -18.92 -3.79
C LEU C 213 18.53 -20.39 -3.91
N ALA C 214 17.26 -20.72 -3.71
CA ALA C 214 16.78 -22.07 -3.82
C ALA C 214 15.76 -22.16 -4.92
N THR C 215 15.98 -23.08 -5.83
CA THR C 215 15.03 -23.37 -6.90
C THR C 215 14.54 -24.80 -6.74
N LEU C 216 13.23 -24.96 -6.56
CA LEU C 216 12.58 -26.25 -6.46
C LEU C 216 11.67 -26.46 -7.64
N THR C 217 11.61 -27.69 -8.12
CA THR C 217 10.69 -28.03 -9.17
C THR C 217 9.75 -29.07 -8.67
N THR C 218 8.57 -29.09 -9.25
CA THR C 218 7.51 -29.99 -8.87
C THR C 218 7.12 -30.89 -10.02
N LYS C 219 6.36 -31.91 -9.71
CA LYS C 219 5.94 -32.89 -10.72
C LYS C 219 5.15 -32.26 -11.86
N LYS C 220 4.24 -31.37 -11.52
CA LYS C 220 3.45 -30.67 -12.53
C LYS C 220 4.24 -29.58 -13.26
N GLY C 221 5.44 -29.31 -12.80
CA GLY C 221 6.28 -28.37 -13.52
C GLY C 221 6.35 -26.97 -12.98
N THR C 222 5.73 -26.72 -11.86
CA THR C 222 5.81 -25.43 -11.19
C THR C 222 7.24 -25.21 -10.68
N VAL C 223 7.78 -24.05 -10.93
CA VAL C 223 9.07 -23.69 -10.42
C VAL C 223 8.97 -22.72 -9.26
N ILE C 224 9.66 -23.06 -8.19
CA ILE C 224 9.69 -22.25 -6.99
C ILE C 224 11.05 -21.60 -6.80
N GLN C 225 11.07 -20.28 -6.79
CA GLN C 225 12.29 -19.52 -6.52
C GLN C 225 12.24 -18.86 -5.15
N VAL C 226 13.01 -19.39 -4.21
CA VAL C 226 13.12 -18.82 -2.88
C VAL C 226 14.43 -18.05 -2.66
N LEU C 227 14.29 -16.87 -2.08
CA LEU C 227 15.43 -16.09 -1.64
C LEU C 227 15.56 -16.25 -0.16
N VAL C 228 16.71 -16.74 0.26
CA VAL C 228 17.04 -16.85 1.66
C VAL C 228 18.11 -15.83 2.03
N HIS C 229 17.78 -14.94 2.94
CA HIS C 229 18.68 -13.85 3.25
C HIS C 229 18.61 -13.59 4.73
N VAL C 230 19.61 -14.07 5.45
CA VAL C 230 19.55 -14.12 6.88
C VAL C 230 20.36 -13.06 7.60
N THR C 231 21.03 -12.22 6.84
CA THR C 231 21.71 -11.08 7.38
C THR C 231 21.20 -9.80 6.69
N ALA C 232 19.90 -9.76 6.46
CA ALA C 232 19.32 -8.69 5.69
C ALA C 232 19.23 -7.33 6.40
N GLN C 233 19.44 -7.33 7.71
CA GLN C 233 19.45 -6.14 8.56
C GLN C 233 18.12 -5.48 8.86
N TYR C 234 17.31 -5.28 7.84
CA TYR C 234 16.19 -4.38 7.95
C TYR C 234 15.02 -4.92 8.75
N GLY C 235 14.86 -6.21 8.79
CA GLY C 235 13.71 -6.80 9.42
C GLY C 235 13.61 -8.29 9.20
N TYR C 236 12.56 -8.85 9.77
CA TYR C 236 12.14 -10.21 9.49
C TYR C 236 10.91 -10.18 8.60
N GLU C 237 10.97 -10.86 7.47
CA GLU C 237 9.89 -10.83 6.51
C GLU C 237 9.72 -12.11 5.71
N VAL C 238 8.47 -12.53 5.56
CA VAL C 238 8.10 -13.62 4.72
C VAL C 238 7.24 -13.14 3.57
N LYS C 239 7.69 -13.41 2.36
CA LYS C 239 6.99 -13.00 1.18
C LYS C 239 6.64 -14.20 0.33
N LEU C 240 5.50 -14.12 -0.30
CA LEU C 240 5.00 -15.19 -1.15
C LEU C 240 4.16 -14.64 -2.29
N GLU C 241 4.52 -15.04 -3.49
CA GLU C 241 3.83 -14.68 -4.70
C GLU C 241 3.65 -15.94 -5.57
N VAL C 242 2.42 -16.19 -5.99
CA VAL C 242 2.09 -17.26 -6.92
C VAL C 242 1.66 -16.70 -8.26
N ILE C 243 2.40 -17.09 -9.29
CA ILE C 243 2.14 -16.66 -10.64
C ILE C 243 1.34 -17.75 -11.35
N GLY C 244 0.13 -17.38 -11.73
CA GLY C 244 -0.78 -18.25 -12.42
C GLY C 244 -0.93 -17.96 -13.89
N GLU C 245 -1.60 -18.85 -14.58
CA GLU C 245 -1.88 -18.72 -15.97
C GLU C 245 -2.66 -17.45 -16.29
N THR C 246 -3.53 -17.05 -15.39
CA THR C 246 -4.44 -15.96 -15.67
C THR C 246 -4.41 -14.83 -14.67
N GLY C 247 -3.53 -14.94 -13.68
CA GLY C 247 -3.44 -13.91 -12.68
C GLY C 247 -2.34 -14.19 -11.70
N GLU C 248 -2.23 -13.37 -10.68
CA GLU C 248 -1.26 -13.56 -9.62
C GLU C 248 -1.91 -13.36 -8.27
N LEU C 249 -1.34 -14.00 -7.26
CA LEU C 249 -1.72 -13.85 -5.88
C LEU C 249 -0.48 -13.59 -5.05
N GLN C 250 -0.57 -12.63 -4.16
CA GLN C 250 0.52 -12.39 -3.23
C GLN C 250 0.07 -12.05 -1.85
N LEU C 251 0.89 -12.43 -0.90
CA LEU C 251 0.65 -12.15 0.50
C LEU C 251 0.82 -10.68 0.71
N PRO C 252 -0.09 -10.07 1.45
CA PRO C 252 0.07 -8.67 1.77
C PRO C 252 1.21 -8.45 2.77
N ASN C 253 1.60 -7.20 2.93
CA ASN C 253 2.54 -6.80 3.96
C ASN C 253 1.99 -7.19 5.32
N TYR C 254 2.86 -7.71 6.18
CA TYR C 254 2.46 -8.11 7.50
C TYR C 254 2.42 -6.87 8.39
N GLY C 255 1.50 -6.83 9.32
CA GLY C 255 1.53 -5.80 10.33
C GLY C 255 0.25 -5.03 10.45
N LEU C 256 -0.06 -4.65 11.66
CA LEU C 256 -1.30 -4.00 11.96
C LEU C 256 -1.06 -2.55 12.34
N GLY C 257 0.18 -2.17 12.40
CA GLY C 257 0.61 -0.88 12.87
C GLY C 257 0.30 0.21 11.90
N PRO C 258 0.41 1.44 12.35
CA PRO C 258 -0.12 2.51 11.55
C PRO C 258 0.81 2.96 10.45
N ILE C 259 0.21 3.63 9.48
CA ILE C 259 0.92 4.35 8.48
C ILE C 259 1.29 5.74 9.01
N LEU C 260 2.59 6.01 9.02
CA LEU C 260 3.15 7.23 9.49
C LEU C 260 3.58 8.13 8.36
N ARG C 261 3.05 9.33 8.37
CA ARG C 261 3.53 10.41 7.54
C ARG C 261 4.37 11.35 8.36
N SER C 262 5.65 11.44 8.01
CA SER C 262 6.61 12.15 8.80
C SER C 262 7.89 12.31 8.00
N ASN C 263 8.51 13.47 8.09
CA ASN C 263 9.88 13.65 7.61
C ASN C 263 10.09 13.24 6.16
N ALA C 264 9.20 13.71 5.31
CA ALA C 264 9.27 13.50 3.88
C ALA C 264 9.07 12.08 3.43
N ASN C 265 8.48 11.28 4.29
CA ASN C 265 8.15 9.94 3.92
CA ASN C 265 8.19 9.89 4.00
C ASN C 265 6.87 9.39 4.53
N GLN C 266 6.37 8.36 3.88
CA GLN C 266 5.25 7.60 4.35
C GLN C 266 5.80 6.22 4.66
N GLN C 267 5.55 5.75 5.87
CA GLN C 267 6.12 4.50 6.30
C GLN C 267 5.28 3.64 7.20
N THR C 268 5.61 2.36 7.15
CA THR C 268 5.09 1.38 8.06
C THR C 268 6.23 0.56 8.71
N ALA C 269 6.02 0.15 9.94
CA ALA C 269 7.01 -0.65 10.62
C ALA C 269 7.15 -2.04 10.05
N VAL C 270 8.37 -2.56 10.11
CA VAL C 270 8.66 -3.93 9.80
C VAL C 270 9.03 -4.68 11.06
N GLU C 271 8.43 -5.84 11.24
CA GLU C 271 8.72 -6.75 12.31
C GLU C 271 10.19 -7.09 12.35
N MET C 272 10.77 -7.12 13.53
CA MET C 272 12.14 -7.53 13.65
CA MET C 272 12.16 -7.52 13.66
C MET C 272 12.33 -8.92 14.21
N SER C 273 11.25 -9.47 14.74
CA SER C 273 11.29 -10.74 15.44
C SER C 273 10.47 -11.79 14.76
N TRP C 274 11.08 -12.89 14.39
CA TRP C 274 10.29 -14.01 13.93
C TRP C 274 9.20 -14.47 14.91
N ILE C 275 9.47 -14.26 16.18
CA ILE C 275 8.61 -14.68 17.24
C ILE C 275 7.28 -14.01 17.16
N ASN C 276 7.32 -12.73 16.98
CA ASN C 276 6.11 -12.05 16.88
C ASN C 276 5.45 -12.36 15.52
N ARG C 277 6.23 -12.59 14.47
CA ARG C 277 5.66 -12.81 13.15
C ARG C 277 4.68 -13.99 13.11
N PHE C 278 5.05 -15.07 13.78
CA PHE C 278 4.28 -16.29 13.69
C PHE C 278 3.57 -16.71 14.96
N ILE C 279 3.39 -15.75 15.85
CA ILE C 279 2.73 -15.99 17.10
C ILE C 279 1.34 -16.61 16.92
N GLN C 280 0.58 -16.11 15.96
CA GLN C 280 -0.71 -16.67 15.67
C GLN C 280 -0.62 -18.12 15.23
N ALA C 281 0.25 -18.41 14.31
CA ALA C 281 0.37 -19.76 13.81
C ALA C 281 0.81 -20.75 14.86
N TYR C 282 1.72 -20.35 15.73
CA TYR C 282 2.14 -21.24 16.80
C TYR C 282 0.95 -21.54 17.71
N ASN C 283 0.19 -20.52 18.04
CA ASN C 283 -0.94 -20.72 18.92
C ASN C 283 -1.98 -21.62 18.30
N THR C 284 -2.29 -21.36 17.06
CA THR C 284 -3.29 -22.15 16.37
C THR C 284 -2.89 -23.63 16.21
N GLU C 285 -1.65 -23.85 15.88
CA GLU C 285 -1.13 -25.17 15.64
C GLU C 285 -1.21 -26.02 16.91
N VAL C 286 -0.83 -25.42 18.02
CA VAL C 286 -0.82 -26.11 19.28
C VAL C 286 -2.22 -26.31 19.80
N GLN C 287 -3.07 -25.33 19.62
CA GLN C 287 -4.44 -25.49 20.06
C GLN C 287 -5.09 -26.63 19.31
N GLU C 288 -4.79 -26.76 18.04
CA GLU C 288 -5.40 -27.79 17.26
C GLU C 288 -4.93 -29.19 17.71
N PHE C 289 -3.65 -29.31 18.01
CA PHE C 289 -3.11 -30.54 18.55
C PHE C 289 -3.79 -30.92 19.85
N ILE C 290 -3.88 -29.98 20.77
CA ILE C 290 -4.51 -30.22 22.03
C ILE C 290 -5.99 -30.61 21.86
N ASP C 291 -6.69 -29.93 20.99
CA ASP C 291 -8.06 -30.24 20.76
C ASP C 291 -8.25 -31.66 20.21
N GLU C 292 -7.33 -32.12 19.37
CA GLU C 292 -7.40 -33.48 18.86
C GLU C 292 -7.13 -34.48 19.97
N VAL C 293 -6.08 -34.29 20.71
CA VAL C 293 -5.79 -35.18 21.82
C VAL C 293 -6.92 -35.25 22.83
N ALA C 294 -7.61 -34.15 23.03
CA ALA C 294 -8.69 -34.13 23.97
C ALA C 294 -9.76 -35.11 23.57
N LYS C 295 -9.87 -35.34 22.28
CA LYS C 295 -10.86 -36.23 21.70
C LYS C 295 -10.32 -37.61 21.44
N SER C 296 -9.07 -37.84 21.76
CA SER C 296 -8.38 -39.08 21.45
C SER C 296 -8.42 -39.36 19.99
N GLU C 297 -8.36 -38.30 19.21
CA GLU C 297 -8.32 -38.43 17.80
C GLU C 297 -6.92 -38.11 17.35
N PRO C 298 -6.51 -38.72 16.27
CA PRO C 298 -5.22 -38.39 15.68
C PRO C 298 -5.13 -36.93 15.28
N PRO C 299 -3.93 -36.37 15.38
CA PRO C 299 -3.67 -35.05 14.85
C PRO C 299 -3.99 -34.92 13.38
N VAL C 300 -4.35 -33.71 12.99
CA VAL C 300 -4.63 -33.41 11.63
C VAL C 300 -3.62 -32.46 11.02
N GLY C 301 -2.64 -32.05 11.79
CA GLY C 301 -1.57 -31.23 11.30
C GLY C 301 -0.49 -32.00 10.57
N PRO C 302 0.61 -31.32 10.26
CA PRO C 302 1.72 -31.95 9.56
C PRO C 302 2.17 -33.21 10.30
N SER C 303 2.40 -34.25 9.52
CA SER C 303 2.59 -35.58 10.05
C SER C 303 4.02 -35.99 9.94
N ALA C 304 4.31 -37.17 10.43
CA ALA C 304 5.61 -37.73 10.24
C ALA C 304 5.98 -37.91 8.78
N TRP C 305 4.98 -38.13 7.94
CA TRP C 305 5.24 -38.23 6.53
C TRP C 305 5.72 -36.87 5.95
N ASP C 306 5.07 -35.81 6.37
CA ASP C 306 5.53 -34.47 6.01
C ASP C 306 6.94 -34.26 6.54
N GLY C 307 7.23 -34.78 7.72
CA GLY C 307 8.56 -34.71 8.29
C GLY C 307 9.60 -35.39 7.44
N TYR C 308 9.22 -36.53 6.88
CA TYR C 308 10.06 -37.30 5.98
C TYR C 308 10.31 -36.59 4.65
N ILE C 309 9.26 -36.08 4.04
CA ILE C 309 9.39 -35.26 2.84
C ILE C 309 10.35 -34.09 3.08
N ALA C 310 10.18 -33.41 4.20
CA ALA C 310 11.07 -32.32 4.51
C ALA C 310 12.50 -32.75 4.71
N ALA C 311 12.70 -33.87 5.39
CA ALA C 311 14.04 -34.37 5.61
C ALA C 311 14.72 -34.82 4.33
N ILE C 312 13.99 -35.48 3.45
CA ILE C 312 14.52 -35.83 2.14
C ILE C 312 14.93 -34.61 1.34
N THR C 313 14.09 -33.59 1.37
CA THR C 313 14.34 -32.40 0.59
C THR C 313 15.48 -31.58 1.20
N ALA C 314 15.52 -31.47 2.50
CA ALA C 314 16.64 -30.81 3.16
C ALA C 314 17.95 -31.50 2.87
N ALA C 315 17.94 -32.82 2.87
CA ALA C 315 19.12 -33.56 2.59
C ALA C 315 19.61 -33.28 1.19
N ALA C 316 18.69 -33.18 0.26
CA ALA C 316 19.03 -32.87 -1.10
C ALA C 316 19.57 -31.48 -1.22
N ALA C 317 18.99 -30.57 -0.47
CA ALA C 317 19.49 -29.21 -0.44
C ALA C 317 20.91 -29.10 0.11
N ASN C 318 21.19 -29.75 1.22
CA ASN C 318 22.54 -29.73 1.78
C ASN C 318 23.57 -30.35 0.82
N ARG C 319 23.17 -31.37 0.11
CA ARG C 319 24.00 -31.87 -0.96
C ARG C 319 24.23 -30.84 -2.05
N SER C 320 23.19 -30.12 -2.45
CA SER C 320 23.33 -29.13 -3.49
C SER C 320 24.25 -27.99 -3.07
N GLN C 321 24.31 -27.71 -1.80
CA GLN C 321 25.13 -26.65 -1.30
C GLN C 321 26.60 -26.87 -1.55
N LYS C 322 27.01 -28.11 -1.73
CA LYS C 322 28.43 -28.40 -1.93
C LYS C 322 28.96 -27.91 -3.27
N ASP C 323 28.18 -28.04 -4.31
CA ASP C 323 28.63 -27.71 -5.66
C ASP C 323 27.69 -26.84 -6.45
N GLN C 324 26.57 -26.46 -5.84
CA GLN C 324 25.52 -25.68 -6.48
C GLN C 324 24.84 -26.38 -7.62
N GLU C 325 24.85 -27.69 -7.56
CA GLU C 325 24.22 -28.47 -8.59
C GLU C 325 22.86 -28.94 -8.19
N THR C 326 22.02 -29.12 -9.19
CA THR C 326 20.70 -29.64 -9.00
C THR C 326 20.73 -31.08 -8.46
N VAL C 327 19.91 -31.35 -7.48
CA VAL C 327 19.75 -32.66 -6.90
C VAL C 327 18.32 -33.14 -7.08
N LEU C 328 18.15 -34.32 -7.64
CA LEU C 328 16.84 -34.86 -7.80
C LEU C 328 16.20 -35.35 -6.50
N ILE C 329 14.89 -35.27 -6.47
CA ILE C 329 14.07 -35.73 -5.37
C ILE C 329 12.95 -36.59 -5.90
N ASN C 330 12.76 -37.77 -5.34
CA ASN C 330 11.66 -38.59 -5.74
C ASN C 330 11.13 -39.29 -4.56
N VAL C 331 10.14 -38.71 -3.94
CA VAL C 331 9.58 -39.33 -2.78
C VAL C 331 8.47 -40.34 -3.09
N ALA C 332 8.45 -41.37 -2.29
CA ALA C 332 7.56 -42.46 -2.48
C ALA C 332 6.15 -42.01 -2.26
N GLY C 333 5.22 -42.83 -2.70
CA GLY C 333 3.83 -42.47 -2.57
C GLY C 333 3.46 -42.46 -1.11
N THR C 334 2.51 -41.61 -0.79
CA THR C 334 2.06 -41.45 0.57
C THR C 334 1.23 -42.62 1.01
N PRO C 335 1.62 -43.25 2.10
CA PRO C 335 0.81 -44.33 2.65
C PRO C 335 -0.58 -43.89 3.05
N THR C 336 -1.54 -44.78 2.85
CA THR C 336 -2.89 -44.47 3.23
C THR C 336 -3.00 -44.01 4.67
N PHE C 337 -2.16 -44.55 5.53
CA PHE C 337 -2.11 -44.19 6.94
C PHE C 337 -1.94 -42.69 7.12
N TYR C 338 -1.23 -42.08 6.18
CA TYR C 338 -0.91 -40.67 6.23
C TYR C 338 -1.75 -39.76 5.31
N GLN C 339 -2.82 -40.31 4.77
CA GLN C 339 -3.75 -39.53 3.99
C GLN C 339 -4.90 -39.09 4.90
N MET D 1 2.19 29.37 -35.24
CA MET D 1 3.14 30.41 -34.92
C MET D 1 3.72 30.23 -33.49
N VAL D 2 4.97 30.59 -33.27
CA VAL D 2 5.52 30.60 -31.92
C VAL D 2 5.02 31.77 -31.10
N VAL D 3 4.37 31.48 -30.00
CA VAL D 3 3.80 32.44 -29.12
C VAL D 3 4.87 33.14 -28.26
N LYS D 4 4.95 34.45 -28.40
CA LYS D 4 5.90 35.23 -27.64
C LYS D 4 5.24 35.67 -26.34
N VAL D 5 5.89 35.26 -25.26
CA VAL D 5 5.36 35.37 -23.92
C VAL D 5 6.14 36.34 -23.05
N GLY D 6 5.39 37.12 -22.31
CA GLY D 6 5.90 37.86 -21.20
C GLY D 6 5.44 37.33 -19.84
N VAL D 7 6.36 37.32 -18.90
CA VAL D 7 6.08 36.81 -17.58
C VAL D 7 6.25 37.91 -16.54
N ILE D 8 5.19 38.16 -15.81
CA ILE D 8 5.15 39.12 -14.71
C ILE D 8 5.13 38.39 -13.37
N GLY D 9 6.22 38.47 -12.66
CA GLY D 9 6.46 37.71 -11.45
C GLY D 9 7.35 36.52 -11.74
N THR D 10 8.58 36.59 -11.29
CA THR D 10 9.53 35.55 -11.58
C THR D 10 10.10 34.97 -10.30
N GLY D 11 9.20 34.56 -9.42
CA GLY D 11 9.53 33.80 -8.23
C GLY D 11 9.41 32.31 -8.50
N ALA D 12 9.01 31.54 -7.52
CA ALA D 12 9.04 30.11 -7.64
C ALA D 12 8.20 29.57 -8.81
N MET D 13 6.96 30.01 -8.89
CA MET D 13 6.12 29.55 -9.95
C MET D 13 6.38 30.24 -11.27
N GLY D 14 6.75 31.50 -11.22
CA GLY D 14 7.16 32.18 -12.42
C GLY D 14 8.30 31.49 -13.11
N ARG D 15 9.27 31.11 -12.31
CA ARG D 15 10.39 30.34 -12.79
C ARG D 15 9.98 28.97 -13.35
N ALA D 16 9.12 28.27 -12.65
CA ALA D 16 8.66 26.99 -13.13
C ALA D 16 7.90 27.05 -14.47
N HIS D 17 7.12 28.10 -14.64
CA HIS D 17 6.41 28.29 -15.90
C HIS D 17 7.37 28.68 -17.03
N ILE D 18 8.36 29.49 -16.71
CA ILE D 18 9.38 29.82 -17.68
C ILE D 18 10.11 28.57 -18.10
N ASP D 19 10.44 27.73 -17.14
CA ASP D 19 11.15 26.50 -17.40
C ASP D 19 10.36 25.62 -18.33
N ARG D 20 9.07 25.44 -18.05
CA ARG D 20 8.26 24.57 -18.86
C ARG D 20 8.03 25.12 -20.26
N LEU D 21 7.82 26.42 -20.36
CA LEU D 21 7.63 27.06 -21.64
C LEU D 21 8.86 26.98 -22.53
N THR D 22 10.01 26.99 -21.91
CA THR D 22 11.28 27.04 -22.61
C THR D 22 11.76 25.64 -22.96
N ASN D 23 11.65 24.71 -22.05
CA ASN D 23 12.32 23.45 -22.18
C ASN D 23 11.46 22.24 -22.40
N VAL D 24 10.17 22.35 -22.19
CA VAL D 24 9.30 21.18 -22.21
C VAL D 24 8.16 21.34 -23.21
N LEU D 25 7.48 22.46 -23.14
CA LEU D 25 6.32 22.68 -23.96
C LEU D 25 6.68 23.10 -25.36
N THR D 26 5.70 23.08 -26.25
CA THR D 26 5.90 23.44 -27.62
C THR D 26 5.26 24.75 -28.02
N GLY D 27 5.92 25.50 -28.87
CA GLY D 27 5.32 26.63 -29.52
C GLY D 27 5.35 27.95 -28.77
N ALA D 28 6.27 28.08 -27.85
CA ALA D 28 6.36 29.29 -27.08
C ALA D 28 7.78 29.71 -26.82
N GLU D 29 7.97 31.02 -26.67
CA GLU D 29 9.24 31.60 -26.26
C GLU D 29 8.99 32.75 -25.28
N VAL D 30 9.71 32.76 -24.16
CA VAL D 30 9.66 33.85 -23.22
C VAL D 30 10.63 34.95 -23.68
N VAL D 31 10.06 36.08 -24.05
CA VAL D 31 10.78 37.21 -24.63
C VAL D 31 10.83 38.44 -23.74
N ALA D 32 10.13 38.40 -22.63
CA ALA D 32 10.11 39.50 -21.66
C ALA D 32 9.70 39.06 -20.26
N VAL D 33 10.36 39.62 -19.28
CA VAL D 33 10.01 39.43 -17.88
C VAL D 33 10.03 40.72 -17.10
N THR D 34 9.33 40.71 -15.97
CA THR D 34 9.45 41.74 -14.97
C THR D 34 9.13 41.19 -13.61
N ASP D 35 9.71 41.81 -12.58
CA ASP D 35 9.46 41.50 -11.20
C ASP D 35 9.80 42.74 -10.41
N ILE D 36 9.11 42.96 -9.30
CA ILE D 36 9.45 44.07 -8.42
C ILE D 36 10.86 43.96 -7.81
N ASP D 37 11.38 42.74 -7.78
CA ASP D 37 12.77 42.48 -7.46
C ASP D 37 13.47 42.28 -8.79
N HIS D 38 14.20 43.30 -9.21
CA HIS D 38 14.88 43.26 -10.48
CA HIS D 38 14.88 43.28 -10.48
C HIS D 38 15.89 42.13 -10.54
N GLU D 39 16.52 41.86 -9.43
CA GLU D 39 17.45 40.77 -9.43
C GLU D 39 16.83 39.42 -9.71
N ALA D 40 15.62 39.23 -9.25
CA ALA D 40 14.91 38.01 -9.53
C ALA D 40 14.59 37.89 -11.02
N ALA D 41 14.24 38.99 -11.62
CA ALA D 41 13.94 38.98 -13.03
C ALA D 41 15.18 38.62 -13.83
N GLU D 42 16.28 39.25 -13.48
CA GLU D 42 17.52 38.97 -14.16
C GLU D 42 17.99 37.54 -13.94
N ALA D 43 17.74 37.01 -12.77
CA ALA D 43 18.10 35.65 -12.47
C ALA D 43 17.34 34.65 -13.32
N ALA D 44 16.07 34.94 -13.58
CA ALA D 44 15.25 34.10 -14.40
C ALA D 44 15.74 34.06 -15.84
N VAL D 45 16.10 35.23 -16.34
CA VAL D 45 16.63 35.33 -17.68
C VAL D 45 17.92 34.52 -17.84
N ARG D 46 18.80 34.65 -16.89
CA ARG D 46 20.03 33.91 -16.98
C ARG D 46 19.91 32.43 -16.68
N ASP D 47 19.14 32.08 -15.66
CA ASP D 47 19.05 30.69 -15.26
C ASP D 47 18.37 29.80 -16.31
N PHE D 48 17.48 30.41 -17.08
CA PHE D 48 16.76 29.69 -18.11
C PHE D 48 17.23 30.00 -19.53
N HIS D 49 18.34 30.72 -19.61
CA HIS D 49 19.04 31.03 -20.85
C HIS D 49 18.17 31.73 -21.88
N LEU D 50 17.51 32.76 -21.44
CA LEU D 50 16.58 33.45 -22.26
C LEU D 50 17.22 34.62 -22.98
N ASN D 51 16.71 34.89 -24.16
CA ASN D 51 16.91 36.16 -24.82
C ASN D 51 15.66 36.99 -24.56
N ALA D 52 15.62 37.61 -23.41
CA ALA D 52 14.43 38.29 -22.97
C ALA D 52 14.75 39.66 -22.44
N LYS D 53 13.88 40.61 -22.73
CA LYS D 53 13.92 41.93 -22.13
C LYS D 53 13.52 41.91 -20.67
N VAL D 54 14.20 42.68 -19.86
CA VAL D 54 13.82 42.88 -18.48
C VAL D 54 13.24 44.27 -18.33
N TYR D 55 11.94 44.31 -18.12
CA TYR D 55 11.19 45.54 -17.97
C TYR D 55 11.11 45.94 -16.48
N PRO D 56 11.07 47.23 -16.20
CA PRO D 56 11.06 47.68 -14.82
C PRO D 56 9.73 47.46 -14.12
N ASP D 57 8.65 47.26 -14.87
CA ASP D 57 7.34 47.07 -14.29
C ASP D 57 6.39 46.46 -15.29
N ASP D 58 5.22 46.08 -14.80
CA ASP D 58 4.22 45.48 -15.65
C ASP D 58 3.70 46.40 -16.75
N THR D 59 3.55 47.68 -16.44
CA THR D 59 2.98 48.55 -17.44
C THR D 59 3.85 48.70 -18.67
N SER D 60 5.15 48.75 -18.49
CA SER D 60 6.03 48.83 -19.64
C SER D 60 6.09 47.55 -20.46
N LEU D 61 6.09 46.42 -19.79
CA LEU D 61 6.04 45.16 -20.47
C LEU D 61 4.77 45.00 -21.29
N LEU D 62 3.67 45.42 -20.71
CA LEU D 62 2.37 45.31 -21.39
C LEU D 62 2.25 46.18 -22.62
N GLN D 63 3.11 47.19 -22.73
CA GLN D 63 3.08 48.10 -23.85
C GLN D 63 4.05 47.72 -24.96
N ASP D 64 4.67 46.56 -24.83
CA ASP D 64 5.51 45.99 -25.88
C ASP D 64 4.62 45.24 -26.88
N PRO D 65 4.56 45.71 -28.11
CA PRO D 65 3.61 45.11 -29.05
C PRO D 65 4.00 43.74 -29.53
N ASP D 66 5.23 43.34 -29.31
CA ASP D 66 5.68 42.06 -29.80
C ASP D 66 5.29 40.88 -28.91
N ILE D 67 4.71 41.17 -27.77
CA ILE D 67 4.28 40.12 -26.89
C ILE D 67 2.85 39.71 -27.21
N ASP D 68 2.66 38.42 -27.36
CA ASP D 68 1.37 37.86 -27.69
C ASP D 68 0.50 37.54 -26.46
N ALA D 69 1.15 37.18 -25.38
CA ALA D 69 0.46 36.67 -24.20
C ALA D 69 1.32 36.96 -23.00
N VAL D 70 0.65 37.24 -21.89
CA VAL D 70 1.31 37.45 -20.63
C VAL D 70 0.86 36.47 -19.57
N PHE D 71 1.83 36.07 -18.75
CA PHE D 71 1.60 35.24 -17.59
C PHE D 71 1.73 36.09 -16.35
N VAL D 72 0.69 36.11 -15.54
CA VAL D 72 0.70 36.84 -14.28
C VAL D 72 0.99 35.85 -13.14
N VAL D 73 2.16 35.98 -12.56
CA VAL D 73 2.66 34.97 -11.63
C VAL D 73 3.26 35.61 -10.39
N SER D 74 2.72 36.78 -10.07
CA SER D 74 3.12 37.53 -8.91
C SER D 74 2.35 37.06 -7.67
N PHE D 75 2.66 37.66 -6.54
CA PHE D 75 1.89 37.50 -5.32
C PHE D 75 0.41 37.66 -5.63
N GLY D 76 -0.42 36.83 -5.03
CA GLY D 76 -1.83 36.81 -5.36
C GLY D 76 -2.50 38.17 -5.30
N GLY D 77 -2.13 38.96 -4.31
CA GLY D 77 -2.68 40.28 -4.14
C GLY D 77 -2.37 41.25 -5.22
N ALA D 78 -1.41 40.90 -6.04
CA ALA D 78 -0.97 41.72 -7.13
C ALA D 78 -1.64 41.38 -8.45
N HIS D 79 -2.36 40.29 -8.52
CA HIS D 79 -2.95 39.88 -9.78
C HIS D 79 -3.97 40.87 -10.31
N GLU D 80 -4.82 41.37 -9.43
CA GLU D 80 -5.94 42.21 -9.85
C GLU D 80 -5.54 43.41 -10.71
N ALA D 81 -4.61 44.21 -10.21
CA ALA D 81 -4.20 45.41 -10.92
C ALA D 81 -3.50 45.03 -12.23
N THR D 82 -2.68 44.00 -12.21
CA THR D 82 -1.96 43.60 -13.40
C THR D 82 -2.90 43.07 -14.51
N VAL D 83 -3.88 42.28 -14.11
CA VAL D 83 -4.84 41.79 -15.06
C VAL D 83 -5.69 42.91 -15.67
N LEU D 84 -6.14 43.83 -14.84
CA LEU D 84 -6.86 44.97 -15.33
C LEU D 84 -6.05 45.80 -16.35
N LYS D 85 -4.77 46.04 -16.07
CA LYS D 85 -3.91 46.71 -17.01
C LYS D 85 -3.73 45.94 -18.30
N ALA D 86 -3.59 44.64 -18.21
CA ALA D 86 -3.44 43.82 -19.40
C ALA D 86 -4.67 43.82 -20.30
N LEU D 87 -5.83 43.92 -19.69
CA LEU D 87 -7.07 44.00 -20.44
C LEU D 87 -7.17 45.31 -21.27
N ASP D 88 -6.26 46.22 -21.06
CA ASP D 88 -6.16 47.39 -21.89
C ASP D 88 -5.38 47.14 -23.16
N THR D 89 -4.82 45.96 -23.28
CA THR D 89 -4.12 45.53 -24.46
C THR D 89 -4.91 44.46 -25.17
N ASP D 90 -4.39 43.97 -26.27
CA ASP D 90 -5.02 42.86 -26.95
C ASP D 90 -4.31 41.55 -26.69
N LYS D 91 -3.58 41.51 -25.61
CA LYS D 91 -2.85 40.31 -25.29
C LYS D 91 -3.72 39.28 -24.60
N PHE D 92 -3.38 38.03 -24.82
CA PHE D 92 -3.98 36.97 -24.05
C PHE D 92 -3.31 36.93 -22.67
N ILE D 93 -4.08 36.48 -21.70
CA ILE D 93 -3.68 36.56 -20.31
C ILE D 93 -3.85 35.22 -19.61
N PHE D 94 -2.76 34.67 -19.11
CA PHE D 94 -2.81 33.55 -18.19
C PHE D 94 -2.42 34.07 -16.80
N THR D 95 -3.37 34.02 -15.89
CA THR D 95 -3.07 34.37 -14.52
C THR D 95 -3.11 33.14 -13.64
N GLU D 96 -2.13 33.05 -12.76
CA GLU D 96 -2.23 32.09 -11.72
C GLU D 96 -3.41 32.44 -10.83
N LYS D 97 -3.90 31.42 -10.15
CA LYS D 97 -4.83 31.65 -9.09
C LYS D 97 -4.18 32.39 -7.92
N PRO D 98 -4.98 33.10 -7.14
CA PRO D 98 -6.38 33.43 -7.36
C PRO D 98 -6.54 34.51 -8.45
N LEU D 99 -7.71 34.65 -9.00
CA LEU D 99 -7.95 35.75 -9.91
C LEU D 99 -7.71 37.10 -9.22
N ALA D 100 -8.18 37.21 -8.00
CA ALA D 100 -7.92 38.32 -7.15
C ALA D 100 -8.09 37.82 -5.74
N THR D 101 -7.70 38.62 -4.77
CA THR D 101 -7.82 38.23 -3.39
C THR D 101 -9.07 38.77 -2.70
N THR D 102 -9.90 39.45 -3.45
CA THR D 102 -11.18 39.93 -2.95
C THR D 102 -12.24 39.67 -4.00
N LEU D 103 -13.45 39.60 -3.52
CA LEU D 103 -14.57 39.49 -4.39
C LEU D 103 -14.71 40.73 -5.29
N GLU D 104 -14.53 41.89 -4.73
CA GLU D 104 -14.68 43.08 -5.53
C GLU D 104 -13.65 43.19 -6.67
N GLY D 105 -12.43 42.76 -6.40
CA GLY D 105 -11.39 42.71 -7.41
C GLY D 105 -11.68 41.74 -8.55
N ALA D 106 -12.19 40.58 -8.18
CA ALA D 106 -12.57 39.61 -9.16
C ALA D 106 -13.69 40.09 -10.07
N LYS D 107 -14.64 40.77 -9.45
CA LYS D 107 -15.78 41.33 -10.16
C LYS D 107 -15.34 42.46 -11.10
N ARG D 108 -14.38 43.25 -10.68
CA ARG D 108 -13.80 44.25 -11.55
CA ARG D 108 -13.81 44.27 -11.56
C ARG D 108 -13.23 43.66 -12.82
N ILE D 109 -12.55 42.55 -12.67
CA ILE D 109 -11.94 41.90 -13.81
C ILE D 109 -12.97 41.35 -14.77
N VAL D 110 -13.95 40.67 -14.24
CA VAL D 110 -15.02 40.17 -15.07
C VAL D 110 -15.77 41.32 -15.76
N ASP D 111 -16.12 42.34 -15.01
CA ASP D 111 -16.79 43.49 -15.60
C ASP D 111 -15.98 44.09 -16.76
N LYS D 112 -14.67 44.22 -16.60
CA LYS D 112 -13.86 44.72 -17.68
C LYS D 112 -13.72 43.77 -18.85
N GLU D 113 -13.51 42.49 -18.57
CA GLU D 113 -13.39 41.55 -19.67
C GLU D 113 -14.69 41.44 -20.49
N LEU D 114 -15.81 41.61 -19.82
CA LEU D 114 -17.08 41.56 -20.52
C LEU D 114 -17.23 42.68 -21.52
N THR D 115 -16.42 43.72 -21.41
CA THR D 115 -16.50 44.78 -22.40
C THR D 115 -15.72 44.49 -23.65
N LYS D 116 -15.04 43.36 -23.71
CA LYS D 116 -14.17 43.09 -24.83
C LYS D 116 -14.87 42.26 -25.85
N SER D 117 -14.28 42.13 -27.01
CA SER D 117 -14.98 41.41 -28.06
C SER D 117 -14.75 39.93 -28.04
N LYS D 118 -13.77 39.50 -27.27
CA LYS D 118 -13.56 38.10 -27.05
C LYS D 118 -12.84 37.87 -25.74
N LYS D 119 -12.95 36.66 -25.27
CA LYS D 119 -12.40 36.27 -24.00
C LYS D 119 -10.92 36.01 -24.17
N VAL D 120 -10.14 36.50 -23.21
CA VAL D 120 -8.70 36.41 -23.29
C VAL D 120 -8.01 35.85 -22.03
N ILE D 121 -8.75 35.73 -20.95
CA ILE D 121 -8.18 35.28 -19.67
C ILE D 121 -8.39 33.79 -19.42
N GLN D 122 -7.29 33.13 -19.04
CA GLN D 122 -7.34 31.83 -18.44
C GLN D 122 -6.78 31.92 -17.03
N VAL D 123 -7.43 31.25 -16.09
CA VAL D 123 -6.99 31.20 -14.72
C VAL D 123 -6.36 29.82 -14.46
N GLY D 124 -5.23 29.82 -13.75
CA GLY D 124 -4.51 28.61 -13.43
C GLY D 124 -5.03 27.60 -12.41
N PHE D 125 -6.29 27.25 -12.54
CA PHE D 125 -6.87 26.18 -11.75
C PHE D 125 -6.49 24.81 -12.32
N MET D 126 -5.29 24.38 -11.99
CA MET D 126 -4.70 23.23 -12.66
C MET D 126 -5.25 21.89 -12.23
N ARG D 127 -5.91 21.85 -11.07
CA ARG D 127 -6.42 20.59 -10.54
C ARG D 127 -7.28 19.87 -11.58
N ARG D 128 -8.03 20.63 -12.36
CA ARG D 128 -8.90 20.12 -13.39
C ARG D 128 -8.17 19.37 -14.51
N TYR D 129 -6.87 19.61 -14.61
CA TYR D 129 -6.04 19.01 -15.63
C TYR D 129 -5.24 17.80 -15.11
N ASP D 130 -5.23 17.60 -13.80
CA ASP D 130 -4.46 16.50 -13.23
C ASP D 130 -5.07 15.15 -13.59
N GLN D 131 -4.25 14.27 -14.12
CA GLN D 131 -4.73 13.02 -14.67
C GLN D 131 -5.41 12.12 -13.64
N GLY D 132 -4.89 12.12 -12.45
CA GLY D 132 -5.50 11.35 -11.39
C GLY D 132 -6.84 11.87 -10.96
N ILE D 133 -6.94 13.17 -10.77
CA ILE D 133 -8.18 13.79 -10.40
C ILE D 133 -9.21 13.62 -11.50
N ARG D 134 -8.76 13.75 -12.74
CA ARG D 134 -9.64 13.50 -13.87
C ARG D 134 -10.11 12.05 -13.94
N ALA D 135 -9.22 11.13 -13.69
CA ALA D 135 -9.62 9.73 -13.68
C ALA D 135 -10.65 9.42 -12.62
N LEU D 136 -10.53 10.05 -11.47
CA LEU D 136 -11.51 9.86 -10.42
C LEU D 136 -12.87 10.42 -10.83
N LYS D 137 -12.88 11.61 -11.40
CA LYS D 137 -14.11 12.23 -11.82
C LYS D 137 -14.78 11.38 -12.85
N GLU D 138 -14.02 10.84 -13.76
CA GLU D 138 -14.64 10.10 -14.82
C GLU D 138 -15.22 8.81 -14.31
N LYS D 139 -14.56 8.17 -13.37
CA LYS D 139 -15.10 6.98 -12.75
C LYS D 139 -16.37 7.30 -11.97
N LEU D 140 -16.38 8.40 -11.26
CA LEU D 140 -17.56 8.84 -10.54
C LEU D 140 -18.73 8.99 -11.50
N ASP D 141 -18.45 9.58 -12.62
CA ASP D 141 -19.49 9.91 -13.58
C ASP D 141 -20.07 8.69 -14.28
N THR D 142 -19.46 7.53 -14.15
CA THR D 142 -20.03 6.29 -14.64
C THR D 142 -21.21 5.80 -13.83
N GLY D 143 -21.31 6.26 -12.61
CA GLY D 143 -22.38 5.86 -11.72
C GLY D 143 -22.07 4.67 -10.84
N ILE D 144 -20.87 4.18 -10.91
CA ILE D 144 -20.49 3.00 -10.22
C ILE D 144 -20.61 3.06 -8.69
N ILE D 145 -20.51 4.24 -8.10
CA ILE D 145 -20.69 4.36 -6.67
C ILE D 145 -21.96 5.11 -6.27
N GLY D 146 -22.81 5.34 -7.24
CA GLY D 146 -24.02 6.07 -6.98
C GLY D 146 -23.77 7.54 -6.82
N ALA D 147 -24.69 8.22 -6.17
CA ALA D 147 -24.59 9.65 -6.02
C ALA D 147 -23.56 10.03 -4.97
N PRO D 148 -22.83 11.13 -5.21
CA PRO D 148 -21.90 11.62 -4.20
C PRO D 148 -22.60 12.27 -3.00
N LEU D 149 -22.36 11.75 -1.83
CA LEU D 149 -23.00 12.21 -0.62
C LEU D 149 -22.09 13.10 0.19
N VAL D 150 -20.85 12.67 0.30
CA VAL D 150 -19.84 13.39 1.06
C VAL D 150 -18.51 13.34 0.30
N VAL D 151 -17.77 14.43 0.38
CA VAL D 151 -16.41 14.49 -0.13
C VAL D 151 -15.49 14.85 1.02
N ARG D 152 -14.41 14.11 1.16
CA ARG D 152 -13.39 14.43 2.11
C ARG D 152 -12.11 14.71 1.38
N ALA D 153 -11.52 15.86 1.68
CA ALA D 153 -10.31 16.31 1.02
C ALA D 153 -9.29 16.84 2.02
N SER D 154 -8.02 16.69 1.66
CA SER D 154 -6.93 17.31 2.38
C SER D 154 -6.02 18.09 1.44
N HIS D 155 -5.61 19.25 1.90
CA HIS D 155 -4.66 20.09 1.22
C HIS D 155 -3.55 20.40 2.23
N ILE D 156 -2.46 19.70 2.03
CA ILE D 156 -1.38 19.65 2.98
C ILE D 156 -0.14 20.33 2.38
N ASN D 157 0.46 21.24 3.15
CA ASN D 157 1.73 21.86 2.78
C ASN D 157 2.67 21.70 3.97
N PRO D 158 3.97 21.59 3.71
CA PRO D 158 4.89 21.38 4.83
C PRO D 158 5.12 22.63 5.68
N ASN D 159 5.21 23.75 5.01
CA ASN D 159 5.44 25.03 5.65
CA ASN D 159 5.39 25.03 5.66
C ASN D 159 5.06 26.18 4.71
N VAL D 160 4.99 27.38 5.23
CA VAL D 160 4.69 28.53 4.41
C VAL D 160 5.76 29.62 4.58
N ALA D 161 5.77 30.52 3.62
CA ALA D 161 6.64 31.66 3.64
C ALA D 161 6.15 32.72 4.63
N SER D 162 7.03 33.65 4.97
CA SER D 162 6.69 34.68 5.92
C SER D 162 5.60 35.61 5.49
N ASN D 163 5.30 35.68 4.21
CA ASN D 163 4.23 36.54 3.75
C ASN D 163 2.86 35.90 3.72
N TYR D 164 2.78 34.66 4.20
CA TYR D 164 1.53 33.92 4.13
C TYR D 164 0.61 34.33 5.28
N SER D 165 -0.54 34.84 4.91
CA SER D 165 -1.49 35.36 5.86
C SER D 165 -2.66 34.42 6.11
N ASN D 166 -3.42 34.69 7.15
CA ASN D 166 -4.57 33.89 7.46
C ASN D 166 -5.53 33.86 6.32
N GLU D 167 -5.69 35.00 5.69
CA GLU D 167 -6.58 35.14 4.57
C GLU D 167 -6.17 34.27 3.37
N MET D 168 -4.88 34.06 3.24
CA MET D 168 -4.31 33.25 2.18
C MET D 168 -4.60 31.74 2.31
N ALA D 169 -4.88 31.29 3.51
CA ALA D 169 -5.35 29.96 3.70
C ALA D 169 -6.56 29.70 2.82
N ILE D 170 -7.30 30.74 2.55
CA ILE D 170 -8.42 30.65 1.64
C ILE D 170 -8.03 31.01 0.23
N THR D 171 -7.47 32.19 0.04
CA THR D 171 -7.24 32.69 -1.31
C THR D 171 -6.10 32.03 -2.07
N ASP D 172 -5.14 31.50 -1.36
CA ASP D 172 -4.00 30.86 -1.98
C ASP D 172 -4.15 29.35 -1.97
N THR D 173 -4.82 28.83 -0.97
CA THR D 173 -4.78 27.39 -0.73
C THR D 173 -6.14 26.72 -1.00
N LEU D 174 -7.13 27.04 -0.17
CA LEU D 174 -8.46 26.46 -0.32
C LEU D 174 -9.10 26.77 -1.66
N ILE D 175 -8.67 27.85 -2.26
CA ILE D 175 -9.17 28.23 -3.56
C ILE D 175 -9.15 27.09 -4.57
N HIS D 176 -8.16 26.23 -4.48
CA HIS D 176 -8.08 25.07 -5.35
C HIS D 176 -9.25 24.12 -5.16
N GLU D 177 -9.56 23.83 -3.92
CA GLU D 177 -10.69 22.98 -3.59
C GLU D 177 -12.02 23.65 -3.91
N ILE D 178 -12.07 24.94 -3.71
CA ILE D 178 -13.26 25.70 -4.07
C ILE D 178 -13.59 25.54 -5.57
N ASP D 179 -12.59 25.70 -6.43
CA ASP D 179 -12.81 25.49 -7.83
C ASP D 179 -13.02 24.02 -8.17
N GLU D 180 -12.23 23.15 -7.56
CA GLU D 180 -12.24 21.76 -7.89
C GLU D 180 -13.58 21.03 -7.66
N MET D 181 -14.18 21.27 -6.51
CA MET D 181 -15.31 20.44 -6.11
C MET D 181 -16.53 20.77 -6.93
N HIS D 182 -16.68 22.02 -7.26
CA HIS D 182 -17.78 22.31 -8.10
C HIS D 182 -17.63 21.82 -9.55
N TRP D 183 -16.42 21.79 -10.07
CA TRP D 183 -16.13 21.06 -11.30
C TRP D 183 -16.30 19.54 -11.21
N LEU D 184 -15.76 18.96 -10.15
CA LEU D 184 -15.85 17.54 -9.92
C LEU D 184 -17.29 17.01 -9.84
N LEU D 185 -18.11 17.74 -9.10
CA LEU D 185 -19.46 17.34 -8.84
C LEU D 185 -20.49 17.94 -9.80
N ASP D 186 -20.08 18.87 -10.63
CA ASP D 186 -21.03 19.59 -11.47
C ASP D 186 -22.20 20.14 -10.62
N ASP D 187 -21.85 20.93 -9.64
CA ASP D 187 -22.82 21.41 -8.68
C ASP D 187 -22.35 22.75 -8.14
N GLU D 188 -23.18 23.48 -7.47
CA GLU D 188 -22.75 24.71 -6.96
C GLU D 188 -22.95 24.80 -5.47
N TYR D 189 -22.29 25.75 -4.83
CA TYR D 189 -22.31 25.85 -3.40
C TYR D 189 -23.48 26.62 -2.85
N THR D 190 -23.95 26.21 -1.68
CA THR D 190 -24.94 26.95 -0.94
C THR D 190 -24.45 27.55 0.36
N SER D 191 -23.32 27.08 0.87
CA SER D 191 -22.74 27.66 2.04
C SER D 191 -21.30 27.20 2.26
N ILE D 192 -20.60 27.95 3.09
CA ILE D 192 -19.28 27.59 3.57
C ILE D 192 -19.13 27.97 5.03
N GLN D 193 -18.40 27.14 5.77
CA GLN D 193 -18.07 27.42 7.15
C GLN D 193 -16.65 27.05 7.41
N ILE D 194 -15.91 27.95 8.05
CA ILE D 194 -14.55 27.67 8.46
C ILE D 194 -14.46 27.54 9.97
N THR D 195 -13.84 26.46 10.43
CA THR D 195 -13.60 26.30 11.83
C THR D 195 -12.11 26.13 12.13
N TYR D 196 -11.76 26.45 13.35
CA TYR D 196 -10.38 26.47 13.82
C TYR D 196 -10.16 25.41 14.89
N PRO D 197 -9.58 24.30 14.50
CA PRO D 197 -9.13 23.35 15.50
C PRO D 197 -7.90 23.86 16.24
N ARG D 198 -7.48 23.07 17.20
CA ARG D 198 -6.29 23.27 17.99
C ARG D 198 -5.16 23.88 17.16
N GLN D 199 -4.72 25.05 17.55
CA GLN D 199 -3.65 25.76 16.86
C GLN D 199 -2.32 25.02 16.95
N SER D 200 -1.68 24.82 15.81
CA SER D 200 -0.41 24.15 15.78
C SER D 200 0.71 25.00 16.36
N ALA D 201 1.57 24.34 17.11
CA ALA D 201 2.78 24.97 17.59
C ALA D 201 3.76 25.28 16.47
N GLU D 202 3.51 24.76 15.27
CA GLU D 202 4.41 24.94 14.14
C GLU D 202 4.23 26.25 13.37
N VAL D 203 3.16 26.95 13.67
CA VAL D 203 2.87 28.22 13.04
C VAL D 203 3.92 29.26 13.41
N ARG D 204 4.39 29.97 12.41
CA ARG D 204 5.41 30.98 12.61
C ARG D 204 5.02 32.35 12.10
N ASN D 205 3.80 32.46 11.65
CA ASN D 205 3.32 33.66 11.03
C ASN D 205 2.21 34.26 11.87
N GLU D 206 2.38 35.52 12.24
CA GLU D 206 1.42 36.20 13.10
C GLU D 206 0.04 36.25 12.46
N GLY D 207 -0.98 35.92 13.21
CA GLY D 207 -2.32 35.92 12.68
C GLY D 207 -2.83 34.66 11.97
N LEU D 208 -1.91 33.79 11.61
CA LEU D 208 -2.27 32.60 10.88
C LEU D 208 -2.81 31.51 11.78
N HIS D 209 -4.01 31.06 11.47
CA HIS D 209 -4.58 29.88 12.11
C HIS D 209 -4.30 28.69 11.23
N ASP D 210 -3.80 27.62 11.85
CA ASP D 210 -3.47 26.42 11.15
C ASP D 210 -3.48 25.27 12.14
N PRO D 211 -4.17 24.20 11.81
CA PRO D 211 -4.93 23.99 10.58
C PRO D 211 -6.29 24.71 10.54
N GLN D 212 -6.96 24.61 9.40
CA GLN D 212 -8.31 25.09 9.21
C GLN D 212 -9.18 24.00 8.60
N LEU D 213 -10.42 23.96 9.04
CA LEU D 213 -11.43 23.07 8.51
C LEU D 213 -12.49 23.86 7.73
N ALA D 214 -12.75 23.41 6.52
CA ALA D 214 -13.75 24.02 5.67
C ALA D 214 -14.84 23.03 5.35
N THR D 215 -16.06 23.41 5.66
CA THR D 215 -17.22 22.66 5.26
C THR D 215 -18.02 23.41 4.23
N LEU D 216 -18.14 22.80 3.07
CA LEU D 216 -18.92 23.35 1.96
C LEU D 216 -20.15 22.47 1.68
N THR D 217 -21.27 23.12 1.42
CA THR D 217 -22.47 22.39 1.06
C THR D 217 -22.85 22.77 -0.35
N THR D 218 -23.38 21.83 -1.09
CA THR D 218 -23.83 22.06 -2.44
C THR D 218 -25.34 22.02 -2.56
N LYS D 219 -25.81 22.45 -3.72
CA LYS D 219 -27.23 22.48 -4.01
C LYS D 219 -27.89 21.12 -3.97
N LYS D 220 -27.19 20.12 -4.43
CA LYS D 220 -27.69 18.78 -4.38
C LYS D 220 -27.54 18.15 -2.99
N GLY D 221 -26.89 18.86 -2.08
CA GLY D 221 -26.76 18.42 -0.71
C GLY D 221 -25.50 17.66 -0.35
N THR D 222 -24.59 17.55 -1.29
CA THR D 222 -23.30 16.96 -1.00
C THR D 222 -22.56 17.84 0.01
N VAL D 223 -21.97 17.22 1.02
CA VAL D 223 -21.16 17.95 1.98
C VAL D 223 -19.67 17.67 1.75
N ILE D 224 -18.91 18.73 1.63
CA ILE D 224 -17.48 18.66 1.46
C ILE D 224 -16.75 19.14 2.72
N GLN D 225 -15.91 18.26 3.25
CA GLN D 225 -15.06 18.55 4.38
C GLN D 225 -13.59 18.59 3.95
N VAL D 226 -13.04 19.79 3.91
CA VAL D 226 -11.66 20.01 3.58
C VAL D 226 -10.81 20.33 4.79
N LEU D 227 -9.72 19.61 4.90
CA LEU D 227 -8.67 19.92 5.82
C LEU D 227 -7.55 20.71 5.11
N VAL D 228 -7.31 21.90 5.61
CA VAL D 228 -6.24 22.76 5.17
C VAL D 228 -5.18 22.78 6.25
N HIS D 229 -4.00 22.29 5.91
CA HIS D 229 -2.94 22.19 6.91
C HIS D 229 -1.64 22.56 6.25
N VAL D 230 -1.24 23.80 6.46
CA VAL D 230 -0.12 24.36 5.73
C VAL D 230 1.22 24.42 6.50
N THR D 231 1.24 23.96 7.74
CA THR D 231 2.47 23.82 8.48
C THR D 231 2.67 22.38 8.92
N ALA D 232 2.24 21.46 8.08
CA ALA D 232 2.22 20.05 8.41
C ALA D 232 3.56 19.36 8.59
N GLN D 233 4.62 20.00 8.11
CA GLN D 233 6.03 19.56 8.21
C GLN D 233 6.43 18.40 7.32
N TYR D 234 5.60 17.38 7.24
CA TYR D 234 6.02 16.11 6.68
C TYR D 234 6.13 16.11 5.17
N GLY D 235 5.35 16.95 4.51
CA GLY D 235 5.29 16.89 3.08
C GLY D 235 4.16 17.72 2.50
N TYR D 236 4.06 17.62 1.19
CA TYR D 236 3.04 18.27 0.39
C TYR D 236 2.13 17.20 -0.14
N GLU D 237 0.84 17.32 0.11
CA GLU D 237 -0.09 16.27 -0.26
C GLU D 237 -1.51 16.77 -0.53
N VAL D 238 -2.09 16.21 -1.56
CA VAL D 238 -3.50 16.44 -1.91
C VAL D 238 -4.23 15.10 -1.86
N LYS D 239 -5.25 15.03 -1.03
CA LYS D 239 -6.03 13.82 -0.83
C LYS D 239 -7.49 14.11 -1.20
N LEU D 240 -8.15 13.11 -1.75
CA LEU D 240 -9.51 13.20 -2.23
C LEU D 240 -10.21 11.86 -2.12
N GLU D 241 -11.34 11.88 -1.44
CA GLU D 241 -12.18 10.72 -1.24
C GLU D 241 -13.64 11.14 -1.49
N VAL D 242 -14.31 10.40 -2.35
CA VAL D 242 -15.71 10.66 -2.62
C VAL D 242 -16.52 9.48 -2.09
N ILE D 243 -17.44 9.79 -1.19
CA ILE D 243 -18.33 8.84 -0.56
C ILE D 243 -19.65 8.79 -1.31
N GLY D 244 -19.91 7.69 -1.97
CA GLY D 244 -21.16 7.51 -2.68
C GLY D 244 -22.13 6.57 -1.98
N GLU D 245 -23.30 6.47 -2.56
CA GLU D 245 -24.34 5.62 -2.05
C GLU D 245 -23.94 4.15 -1.99
N THR D 246 -23.20 3.68 -2.97
CA THR D 246 -22.89 2.27 -3.06
C THR D 246 -21.44 1.93 -3.07
N GLY D 247 -20.59 2.93 -2.93
CA GLY D 247 -19.17 2.70 -2.83
C GLY D 247 -18.39 3.97 -2.60
N GLU D 248 -17.07 3.87 -2.67
CA GLU D 248 -16.18 5.02 -2.49
C GLU D 248 -15.13 5.05 -3.57
N LEU D 249 -14.68 6.25 -3.87
CA LEU D 249 -13.55 6.49 -4.75
C LEU D 249 -12.51 7.39 -4.05
N GLN D 250 -11.25 7.01 -4.21
CA GLN D 250 -10.14 7.68 -3.58
C GLN D 250 -8.96 7.83 -4.54
N LEU D 251 -8.36 8.98 -4.49
CA LEU D 251 -7.15 9.23 -5.22
C LEU D 251 -6.07 8.42 -4.56
N PRO D 252 -5.26 7.75 -5.34
CA PRO D 252 -4.14 7.05 -4.76
C PRO D 252 -2.99 7.95 -4.32
N ASN D 253 -2.09 7.40 -3.50
CA ASN D 253 -0.83 8.05 -3.15
C ASN D 253 0.02 8.38 -4.40
N TYR D 254 0.54 9.58 -4.41
CA TYR D 254 1.32 10.04 -5.52
C TYR D 254 2.79 9.76 -5.20
N GLY D 255 3.48 9.15 -6.14
CA GLY D 255 4.86 8.81 -5.89
C GLY D 255 5.47 8.01 -7.00
N LEU D 256 6.66 8.41 -7.38
CA LEU D 256 7.47 7.70 -8.34
C LEU D 256 8.60 6.96 -7.66
N GLY D 257 9.00 7.44 -6.49
CA GLY D 257 10.22 6.97 -5.88
C GLY D 257 10.07 5.56 -5.40
N PRO D 258 11.20 4.94 -5.09
CA PRO D 258 11.12 3.54 -4.69
C PRO D 258 10.62 3.32 -3.28
N ILE D 259 10.14 2.11 -3.06
CA ILE D 259 9.89 1.62 -1.74
C ILE D 259 11.19 1.11 -1.14
N LEU D 260 11.56 1.68 -0.02
CA LEU D 260 12.76 1.33 0.72
C LEU D 260 12.44 0.52 1.95
N ARG D 261 13.06 -0.64 2.06
CA ARG D 261 13.05 -1.43 3.26
C ARG D 261 14.39 -1.28 3.94
N SER D 262 14.38 -0.72 5.12
CA SER D 262 15.60 -0.35 5.81
C SER D 262 15.27 -0.02 7.25
N ASN D 263 16.08 -0.45 8.19
CA ASN D 263 15.98 0.07 9.54
C ASN D 263 14.59 -0.10 10.18
N ALA D 264 14.03 -1.29 10.03
CA ALA D 264 12.77 -1.67 10.64
C ALA D 264 11.57 -0.94 10.11
N ASN D 265 11.70 -0.41 8.91
CA ASN D 265 10.58 0.27 8.25
CA ASN D 265 10.53 0.14 8.25
C ASN D 265 10.56 0.02 6.75
N GLN D 266 9.40 0.20 6.18
CA GLN D 266 9.19 0.19 4.78
C GLN D 266 8.64 1.57 4.46
N GLN D 267 9.32 2.28 3.59
CA GLN D 267 8.97 3.65 3.34
C GLN D 267 9.05 4.12 1.88
N THR D 268 8.25 5.14 1.58
CA THR D 268 8.28 5.83 0.31
C THR D 268 8.32 7.33 0.54
N ALA D 269 9.06 8.02 -0.31
CA ALA D 269 9.10 9.45 -0.27
C ALA D 269 7.80 10.16 -0.58
N VAL D 270 7.62 11.26 0.09
CA VAL D 270 6.52 12.16 -0.15
C VAL D 270 7.07 13.42 -0.81
N GLU D 271 6.35 13.94 -1.79
CA GLU D 271 6.72 15.20 -2.39
C GLU D 271 6.75 16.32 -1.36
N MET D 272 7.64 17.28 -1.54
CA MET D 272 7.68 18.41 -0.66
C MET D 272 7.14 19.71 -1.26
N SER D 273 6.77 19.66 -2.52
CA SER D 273 6.22 20.84 -3.14
C SER D 273 5.24 20.55 -4.27
N TRP D 274 4.39 21.53 -4.52
CA TRP D 274 3.51 21.54 -5.67
C TRP D 274 4.25 21.39 -6.98
N ILE D 275 5.47 21.87 -7.02
CA ILE D 275 6.17 22.01 -8.28
C ILE D 275 6.36 20.71 -9.00
N ASN D 276 6.60 19.68 -8.25
CA ASN D 276 6.70 18.39 -8.81
C ASN D 276 5.39 17.59 -8.76
N ARG D 277 4.61 17.79 -7.73
CA ARG D 277 3.38 17.02 -7.63
C ARG D 277 2.45 17.27 -8.82
N PHE D 278 2.37 18.52 -9.24
CA PHE D 278 1.42 18.93 -10.26
C PHE D 278 2.05 19.34 -11.59
N ILE D 279 3.24 18.88 -11.83
CA ILE D 279 3.96 19.19 -13.05
C ILE D 279 3.20 18.82 -14.31
N GLN D 280 2.57 17.68 -14.30
CA GLN D 280 1.77 17.29 -15.45
C GLN D 280 0.60 18.23 -15.69
N ALA D 281 -0.11 18.55 -14.63
CA ALA D 281 -1.23 19.44 -14.74
C ALA D 281 -0.83 20.83 -15.23
N TYR D 282 0.27 21.35 -14.73
CA TYR D 282 0.75 22.66 -15.17
C TYR D 282 1.17 22.62 -16.64
N ASN D 283 1.86 21.57 -17.03
CA ASN D 283 2.26 21.40 -18.41
C ASN D 283 1.05 21.33 -19.36
N THR D 284 0.06 20.57 -18.97
CA THR D 284 -1.11 20.42 -19.80
C THR D 284 -1.89 21.71 -19.92
N GLU D 285 -2.16 22.36 -18.81
CA GLU D 285 -2.93 23.60 -18.84
C GLU D 285 -2.24 24.72 -19.62
N VAL D 286 -0.94 24.81 -19.49
CA VAL D 286 -0.21 25.86 -20.13
C VAL D 286 -0.06 25.59 -21.64
N GLN D 287 0.13 24.34 -21.98
CA GLN D 287 0.17 23.98 -23.38
C GLN D 287 -1.16 24.28 -24.06
N GLU D 288 -2.25 24.05 -23.36
CA GLU D 288 -3.53 24.31 -23.93
C GLU D 288 -3.74 25.83 -24.16
N PHE D 289 -3.29 26.62 -23.21
CA PHE D 289 -3.34 28.07 -23.35
C PHE D 289 -2.55 28.54 -24.57
N ILE D 290 -1.31 28.09 -24.67
CA ILE D 290 -0.44 28.46 -25.76
C ILE D 290 -1.03 28.03 -27.12
N ASP D 291 -1.59 26.83 -27.18
CA ASP D 291 -2.22 26.34 -28.38
C ASP D 291 -3.38 27.19 -28.82
N GLU D 292 -4.16 27.69 -27.88
CA GLU D 292 -5.25 28.60 -28.20
C GLU D 292 -4.75 29.96 -28.65
N VAL D 293 -3.76 30.51 -27.97
CA VAL D 293 -3.18 31.77 -28.37
C VAL D 293 -2.60 31.69 -29.78
N ALA D 294 -1.98 30.58 -30.08
CA ALA D 294 -1.39 30.39 -31.39
C ALA D 294 -2.43 30.50 -32.51
N LYS D 295 -3.65 30.08 -32.23
CA LYS D 295 -4.75 30.20 -33.19
C LYS D 295 -5.53 31.49 -33.08
N SER D 296 -5.09 32.39 -32.22
CA SER D 296 -5.82 33.58 -31.88
C SER D 296 -7.24 33.31 -31.46
N GLU D 297 -7.43 32.22 -30.73
CA GLU D 297 -8.72 31.84 -30.25
C GLU D 297 -8.77 31.97 -28.73
N PRO D 298 -9.96 32.22 -28.19
CA PRO D 298 -10.07 32.33 -26.75
C PRO D 298 -9.67 31.04 -26.07
N PRO D 299 -9.08 31.17 -24.87
CA PRO D 299 -8.78 29.99 -24.08
C PRO D 299 -10.04 29.16 -23.79
N VAL D 300 -9.83 27.88 -23.58
CA VAL D 300 -10.92 26.99 -23.28
C VAL D 300 -10.85 26.48 -21.85
N GLY D 301 -9.79 26.83 -21.16
CA GLY D 301 -9.61 26.49 -19.77
C GLY D 301 -10.37 27.37 -18.83
N PRO D 302 -10.22 27.18 -17.54
CA PRO D 302 -10.94 27.98 -16.58
C PRO D 302 -10.82 29.48 -16.87
N SER D 303 -11.93 30.16 -16.75
CA SER D 303 -12.05 31.54 -17.10
C SER D 303 -12.06 32.47 -15.89
N ALA D 304 -12.10 33.75 -16.18
CA ALA D 304 -12.24 34.73 -15.16
C ALA D 304 -13.57 34.55 -14.45
N TRP D 305 -14.56 34.01 -15.15
CA TRP D 305 -15.79 33.70 -14.48
C TRP D 305 -15.64 32.61 -13.42
N ASP D 306 -14.91 31.57 -13.75
CA ASP D 306 -14.57 30.55 -12.79
C ASP D 306 -13.82 31.15 -11.62
N GLY D 307 -12.97 32.11 -11.93
CA GLY D 307 -12.24 32.83 -10.93
C GLY D 307 -13.12 33.63 -9.99
N TYR D 308 -14.10 34.29 -10.56
CA TYR D 308 -15.08 35.08 -9.82
C TYR D 308 -15.99 34.22 -8.96
N ILE D 309 -16.49 33.14 -9.51
CA ILE D 309 -17.30 32.20 -8.81
C ILE D 309 -16.56 31.64 -7.58
N ALA D 310 -15.32 31.28 -7.78
CA ALA D 310 -14.46 30.91 -6.68
C ALA D 310 -14.23 32.03 -5.68
N ALA D 311 -14.08 33.26 -6.16
CA ALA D 311 -13.87 34.39 -5.28
C ALA D 311 -15.06 34.70 -4.39
N ILE D 312 -16.25 34.45 -4.90
CA ILE D 312 -17.43 34.61 -4.09
C ILE D 312 -17.39 33.67 -2.89
N THR D 313 -17.12 32.42 -3.13
CA THR D 313 -17.01 31.43 -2.09
C THR D 313 -15.80 31.68 -1.16
N ALA D 314 -14.70 32.11 -1.74
CA ALA D 314 -13.54 32.50 -0.97
C ALA D 314 -13.79 33.68 -0.04
N ALA D 315 -14.48 34.69 -0.54
CA ALA D 315 -14.87 35.81 0.28
C ALA D 315 -15.80 35.41 1.42
N ALA D 316 -16.72 34.50 1.14
CA ALA D 316 -17.59 33.93 2.16
C ALA D 316 -16.79 33.25 3.26
N ALA D 317 -15.78 32.51 2.84
CA ALA D 317 -14.88 31.84 3.76
C ALA D 317 -14.07 32.82 4.59
N ASN D 318 -13.56 33.86 3.96
CA ASN D 318 -12.84 34.87 4.70
C ASN D 318 -13.78 35.55 5.75
N ARG D 319 -15.04 35.71 5.41
CA ARG D 319 -15.99 36.21 6.36
C ARG D 319 -16.18 35.21 7.49
N SER D 320 -16.26 33.94 7.16
CA SER D 320 -16.45 32.89 8.14
C SER D 320 -15.24 32.78 9.10
N GLN D 321 -14.07 33.08 8.58
CA GLN D 321 -12.89 33.09 9.40
C GLN D 321 -12.97 34.02 10.61
N LYS D 322 -13.79 35.03 10.55
CA LYS D 322 -13.88 35.97 11.63
C LYS D 322 -14.61 35.49 12.87
N ASP D 323 -15.63 34.68 12.68
CA ASP D 323 -16.46 34.18 13.79
C ASP D 323 -16.79 32.70 13.73
N GLN D 324 -16.25 32.01 12.75
CA GLN D 324 -16.48 30.59 12.57
C GLN D 324 -17.91 30.21 12.29
N GLU D 325 -18.65 31.16 11.78
CA GLU D 325 -20.04 30.93 11.40
C GLU D 325 -20.25 30.64 9.94
N THR D 326 -21.28 29.87 9.66
CA THR D 326 -21.66 29.52 8.33
C THR D 326 -22.07 30.76 7.56
N VAL D 327 -21.62 30.84 6.32
CA VAL D 327 -21.93 31.93 5.43
C VAL D 327 -22.57 31.37 4.17
N LEU D 328 -23.71 31.93 3.81
CA LEU D 328 -24.45 31.50 2.65
C LEU D 328 -23.85 32.00 1.35
N ILE D 329 -24.06 31.22 0.31
CA ILE D 329 -23.55 31.47 -0.99
C ILE D 329 -24.65 31.23 -2.00
N ASN D 330 -24.81 32.15 -2.94
CA ASN D 330 -25.68 31.96 -4.07
C ASN D 330 -25.14 32.73 -5.26
N VAL D 331 -24.42 32.04 -6.11
CA VAL D 331 -23.81 32.67 -7.26
C VAL D 331 -24.73 32.87 -8.47
N ALA D 332 -24.47 33.97 -9.17
CA ALA D 332 -25.14 34.27 -10.41
C ALA D 332 -24.92 33.24 -11.49
N GLY D 333 -25.83 33.20 -12.42
CA GLY D 333 -25.67 32.37 -13.57
C GLY D 333 -24.58 32.85 -14.49
N THR D 334 -24.02 31.92 -15.22
CA THR D 334 -22.93 32.21 -16.11
C THR D 334 -23.39 33.11 -17.25
N PRO D 335 -22.76 34.26 -17.44
CA PRO D 335 -23.08 35.09 -18.59
C PRO D 335 -22.74 34.41 -19.90
N THR D 336 -23.43 34.80 -20.95
CA THR D 336 -23.25 34.21 -22.24
C THR D 336 -21.82 34.27 -22.76
N PHE D 337 -21.15 35.36 -22.47
CA PHE D 337 -19.77 35.55 -22.87
C PHE D 337 -18.90 34.43 -22.38
N TYR D 338 -19.26 33.85 -21.24
CA TYR D 338 -18.43 32.87 -20.55
C TYR D 338 -18.93 31.45 -20.65
N GLN D 339 -19.94 31.25 -21.48
CA GLN D 339 -20.47 29.92 -21.63
C GLN D 339 -19.67 29.13 -22.65
PA NAD E . 6.28 -2.16 -38.22
O1A NAD E . 6.38 -3.40 -38.97
O2A NAD E . 5.06 -1.55 -37.96
O5B NAD E . 6.95 -0.97 -39.01
C5B NAD E . 8.18 -1.03 -39.63
C4B NAD E . 8.15 -0.19 -40.91
O4B NAD E . 9.41 -0.33 -41.49
C3B NAD E . 7.23 -0.72 -42.00
O3B NAD E . 6.48 0.30 -42.51
C2B NAD E . 8.15 -1.32 -43.04
O2B NAD E . 7.63 -1.25 -44.35
C1B NAD E . 9.35 -0.45 -42.93
N9A NAD E . 10.58 -1.03 -43.39
C8A NAD E . 11.00 -2.25 -43.26
N7A NAD E . 12.24 -2.42 -43.72
C5A NAD E . 12.63 -1.24 -44.17
C6A NAD E . 13.79 -0.66 -44.80
N6A NAD E . 14.88 -1.35 -45.08
N1A NAD E . 13.77 0.62 -45.05
C2A NAD E . 12.76 1.37 -44.82
N3A NAD E . 11.65 0.92 -44.27
C4A NAD E . 11.54 -0.35 -43.93
O3 NAD E . 7.18 -2.42 -36.96
PN NAD E . 7.35 -1.44 -35.65
O1N NAD E . 6.53 -1.98 -34.57
O2N NAD E . 6.96 -0.12 -35.98
O5D NAD E . 8.78 -1.67 -35.18
C5D NAD E . 9.82 -0.98 -35.82
C4D NAD E . 11.07 -1.00 -34.99
O4D NAD E . 10.77 -0.35 -33.77
C3D NAD E . 11.50 -2.39 -34.70
O3D NAD E . 12.89 -2.41 -34.66
C2D NAD E . 10.90 -2.58 -33.30
O2D NAD E . 11.68 -3.52 -32.65
C1D NAD E . 11.09 -1.21 -32.70
N1N NAD E . 10.19 -0.98 -31.57
C2N NAD E . 10.71 -0.65 -30.38
C3N NAD E . 9.94 -0.45 -29.26
C7N NAD E . 10.57 -0.05 -27.94
O7N NAD E . 11.62 0.49 -27.89
N7N NAD E . 9.87 -0.30 -26.90
C4N NAD E . 8.57 -0.57 -29.39
C5N NAD E . 8.08 -0.91 -30.63
C6N NAD E . 8.91 -1.12 -31.69
C1 GOL F . 2.62 1.28 -31.21
O1 GOL F . 1.62 1.46 -32.15
C2 GOL F . 3.84 2.11 -31.45
O2 GOL F . 4.94 1.30 -31.47
C3 GOL F . 3.97 2.94 -30.22
O3 GOL F . 2.95 3.89 -30.20
C1 GOL G . 8.91 -10.64 -7.94
O1 GOL G . 8.14 -11.40 -8.78
C2 GOL G . 9.13 -9.30 -8.63
O2 GOL G . 9.74 -9.58 -9.83
C3 GOL G . 10.05 -8.38 -7.86
O3 GOL G . 9.63 -8.28 -6.53
C1 GOL H . 25.42 26.94 -25.82
O1 GOL H . 25.60 26.49 -24.50
C2 GOL H . 25.59 25.77 -26.73
O2 GOL H . 26.95 25.49 -26.73
C3 GOL H . 25.03 25.98 -28.12
O3 GOL H . 23.65 25.82 -28.11
S SO4 I . 8.62 23.94 -30.94
O1 SO4 I . 9.82 23.39 -31.40
O2 SO4 I . 8.55 23.89 -29.52
O3 SO4 I . 8.46 25.27 -31.32
O4 SO4 I . 7.57 23.28 -31.58
S SO4 J . -3.00 -27.69 -11.62
O1 SO4 J . -1.74 -27.29 -11.14
O2 SO4 J . -2.88 -28.09 -12.98
O3 SO4 J . -3.91 -26.60 -11.50
O4 SO4 J . -3.48 -28.76 -10.81
PA NAD K . -29.89 -10.52 21.17
O1A NAD K . -31.15 -9.90 20.95
O2A NAD K . -29.42 -11.56 20.26
O5B NAD K . -29.76 -11.18 22.58
C5B NAD K . -30.16 -10.52 23.74
C4B NAD K . -30.71 -11.58 24.70
O4B NAD K . -31.08 -10.93 25.90
C3B NAD K . -31.98 -12.28 24.19
O3B NAD K . -31.84 -13.68 24.21
C2B NAD K . -33.03 -11.79 25.16
O2B NAD K . -34.08 -12.72 25.39
C1B NAD K . -32.22 -11.60 26.42
N9A NAD K . -32.77 -10.69 27.41
C8A NAD K . -33.46 -9.60 27.19
N7A NAD K . -33.73 -8.99 28.32
C5A NAD K . -33.25 -9.72 29.31
C6A NAD K . -33.21 -9.62 30.75
N6A NAD K . -33.81 -8.59 31.37
N1A NAD K . -32.56 -10.57 31.37
C2A NAD K . -31.99 -11.59 30.72
N3A NAD K . -31.99 -11.73 29.41
C4A NAD K . -32.61 -10.82 28.69
O3 NAD K . -28.90 -9.23 21.24
PN NAD K . -27.30 -9.24 21.22
O1N NAD K . -26.93 -8.89 19.83
O2N NAD K . -26.78 -10.48 21.86
O5D NAD K . -27.01 -7.98 22.06
C5D NAD K . -26.98 -8.06 23.45
C4D NAD K . -26.21 -6.90 24.05
O4D NAD K . -24.87 -6.98 23.59
C3D NAD K . -26.70 -5.55 23.67
O3D NAD K . -26.45 -4.66 24.73
C2D NAD K . -25.75 -5.16 22.57
O2D NAD K . -25.72 -3.75 22.45
C1D NAD K . -24.46 -5.74 23.05
N1N NAD K . -23.52 -5.95 21.94
C2N NAD K . -22.34 -5.35 21.93
C3N NAD K . -21.48 -5.47 20.86
C7N NAD K . -20.15 -4.80 20.88
O7N NAD K . -19.62 -4.58 19.84
N7N NAD K . -19.60 -4.49 22.01
C4N NAD K . -21.82 -6.28 19.81
C5N NAD K . -23.04 -6.94 19.86
C6N NAD K . -23.87 -6.72 20.93
C1 GOL L . -20.56 -13.12 16.91
O1 GOL L . -19.90 -14.37 17.02
C2 GOL L . -21.98 -12.97 17.37
O2 GOL L . -22.95 -13.25 16.40
C3 GOL L . -22.05 -11.55 17.85
O3 GOL L . -23.31 -11.16 18.28
C1 GOL M . -4.65 -3.26 -4.36
O1 GOL M . -3.89 -4.08 -3.52
C2 GOL M . -6.08 -2.98 -3.93
O2 GOL M . -6.29 -3.01 -2.54
C3 GOL M . -6.36 -1.60 -4.45
O3 GOL M . -6.26 -0.60 -3.48
S SO4 N . -8.55 -23.60 30.66
O1 SO4 N . -7.87 -22.59 29.90
O2 SO4 N . -7.87 -24.84 30.52
O3 SO4 N . -8.71 -23.16 32.01
O4 SO4 N . -9.86 -23.90 30.22
S SO4 O . -26.28 13.14 -8.61
O1 SO4 O . -25.73 11.94 -9.08
O2 SO4 O . -25.37 13.86 -7.80
O3 SO4 O . -26.71 13.93 -9.71
O4 SO4 O . -27.47 12.80 -7.90
PA NAD P . 17.37 -24.20 22.85
O1A NAD P . 18.78 -24.53 22.64
O2A NAD P . 17.00 -22.90 23.39
O5B NAD P . 16.65 -25.26 23.75
C5B NAD P . 16.83 -26.62 23.57
C4B NAD P . 16.76 -27.30 24.94
O4B NAD P . 16.86 -28.69 24.77
C3B NAD P . 17.90 -26.92 25.85
O3B NAD P . 17.43 -26.49 27.13
C2B NAD P . 18.73 -28.18 25.92
O2B NAD P . 19.34 -28.35 27.17
C1B NAD P . 17.68 -29.21 25.79
N9A NAD P . 18.13 -30.50 25.28
C8A NAD P . 19.08 -30.75 24.39
N7A NAD P . 19.14 -32.07 24.19
C5A NAD P . 18.22 -32.66 24.92
C6A NAD P . 17.79 -34.01 25.13
N6A NAD P . 18.43 -35.01 24.48
N1A NAD P . 16.81 -34.19 25.98
C2A NAD P . 16.24 -33.20 26.64
N3A NAD P . 16.59 -31.94 26.48
C4A NAD P . 17.56 -31.62 25.65
O3 NAD P . 16.74 -24.33 21.39
PN NAD P . 15.29 -23.95 20.87
O1N NAD P . 15.42 -22.69 20.16
O2N NAD P . 14.37 -24.00 21.96
O5D NAD P . 14.96 -25.07 19.78
C5D NAD P . 14.40 -26.26 20.22
C4D NAD P . 13.73 -27.00 19.08
O4D NAD P . 12.69 -26.15 18.70
C3D NAD P . 14.64 -27.20 17.90
O3D NAD P . 14.31 -28.40 17.26
C2D NAD P . 14.22 -26.07 17.04
O2D NAD P . 14.56 -26.28 15.70
C1D NAD P . 12.74 -25.97 17.31
N1N NAD P . 12.23 -24.65 16.95
C2N NAD P . 11.27 -24.52 16.06
C3N NAD P . 10.81 -23.29 15.64
C7N NAD P . 9.71 -23.16 14.59
O7N NAD P . 9.58 -22.15 13.99
N7N NAD P . 8.92 -24.17 14.40
C4N NAD P . 11.35 -22.15 16.22
C5N NAD P . 12.32 -22.33 17.18
C6N NAD P . 12.75 -23.57 17.51
C1 GOL Q . 8.23 -17.51 26.82
O1 GOL Q . 8.44 -17.38 25.45
C2 GOL Q . 8.10 -16.14 27.42
O2 GOL Q . 7.85 -16.18 28.82
C3 GOL Q . 7.14 -15.29 26.59
O3 GOL Q . 7.78 -14.74 25.49
C1 GOL R . 5.56 2.59 2.07
O1 GOL R . 5.51 1.45 1.27
C2 GOL R . 4.65 2.50 3.28
O2 GOL R . 4.54 1.17 3.72
C3 GOL R . 3.31 3.01 2.86
O3 GOL R . 2.50 3.13 3.98
C1 GOL S . 9.94 -11.61 -4.47
O1 GOL S . 11.24 -11.27 -4.00
C2 GOL S . 9.10 -12.06 -3.29
O2 GOL S . 9.75 -13.18 -2.81
C3 GOL S . 7.66 -12.42 -3.56
O3 GOL S . 7.08 -11.36 -4.27
C1 GOL T . -5.57 -17.84 21.74
O1 GOL T . -6.06 -18.83 20.90
C2 GOL T . -6.25 -16.61 21.22
O2 GOL T . -5.48 -15.70 20.47
C3 GOL T . -6.94 -16.01 22.41
O3 GOL T . -6.06 -15.58 23.37
S SO4 U . 29.31 -2.59 -5.29
O1 SO4 U . 29.87 -1.69 -6.24
O2 SO4 U . 30.35 -3.35 -4.65
O3 SO4 U . 28.65 -1.82 -4.30
O4 SO4 U . 28.38 -3.41 -5.96
S SO4 V . 20.89 -30.17 16.13
O1 SO4 V . 22.04 -30.59 15.39
O2 SO4 V . 20.73 -31.11 17.19
O3 SO4 V . 20.97 -28.84 16.66
O4 SO4 V . 19.77 -30.17 15.23
PA NAD W . 7.01 33.69 -4.85
O1A NAD W . 6.92 34.47 -3.64
O2A NAD W . 8.04 32.69 -4.98
O5B NAD W . 7.11 34.67 -6.08
C5B NAD W . 6.25 35.72 -6.32
C4B NAD W . 7.06 36.74 -7.11
O4B NAD W . 6.21 37.81 -7.43
C3B NAD W . 8.19 37.36 -6.35
O3B NAD W . 9.36 37.29 -7.11
C2B NAD W . 7.80 38.80 -6.15
O2B NAD W . 8.88 39.69 -6.07
C1B NAD W . 6.95 39.04 -7.36
N9A NAD W . 5.99 40.14 -7.27
C8A NAD W . 5.23 40.50 -6.24
N7A NAD W . 4.43 41.49 -6.58
C5A NAD W . 4.66 41.78 -7.83
C6A NAD W . 4.15 42.72 -8.80
N6A NAD W . 3.26 43.60 -8.45
N1A NAD W . 4.67 42.65 -9.98
C2A NAD W . 5.58 41.80 -10.28
N3A NAD W . 6.09 40.91 -9.50
C4A NAD W . 5.67 40.88 -8.27
O3 NAD W . 5.58 33.03 -5.02
PN NAD W . 5.04 31.92 -6.02
O1N NAD W . 5.02 30.67 -5.27
O2N NAD W . 5.80 31.97 -7.28
O5D NAD W . 3.54 32.36 -6.26
C5D NAD W . 3.23 33.23 -7.30
C4D NAD W . 1.78 33.08 -7.71
O4D NAD W . 1.64 31.77 -8.23
C3D NAD W . 0.76 33.21 -6.61
O3D NAD W . -0.42 33.73 -7.19
C2D NAD W . 0.56 31.78 -6.22
O2D NAD W . -0.70 31.65 -5.61
C1D NAD W . 0.61 31.07 -7.55
N1N NAD W . 0.94 29.66 -7.46
C2N NAD W . 0.14 28.73 -7.95
C3N NAD W . 0.45 27.39 -7.89
C7N NAD W . -0.53 26.41 -8.40
O7N NAD W . -0.46 25.33 -7.96
N7N NAD W . -1.38 26.80 -9.30
C4N NAD W . 1.63 26.98 -7.29
C5N NAD W . 2.48 27.96 -6.80
C6N NAD W . 2.10 29.30 -6.90
C1 INS X . 0.36 27.75 -3.62
C2 INS X . -0.33 26.89 -4.63
C3 INS X . -0.30 25.45 -4.19
C4 INS X . -0.97 25.30 -2.87
C5 INS X . -0.31 26.13 -1.83
C6 INS X . -0.37 27.62 -2.27
O1 INS X . 0.31 29.09 -4.06
O2 INS X . -1.64 27.35 -4.88
O3 INS X . -0.93 24.65 -5.23
O4 INS X . -0.82 23.95 -2.50
O5 INS X . -1.04 26.03 -0.64
O6 INS X . 0.27 28.47 -1.28
C1 GOL Y . -9.50 12.07 2.17
O1 GOL Y . -9.20 10.71 2.31
C2 GOL Y . -8.68 12.83 3.19
O2 GOL Y . -8.99 14.18 3.08
C3 GOL Y . -8.97 12.41 4.63
O3 GOL Y . -8.38 13.33 5.49
C1 GOL Z . -9.84 21.15 -18.84
O1 GOL Z . -10.76 21.24 -17.75
C2 GOL Z . -10.45 20.47 -20.06
O2 GOL Z . -9.70 19.36 -20.32
C3 GOL Z . -10.34 21.38 -21.28
O3 GOL Z . -9.95 22.61 -20.84
C1 GOL AA . 1.47 38.23 8.77
O1 GOL AA . 1.99 37.29 9.64
C2 GOL AA . 1.36 37.55 7.43
O2 GOL AA . 2.41 36.63 7.38
C3 GOL AA . 1.63 38.44 6.24
O3 GOL AA . 0.67 39.37 5.90
S SO4 BA . -13.71 18.92 -18.53
O1 SO4 BA . -13.74 17.59 -18.96
O2 SO4 BA . -12.72 19.06 -17.53
O3 SO4 BA . -14.99 19.27 -18.07
O4 SO4 BA . -13.32 19.72 -19.61
#